data_4O51
#
_entry.id   4O51
#
_cell.length_a   128.510
_cell.length_b   93.870
_cell.length_c   74.730
_cell.angle_alpha   90.00
_cell.angle_beta   90.04
_cell.angle_gamma   90.00
#
_symmetry.space_group_name_H-M   'P 1 21 1'
#
loop_
_entity.id
_entity.type
_entity.pdbx_description
1 polymer 'QAA-2095-2 light chain'
2 polymer 'QAA-2095-2 heavy chain'
3 polymer 'IDES hinge peptide'
4 water water
#
loop_
_entity_poly.entity_id
_entity_poly.type
_entity_poly.pdbx_seq_one_letter_code
_entity_poly.pdbx_strand_id
1 'polypeptide(L)'
;(PCA)VLTQTPSSVSAAVGGTVTINCQASQSVYNKNYLAWYQQKPGQPPKRLIYSASTLASGVSSRFKGSGSGTQFTLTI
SDVQADDVATYYCLGSYDQAAHAFGGGTKVVVERTVAAPSVFIFPPSDEQLKSGTASVVCLLNNFYPREAKVQWKVDNAL
QSGNSQESVTEQDSKDSTYSLSSTLTLSKADYEKHKVYACEVTHQGLSSPVTKSFNRGEC
;
L,A,C,E
2 'polypeptide(L)'
;(PCA)SVEESGGRLVTPGTPLTLTCTVSGFSLSSYPMNWVRQAPGKGLEWIGGIGTSGNIWYASWAKGRFIISRASSTTV
DLKVTSPTTEDTATYFCARGLYNDYTVWGPGTLVTVSSASTKGPSVFPLAPSSKSTSGGTAALGCLVKDYFPEPVTVSWN
SGALTSGVHTFPAVLQSSGLYSLSSVVTVPSSSLGTQTYICNVNHKPSNTKVDKKVEPKSCHHHHHH
;
H,B,D,F
3 'polypeptide(L)' THTSPPSPAPELLG M,N,O,P
#
# COMPACT_ATOMS: atom_id res chain seq x y z
N VAL A 2 2.52 -17.32 -19.36
CA VAL A 2 1.98 -16.69 -20.55
C VAL A 2 0.81 -17.50 -21.05
N LEU A 3 -0.37 -16.90 -20.93
CA LEU A 3 -1.59 -17.53 -21.41
C LEU A 3 -2.07 -16.76 -22.66
N THR A 4 -2.49 -17.49 -23.68
CA THR A 4 -2.89 -16.88 -24.94
C THR A 4 -4.32 -17.25 -25.28
N GLN A 5 -5.18 -16.26 -25.44
CA GLN A 5 -6.54 -16.50 -25.89
C GLN A 5 -6.70 -16.28 -27.40
N THR A 6 -7.20 -17.29 -28.11
CA THR A 6 -7.42 -17.16 -29.55
C THR A 6 -8.76 -17.78 -29.95
N PRO A 7 -9.54 -17.09 -30.80
CA PRO A 7 -9.21 -15.77 -31.37
C PRO A 7 -9.46 -14.68 -30.36
N SER A 8 -9.19 -13.45 -30.75
CA SER A 8 -9.36 -12.27 -29.92
C SER A 8 -10.80 -11.79 -29.80
N SER A 9 -11.66 -12.27 -30.70
CA SER A 9 -13.06 -11.89 -30.74
C SER A 9 -13.90 -13.07 -31.18
N VAL A 10 -15.08 -13.20 -30.59
CA VAL A 10 -16.00 -14.26 -30.94
C VAL A 10 -17.44 -13.67 -31.00
N SER A 11 -18.28 -14.22 -31.87
CA SER A 11 -19.62 -13.66 -32.12
C SER A 11 -20.75 -14.68 -32.01
N ALA A 12 -21.96 -14.20 -31.69
CA ALA A 12 -23.17 -15.02 -31.67
C ALA A 12 -24.42 -14.16 -31.68
N ALA A 13 -25.51 -14.69 -32.25
CA ALA A 13 -26.78 -13.99 -32.23
C ALA A 13 -27.32 -13.99 -30.81
N VAL A 14 -28.31 -13.16 -30.52
CA VAL A 14 -28.90 -13.08 -29.19
C VAL A 14 -29.58 -14.42 -28.93
N GLY A 15 -28.91 -15.34 -28.24
CA GLY A 15 -29.52 -16.63 -27.99
C GLY A 15 -28.64 -17.82 -28.36
N GLY A 16 -27.54 -17.55 -29.05
CA GLY A 16 -26.61 -18.56 -29.50
C GLY A 16 -25.61 -19.03 -28.47
N THR A 17 -24.45 -19.48 -28.94
CA THR A 17 -23.39 -19.97 -28.06
C THR A 17 -22.03 -19.58 -28.62
N VAL A 18 -21.10 -19.18 -27.75
CA VAL A 18 -19.74 -18.82 -28.16
C VAL A 18 -18.73 -19.71 -27.45
N THR A 19 -17.57 -19.91 -28.06
CA THR A 19 -16.51 -20.70 -27.45
C THR A 19 -15.24 -19.87 -27.36
N ILE A 20 -14.79 -19.63 -26.13
CA ILE A 20 -13.60 -18.81 -25.88
C ILE A 20 -12.46 -19.69 -25.42
N ASN A 21 -11.37 -19.69 -26.19
CA ASN A 21 -10.25 -20.56 -25.86
C ASN A 21 -9.16 -19.87 -25.06
N CYS A 22 -8.38 -20.68 -24.34
CA CYS A 22 -7.26 -20.23 -23.53
C CYS A 22 -6.17 -21.31 -23.45
N GLN A 23 -5.05 -21.08 -24.13
CA GLN A 23 -3.92 -22.02 -24.08
C GLN A 23 -2.78 -21.47 -23.19
N ALA A 24 -2.27 -22.29 -22.27
CA ALA A 24 -1.13 -21.87 -21.46
C ALA A 24 0.15 -22.33 -22.13
N SER A 25 1.29 -21.73 -21.81
CA SER A 25 2.53 -22.15 -22.44
C SER A 25 2.88 -23.54 -21.92
N GLN A 26 2.82 -23.68 -20.59
CA GLN A 26 2.96 -24.96 -19.92
C GLN A 26 1.81 -25.18 -18.96
N SER A 27 1.74 -26.36 -18.38
CA SER A 27 0.61 -26.73 -17.55
C SER A 27 0.51 -25.86 -16.31
N VAL A 28 -0.71 -25.46 -15.98
CA VAL A 28 -1.00 -24.69 -14.79
C VAL A 28 -0.91 -25.57 -13.55
N TYR A 29 -0.92 -24.98 -12.36
CA TYR A 29 -0.78 -25.76 -11.11
C TYR A 29 -1.88 -26.79 -10.93
N ASN A 30 -1.49 -28.03 -10.62
CA ASN A 30 -2.44 -29.12 -10.34
C ASN A 30 -3.37 -29.40 -11.53
N LYS A 31 -2.95 -28.97 -12.70
CA LYS A 31 -3.67 -29.11 -13.95
C LYS A 31 -4.97 -28.39 -14.09
N ASN A 32 -5.38 -27.67 -13.07
CA ASN A 32 -6.71 -27.06 -13.09
C ASN A 32 -6.75 -25.69 -12.43
N TYR A 33 -5.59 -25.09 -12.22
CA TYR A 33 -5.53 -23.74 -11.67
C TYR A 33 -5.81 -22.70 -12.75
N LEU A 34 -7.08 -22.54 -13.08
CA LEU A 34 -7.46 -21.65 -14.16
C LEU A 34 -8.81 -21.05 -13.86
N ALA A 35 -8.91 -19.73 -13.93
CA ALA A 35 -10.15 -19.02 -13.66
C ALA A 35 -10.54 -18.17 -14.86
N TRP A 36 -11.83 -17.81 -14.91
CA TRP A 36 -12.34 -16.98 -16.00
C TRP A 36 -12.96 -15.73 -15.40
N TYR A 37 -12.68 -14.58 -16.02
CA TYR A 37 -13.21 -13.30 -15.55
C TYR A 37 -14.05 -12.66 -16.64
N GLN A 38 -15.03 -11.85 -16.24
CA GLN A 38 -15.86 -11.06 -17.15
C GLN A 38 -15.73 -9.57 -16.90
N GLN A 39 -15.39 -8.79 -17.91
CA GLN A 39 -15.32 -7.36 -17.70
C GLN A 39 -16.11 -6.58 -18.72
N LYS A 40 -17.23 -6.01 -18.25
CA LYS A 40 -18.04 -5.12 -19.07
C LYS A 40 -17.45 -3.73 -18.90
N PRO A 41 -17.66 -2.85 -19.89
CA PRO A 41 -17.02 -1.52 -19.87
C PRO A 41 -17.34 -0.68 -18.64
N GLY A 42 -16.29 -0.22 -17.96
CA GLY A 42 -16.43 0.60 -16.77
C GLY A 42 -16.41 -0.14 -15.45
N GLN A 43 -16.93 -1.36 -15.45
CA GLN A 43 -16.98 -2.16 -14.25
C GLN A 43 -15.68 -2.86 -13.94
N PRO A 44 -15.48 -3.21 -12.67
CA PRO A 44 -14.31 -4.05 -12.36
C PRO A 44 -14.61 -5.50 -12.75
N PRO A 45 -13.58 -6.31 -12.98
CA PRO A 45 -13.74 -7.68 -13.43
C PRO A 45 -14.61 -8.54 -12.51
N LYS A 46 -15.45 -9.38 -13.13
CA LYS A 46 -16.31 -10.30 -12.39
C LYS A 46 -15.81 -11.70 -12.59
N ARG A 47 -15.48 -12.38 -11.50
CA ARG A 47 -15.01 -13.74 -11.56
C ARG A 47 -16.20 -14.68 -11.79
N LEU A 48 -16.12 -15.49 -12.84
CA LEU A 48 -17.20 -16.37 -13.26
C LEU A 48 -16.94 -17.83 -12.88
N ILE A 49 -15.73 -18.29 -13.14
CA ILE A 49 -15.33 -19.68 -12.97
C ILE A 49 -13.95 -19.80 -12.37
N TYR A 50 -13.72 -20.81 -11.54
CA TYR A 50 -12.39 -21.12 -11.07
C TYR A 50 -12.27 -22.64 -11.09
N SER A 51 -11.07 -23.16 -10.86
CA SER A 51 -10.80 -24.60 -10.96
C SER A 51 -11.23 -25.17 -12.31
N ALA A 52 -10.99 -24.39 -13.36
CA ALA A 52 -11.26 -24.82 -14.73
C ALA A 52 -12.76 -24.90 -15.01
N SER A 53 -13.49 -25.64 -14.19
CA SER A 53 -14.90 -25.90 -14.46
C SER A 53 -15.90 -25.39 -13.39
N THR A 54 -15.40 -25.08 -12.20
CA THR A 54 -16.24 -24.69 -11.07
C THR A 54 -16.86 -23.31 -11.19
N LEU A 55 -18.18 -23.25 -11.23
CA LEU A 55 -18.87 -21.96 -11.28
C LEU A 55 -18.70 -21.19 -10.00
N ALA A 56 -18.53 -19.88 -10.12
CA ALA A 56 -18.35 -19.01 -8.96
C ALA A 56 -19.68 -18.81 -8.30
N SER A 57 -19.68 -18.17 -7.14
CA SER A 57 -20.92 -17.96 -6.44
C SER A 57 -21.87 -17.07 -7.21
N GLY A 58 -23.04 -17.60 -7.53
CA GLY A 58 -24.12 -16.82 -8.13
C GLY A 58 -24.10 -16.72 -9.65
N VAL A 59 -23.01 -17.15 -10.27
CA VAL A 59 -22.90 -17.04 -11.71
C VAL A 59 -23.80 -18.07 -12.39
N SER A 60 -24.37 -17.69 -13.52
CA SER A 60 -25.31 -18.57 -14.20
C SER A 60 -24.62 -19.82 -14.67
N SER A 61 -25.42 -20.84 -14.95
CA SER A 61 -24.91 -22.12 -15.43
C SER A 61 -24.67 -22.09 -16.94
N ARG A 62 -25.00 -20.97 -17.56
CA ARG A 62 -24.83 -20.72 -18.99
C ARG A 62 -23.36 -20.69 -19.36
N PHE A 63 -22.55 -20.27 -18.38
CA PHE A 63 -21.10 -20.23 -18.50
C PHE A 63 -20.51 -21.57 -18.08
N LYS A 64 -19.83 -22.23 -19.01
CA LYS A 64 -19.30 -23.56 -18.75
C LYS A 64 -17.80 -23.58 -18.93
N GLY A 65 -17.08 -23.98 -17.89
CA GLY A 65 -15.63 -24.08 -17.97
C GLY A 65 -15.21 -25.53 -18.16
N SER A 66 -14.22 -25.74 -19.02
CA SER A 66 -13.71 -27.10 -19.25
C SER A 66 -12.27 -27.04 -19.72
N GLY A 67 -11.50 -28.06 -19.39
CA GLY A 67 -10.11 -28.09 -19.77
C GLY A 67 -9.24 -28.62 -18.65
N SER A 68 -7.98 -28.90 -18.98
CA SER A 68 -7.00 -29.43 -18.03
C SER A 68 -5.57 -29.18 -18.51
N GLY A 69 -4.69 -28.88 -17.58
CA GLY A 69 -3.29 -28.69 -17.90
C GLY A 69 -3.01 -27.40 -18.64
N THR A 70 -2.99 -27.50 -19.96
CA THR A 70 -2.58 -26.40 -20.83
C THR A 70 -3.69 -25.85 -21.71
N GLN A 71 -4.66 -26.65 -22.09
CA GLN A 71 -5.76 -26.17 -22.93
C GLN A 71 -7.05 -26.06 -22.18
N PHE A 72 -7.66 -24.90 -22.33
CA PHE A 72 -8.90 -24.60 -21.62
C PHE A 72 -9.90 -23.92 -22.53
N THR A 73 -11.14 -23.88 -22.09
CA THR A 73 -12.23 -23.31 -22.88
C THR A 73 -13.35 -22.74 -22.00
N LEU A 74 -13.89 -21.59 -22.38
CA LEU A 74 -15.05 -21.00 -21.74
C LEU A 74 -16.22 -21.01 -22.74
N THR A 75 -17.21 -21.86 -22.50
CA THR A 75 -18.39 -21.88 -23.36
C THR A 75 -19.51 -21.04 -22.74
N ILE A 76 -20.18 -20.22 -23.55
CA ILE A 76 -21.30 -19.40 -23.09
C ILE A 76 -22.57 -19.73 -23.85
N SER A 77 -23.42 -20.58 -23.27
CA SER A 77 -24.69 -20.95 -23.90
C SER A 77 -25.73 -19.85 -23.70
N ASP A 78 -26.67 -19.76 -24.63
CA ASP A 78 -27.76 -18.78 -24.55
C ASP A 78 -27.27 -17.34 -24.36
N VAL A 79 -26.51 -16.85 -25.32
CA VAL A 79 -25.91 -15.55 -25.22
C VAL A 79 -26.97 -14.48 -25.13
N GLN A 80 -26.80 -13.60 -24.14
CA GLN A 80 -27.73 -12.50 -23.99
C GLN A 80 -27.09 -11.32 -24.65
N ALA A 81 -27.89 -10.30 -24.94
CA ALA A 81 -27.41 -9.05 -25.49
C ALA A 81 -26.53 -8.36 -24.47
N ASP A 82 -26.75 -8.69 -23.20
CA ASP A 82 -26.03 -8.19 -22.03
C ASP A 82 -24.64 -8.79 -21.86
N ASP A 83 -24.33 -9.82 -22.63
CA ASP A 83 -23.04 -10.53 -22.54
C ASP A 83 -21.88 -9.85 -23.26
N VAL A 84 -22.16 -8.70 -23.86
CA VAL A 84 -21.12 -7.91 -24.48
C VAL A 84 -20.09 -7.58 -23.43
N ALA A 85 -18.91 -8.18 -23.56
CA ALA A 85 -17.81 -7.98 -22.62
C ALA A 85 -16.51 -8.58 -23.17
N THR A 86 -15.40 -8.40 -22.45
CA THR A 86 -14.13 -9.05 -22.78
C THR A 86 -13.86 -10.08 -21.70
N TYR A 87 -13.60 -11.31 -22.10
CA TYR A 87 -13.39 -12.39 -21.15
C TYR A 87 -11.92 -12.73 -21.09
N TYR A 88 -11.42 -12.85 -19.87
CA TYR A 88 -10.02 -13.15 -19.65
C TYR A 88 -9.92 -14.45 -18.89
N CYS A 89 -8.92 -15.26 -19.20
CA CYS A 89 -8.60 -16.42 -18.38
C CYS A 89 -7.49 -16.05 -17.41
N LEU A 90 -7.41 -16.74 -16.29
CA LEU A 90 -6.40 -16.44 -15.28
C LEU A 90 -5.73 -17.73 -14.84
N GLY A 91 -4.41 -17.81 -15.00
CA GLY A 91 -3.71 -19.03 -14.69
C GLY A 91 -2.47 -18.89 -13.84
N SER A 92 -2.03 -20.00 -13.28
CA SER A 92 -0.80 -20.02 -12.51
C SER A 92 -0.16 -21.39 -12.57
N TYR A 93 1.18 -21.39 -12.59
CA TYR A 93 1.98 -22.62 -12.59
C TYR A 93 2.35 -23.09 -11.18
N ASP A 94 2.69 -22.17 -10.28
CA ASP A 94 3.15 -22.53 -8.93
C ASP A 94 2.28 -21.95 -7.85
N GLN A 95 1.09 -21.49 -8.26
CA GLN A 95 0.04 -20.97 -7.38
C GLN A 95 0.34 -19.58 -6.77
N ALA A 96 1.47 -18.97 -7.12
CA ALA A 96 1.87 -17.66 -6.57
C ALA A 96 1.81 -16.59 -7.66
N ALA A 97 2.63 -16.77 -8.70
CA ALA A 97 2.64 -15.89 -9.85
C ALA A 97 1.49 -16.19 -10.82
N HIS A 98 0.66 -15.19 -11.07
CA HIS A 98 -0.51 -15.32 -11.92
C HIS A 98 -0.32 -14.64 -13.27
N ALA A 99 -1.20 -14.93 -14.22
CA ALA A 99 -1.15 -14.28 -15.52
C ALA A 99 -2.52 -14.33 -16.18
N PHE A 100 -2.90 -13.20 -16.76
CA PHE A 100 -4.13 -13.09 -17.53
C PHE A 100 -3.83 -13.35 -19.02
N GLY A 101 -4.82 -13.89 -19.75
CA GLY A 101 -4.75 -14.04 -21.20
C GLY A 101 -5.08 -12.70 -21.83
N GLY A 102 -4.98 -12.59 -23.14
CA GLY A 102 -5.20 -11.34 -23.83
C GLY A 102 -6.62 -10.81 -23.79
N GLY A 103 -7.56 -11.71 -23.62
CA GLY A 103 -8.96 -11.34 -23.59
C GLY A 103 -9.58 -11.73 -24.91
N THR A 104 -10.88 -12.00 -24.87
CA THR A 104 -11.66 -12.32 -26.05
C THR A 104 -12.91 -11.49 -26.11
N LYS A 105 -13.08 -10.64 -27.08
CA LYS A 105 -14.27 -9.85 -27.14
C LYS A 105 -15.46 -10.62 -27.73
N VAL A 106 -16.60 -10.52 -27.07
CA VAL A 106 -17.88 -11.14 -27.38
C VAL A 106 -18.77 -10.11 -28.06
N VAL A 107 -19.03 -10.35 -29.35
CA VAL A 107 -19.85 -9.49 -30.21
C VAL A 107 -21.22 -10.15 -30.36
N VAL A 108 -22.27 -9.42 -30.05
CA VAL A 108 -23.61 -9.95 -30.20
C VAL A 108 -24.10 -9.66 -31.60
N GLU A 109 -24.54 -10.69 -32.31
CA GLU A 109 -24.94 -10.55 -33.70
C GLU A 109 -26.33 -10.03 -33.82
N ARG A 110 -26.64 -9.39 -34.92
CA ARG A 110 -27.99 -9.01 -35.23
C ARG A 110 -28.12 -8.60 -36.69
N THR A 111 -29.35 -8.32 -37.11
CA THR A 111 -29.58 -7.92 -38.48
C THR A 111 -28.95 -6.54 -38.73
N VAL A 112 -28.54 -6.31 -39.96
CA VAL A 112 -27.86 -5.08 -40.32
C VAL A 112 -28.83 -3.89 -40.18
N ALA A 113 -28.30 -2.79 -39.65
CA ALA A 113 -29.07 -1.57 -39.46
C ALA A 113 -28.28 -0.34 -39.90
N ALA A 114 -28.86 0.44 -40.80
CA ALA A 114 -28.22 1.64 -41.28
C ALA A 114 -28.28 2.70 -40.19
N PRO A 115 -27.22 3.52 -40.05
CA PRO A 115 -27.15 4.55 -39.03
C PRO A 115 -28.11 5.71 -39.29
N SER A 116 -28.66 6.28 -38.24
CA SER A 116 -29.38 7.55 -38.36
C SER A 116 -28.35 8.68 -38.26
N VAL A 117 -28.19 9.48 -39.31
CA VAL A 117 -27.17 10.52 -39.29
C VAL A 117 -27.75 11.86 -38.88
N PHE A 118 -27.08 12.53 -37.95
CA PHE A 118 -27.46 13.86 -37.49
C PHE A 118 -26.27 14.79 -37.48
N ILE A 119 -26.42 16.02 -37.96
CA ILE A 119 -25.32 16.96 -37.92
C ILE A 119 -25.60 18.15 -37.01
N PHE A 120 -24.57 18.56 -36.28
CA PHE A 120 -24.65 19.62 -35.28
C PHE A 120 -23.69 20.74 -35.56
N PRO A 121 -24.20 21.95 -35.78
CA PRO A 121 -23.34 23.13 -35.91
C PRO A 121 -22.71 23.50 -34.57
N PRO A 122 -21.61 24.25 -34.60
CA PRO A 122 -20.96 24.73 -33.39
C PRO A 122 -21.80 25.79 -32.71
N SER A 123 -21.85 25.79 -31.38
CA SER A 123 -22.68 26.74 -30.65
C SER A 123 -22.07 28.12 -30.72
N ASP A 124 -22.91 29.13 -30.63
CA ASP A 124 -22.44 30.49 -30.72
C ASP A 124 -21.61 30.77 -29.48
N GLU A 125 -21.87 30.04 -28.42
CA GLU A 125 -21.10 30.18 -27.22
C GLU A 125 -19.69 29.63 -27.36
N GLN A 126 -19.49 28.61 -28.18
CA GLN A 126 -18.14 28.13 -28.44
C GLN A 126 -17.39 29.09 -29.34
N LEU A 127 -18.10 29.62 -30.33
CA LEU A 127 -17.52 30.56 -31.27
C LEU A 127 -17.03 31.82 -30.60
N LYS A 128 -17.57 32.12 -29.43
CA LYS A 128 -17.11 33.25 -28.65
C LYS A 128 -15.72 33.02 -28.11
N SER A 129 -15.43 31.77 -27.76
CA SER A 129 -14.12 31.39 -27.23
C SER A 129 -13.05 31.32 -28.32
N GLY A 130 -13.50 31.19 -29.57
CA GLY A 130 -12.63 31.16 -30.73
C GLY A 130 -12.35 29.79 -31.32
N THR A 131 -13.29 28.87 -31.19
CA THR A 131 -13.13 27.56 -31.80
C THR A 131 -14.50 27.08 -32.24
N ALA A 132 -14.50 26.20 -33.23
CA ALA A 132 -15.72 25.70 -33.82
C ALA A 132 -15.61 24.20 -33.96
N SER A 133 -16.45 23.50 -33.21
CA SER A 133 -16.53 22.06 -33.23
C SER A 133 -17.82 21.71 -33.96
N VAL A 134 -17.71 21.03 -35.09
CA VAL A 134 -18.88 20.56 -35.82
C VAL A 134 -19.00 19.06 -35.64
N VAL A 135 -20.07 18.59 -35.01
CA VAL A 135 -20.22 17.17 -34.71
C VAL A 135 -21.18 16.48 -35.68
N CYS A 136 -20.92 15.22 -35.97
CA CYS A 136 -21.77 14.41 -36.84
C CYS A 136 -22.05 13.08 -36.13
N LEU A 137 -23.32 12.81 -35.84
CA LEU A 137 -23.74 11.62 -35.09
C LEU A 137 -24.25 10.53 -36.03
N LEU A 138 -23.73 9.31 -35.88
CA LEU A 138 -24.31 8.15 -36.56
C LEU A 138 -24.90 7.24 -35.50
N ASN A 139 -26.22 7.09 -35.49
CA ASN A 139 -26.89 6.52 -34.33
C ASN A 139 -27.48 5.12 -34.56
N ASN A 140 -27.12 4.18 -33.68
CA ASN A 140 -27.71 2.85 -33.66
C ASN A 140 -27.58 2.11 -34.98
N PHE A 141 -26.37 1.63 -35.27
CA PHE A 141 -26.15 0.87 -36.50
C PHE A 141 -25.41 -0.43 -36.21
N TYR A 142 -25.51 -1.37 -37.14
CA TYR A 142 -24.78 -2.64 -37.07
C TYR A 142 -24.52 -3.10 -38.51
N PRO A 143 -23.31 -3.61 -38.79
CA PRO A 143 -22.17 -3.81 -37.90
C PRO A 143 -21.31 -2.55 -37.65
N ARG A 144 -20.25 -2.71 -36.87
CA ARG A 144 -19.39 -1.60 -36.42
C ARG A 144 -18.71 -0.79 -37.54
N GLU A 145 -18.27 -1.47 -38.61
CA GLU A 145 -17.50 -0.80 -39.66
C GLU A 145 -18.36 0.28 -40.31
N ALA A 146 -17.86 1.51 -40.26
CA ALA A 146 -18.57 2.64 -40.83
C ALA A 146 -17.54 3.68 -41.20
N LYS A 147 -17.89 4.56 -42.11
CA LYS A 147 -16.99 5.55 -42.61
C LYS A 147 -17.60 6.93 -42.68
N VAL A 148 -16.89 7.92 -42.21
CA VAL A 148 -17.36 9.31 -42.19
C VAL A 148 -16.37 10.24 -42.88
N GLN A 149 -16.87 11.04 -43.81
CA GLN A 149 -16.05 12.03 -44.49
C GLN A 149 -16.64 13.44 -44.41
N TRP A 150 -15.82 14.38 -43.96
CA TRP A 150 -16.23 15.77 -43.86
C TRP A 150 -15.89 16.51 -45.14
N LYS A 151 -16.71 17.50 -45.48
CA LYS A 151 -16.53 18.35 -46.64
C LYS A 151 -16.98 19.76 -46.28
N VAL A 152 -16.09 20.73 -46.44
CA VAL A 152 -16.46 22.12 -46.26
C VAL A 152 -16.38 22.86 -47.61
N ASP A 153 -17.54 23.19 -48.19
CA ASP A 153 -17.61 23.68 -49.57
C ASP A 153 -16.90 22.73 -50.53
N ASN A 154 -17.31 21.47 -50.49
CA ASN A 154 -16.79 20.42 -51.35
C ASN A 154 -15.27 20.22 -51.28
N ALA A 155 -14.67 20.64 -50.17
CA ALA A 155 -13.23 20.43 -49.93
C ALA A 155 -13.06 19.37 -48.87
N LEU A 156 -12.50 18.23 -49.25
CA LEU A 156 -12.32 17.10 -48.34
C LEU A 156 -11.44 17.52 -47.17
N GLN A 157 -11.92 17.25 -45.96
CA GLN A 157 -11.19 17.57 -44.75
C GLN A 157 -10.41 16.34 -44.34
N SER A 158 -9.18 16.55 -43.88
CA SER A 158 -8.27 15.48 -43.49
C SER A 158 -7.34 15.93 -42.36
N GLY A 159 -7.24 15.13 -41.30
CA GLY A 159 -6.34 15.45 -40.20
C GLY A 159 -6.95 16.23 -39.06
N ASN A 160 -8.07 16.90 -39.35
CA ASN A 160 -8.71 17.75 -38.36
C ASN A 160 -10.04 17.18 -37.84
N SER A 161 -10.16 15.85 -37.79
CA SER A 161 -11.38 15.24 -37.26
C SER A 161 -11.06 13.99 -36.45
N GLN A 162 -11.69 13.88 -35.29
CA GLN A 162 -11.54 12.71 -34.45
C GLN A 162 -12.89 12.06 -34.23
N GLU A 163 -12.94 10.75 -34.17
CA GLU A 163 -14.18 10.07 -33.91
C GLU A 163 -14.09 9.16 -32.70
N SER A 164 -15.25 8.76 -32.24
CA SER A 164 -15.42 7.87 -31.10
C SER A 164 -16.63 6.98 -31.30
N VAL A 165 -16.45 5.68 -31.12
CA VAL A 165 -17.55 4.73 -31.20
C VAL A 165 -17.86 4.13 -29.81
N THR A 166 -19.14 4.00 -29.49
CA THR A 166 -19.55 3.38 -28.24
C THR A 166 -19.44 1.86 -28.30
N GLU A 167 -19.40 1.22 -27.14
CA GLU A 167 -19.44 -0.24 -27.10
C GLU A 167 -20.78 -0.76 -27.60
N GLN A 168 -20.84 -2.05 -27.91
CA GLN A 168 -22.07 -2.63 -28.41
C GLN A 168 -23.19 -2.54 -27.37
N ASP A 169 -24.33 -2.00 -27.78
CA ASP A 169 -25.40 -1.67 -26.83
C ASP A 169 -25.89 -2.92 -26.14
N SER A 170 -26.23 -2.78 -24.86
CA SER A 170 -26.54 -3.92 -24.00
C SER A 170 -27.92 -4.48 -24.26
N LYS A 171 -28.71 -3.70 -24.96
CA LYS A 171 -30.06 -4.06 -25.32
C LYS A 171 -30.27 -4.31 -26.81
N ASP A 172 -30.02 -3.33 -27.67
CA ASP A 172 -30.25 -3.47 -29.12
C ASP A 172 -29.05 -3.95 -29.92
N SER A 173 -27.90 -4.11 -29.28
CA SER A 173 -26.70 -4.67 -29.90
C SER A 173 -26.20 -3.90 -31.10
N THR A 174 -26.45 -2.59 -31.08
CA THR A 174 -26.02 -1.70 -32.14
C THR A 174 -24.81 -0.93 -31.63
N TYR A 175 -24.17 -0.20 -32.54
CA TYR A 175 -23.11 0.72 -32.20
C TYR A 175 -23.54 2.14 -32.54
N SER A 176 -22.86 3.14 -31.99
CA SER A 176 -23.04 4.54 -32.39
C SER A 176 -21.71 5.26 -32.50
N LEU A 177 -21.65 6.25 -33.37
CA LEU A 177 -20.41 6.97 -33.63
C LEU A 177 -20.60 8.48 -33.64
N SER A 178 -19.62 9.20 -33.10
CA SER A 178 -19.64 10.66 -33.11
C SER A 178 -18.32 11.17 -33.67
N SER A 179 -18.42 11.90 -34.76
CA SER A 179 -17.28 12.48 -35.44
C SER A 179 -17.29 13.96 -35.17
N THR A 180 -16.17 14.49 -34.73
CA THR A 180 -16.02 15.92 -34.44
C THR A 180 -15.02 16.58 -35.40
N LEU A 181 -15.47 17.53 -36.20
CA LEU A 181 -14.61 18.34 -37.06
C LEU A 181 -14.23 19.66 -36.35
N THR A 182 -12.96 19.83 -35.99
CA THR A 182 -12.52 21.04 -35.26
C THR A 182 -11.78 22.05 -36.17
N LEU A 183 -12.33 23.26 -36.29
CA LEU A 183 -11.69 24.38 -36.99
C LEU A 183 -11.50 25.58 -36.06
N SER A 184 -10.73 26.57 -36.49
CA SER A 184 -10.59 27.80 -35.71
C SER A 184 -11.77 28.69 -36.07
N LYS A 185 -12.01 29.72 -35.27
CA LYS A 185 -13.06 30.68 -35.58
C LYS A 185 -12.75 31.33 -36.91
N ALA A 186 -11.47 31.60 -37.18
CA ALA A 186 -11.09 32.19 -38.45
C ALA A 186 -11.51 31.34 -39.64
N ASP A 187 -11.15 30.05 -39.65
CA ASP A 187 -11.48 29.17 -40.76
C ASP A 187 -12.94 28.78 -40.88
N TYR A 188 -13.64 28.78 -39.77
CA TYR A 188 -15.04 28.36 -39.76
C TYR A 188 -15.98 29.32 -40.48
N GLU A 189 -15.80 30.60 -40.23
CA GLU A 189 -16.68 31.62 -40.79
C GLU A 189 -16.23 32.15 -42.19
N LYS A 190 -15.23 31.50 -42.80
CA LYS A 190 -14.82 31.80 -44.18
C LYS A 190 -15.45 30.87 -45.21
N HIS A 191 -16.23 29.90 -44.76
CA HIS A 191 -16.89 28.93 -45.64
C HIS A 191 -18.37 28.87 -45.32
N LYS A 192 -19.16 28.24 -46.19
CA LYS A 192 -20.61 28.19 -45.98
C LYS A 192 -21.13 26.78 -45.74
N VAL A 193 -20.97 25.89 -46.71
CA VAL A 193 -21.52 24.53 -46.63
C VAL A 193 -20.65 23.52 -45.83
N TYR A 194 -21.24 22.90 -44.81
CA TYR A 194 -20.57 21.89 -44.01
C TYR A 194 -21.35 20.60 -44.10
N ALA A 195 -20.74 19.59 -44.71
CA ALA A 195 -21.42 18.34 -44.95
C ALA A 195 -20.73 17.20 -44.24
N CYS A 196 -21.49 16.14 -44.05
CA CYS A 196 -21.02 14.91 -43.43
C CYS A 196 -21.53 13.73 -44.26
N GLU A 197 -20.65 13.12 -45.04
CA GLU A 197 -21.02 11.94 -45.81
C GLU A 197 -20.82 10.66 -45.03
N VAL A 198 -21.84 9.81 -44.97
CA VAL A 198 -21.73 8.57 -44.21
C VAL A 198 -21.86 7.36 -45.11
N THR A 199 -20.84 6.51 -45.13
CA THR A 199 -20.98 5.25 -45.84
C THR A 199 -21.11 4.11 -44.85
N HIS A 200 -22.02 3.20 -45.16
CA HIS A 200 -22.29 2.06 -44.29
C HIS A 200 -22.93 0.93 -45.09
N GLN A 201 -22.78 -0.29 -44.63
CA GLN A 201 -23.38 -1.45 -45.24
C GLN A 201 -24.88 -1.35 -45.40
N GLY A 202 -25.57 -1.08 -44.29
CA GLY A 202 -27.01 -0.96 -44.36
C GLY A 202 -27.56 0.08 -45.34
N LEU A 203 -26.71 1.02 -45.74
CA LEU A 203 -27.07 2.09 -46.69
C LEU A 203 -26.85 1.70 -48.15
N SER A 204 -27.77 2.07 -49.05
CA SER A 204 -27.57 1.80 -50.49
C SER A 204 -26.59 2.80 -51.11
N SER A 205 -26.66 4.06 -50.69
CA SER A 205 -25.76 5.10 -51.13
C SER A 205 -25.28 5.91 -49.92
N PRO A 206 -24.15 6.62 -50.05
CA PRO A 206 -23.68 7.45 -48.93
C PRO A 206 -24.59 8.62 -48.63
N VAL A 207 -25.25 8.58 -47.47
CA VAL A 207 -26.16 9.66 -47.08
C VAL A 207 -25.37 10.87 -46.57
N THR A 208 -25.86 12.06 -46.89
CA THR A 208 -25.17 13.28 -46.49
C THR A 208 -26.11 14.13 -45.67
N LYS A 209 -25.66 14.54 -44.48
CA LYS A 209 -26.36 15.49 -43.66
C LYS A 209 -25.51 16.76 -43.65
N SER A 210 -26.11 17.93 -43.85
CA SER A 210 -25.32 19.16 -43.97
C SER A 210 -26.02 20.41 -43.48
N PHE A 211 -25.31 21.53 -43.43
CA PHE A 211 -25.95 22.81 -43.07
C PHE A 211 -25.25 24.01 -43.67
N ASN A 212 -25.93 25.14 -43.70
CA ASN A 212 -25.32 26.37 -44.17
C ASN A 212 -25.09 27.34 -43.02
N ARG A 213 -23.89 27.88 -42.95
CA ARG A 213 -23.48 28.75 -41.86
C ARG A 213 -24.24 30.06 -41.98
N GLY A 214 -24.91 30.44 -40.89
CA GLY A 214 -25.76 31.63 -40.82
C GLY A 214 -27.17 31.40 -41.31
N GLU A 215 -27.56 30.13 -41.47
CA GLU A 215 -28.90 29.80 -41.94
C GLU A 215 -29.52 28.74 -41.03
N SER B 2 -14.59 -6.02 2.00
CA SER B 2 -14.37 -5.14 0.86
C SER B 2 -12.99 -4.46 0.88
N VAL B 3 -12.50 -4.13 -0.31
CA VAL B 3 -11.25 -3.44 -0.45
C VAL B 3 -11.49 -2.16 -1.23
N GLU B 4 -10.54 -1.23 -1.17
CA GLU B 4 -10.65 -0.02 -1.96
C GLU B 4 -9.27 0.53 -2.20
N GLU B 5 -9.05 1.07 -3.39
CA GLU B 5 -7.74 1.61 -3.72
C GLU B 5 -7.75 3.09 -3.48
N SER B 6 -6.57 3.65 -3.24
CA SER B 6 -6.38 5.06 -3.00
C SER B 6 -5.06 5.51 -3.63
N GLY B 7 -4.98 6.78 -3.99
CA GLY B 7 -3.76 7.28 -4.58
C GLY B 7 -3.75 7.50 -6.07
N GLY B 8 -4.83 7.19 -6.76
CA GLY B 8 -4.89 7.43 -8.20
C GLY B 8 -4.92 8.91 -8.54
N ARG B 9 -4.01 9.34 -9.40
CA ARG B 9 -3.87 10.76 -9.70
C ARG B 9 -3.08 10.98 -10.95
N LEU B 10 -2.93 12.26 -11.26
CA LEU B 10 -2.06 12.77 -12.31
C LEU B 10 -0.62 12.84 -11.79
N VAL B 11 0.28 12.04 -12.36
CA VAL B 11 1.68 12.11 -11.95
C VAL B 11 2.55 12.44 -13.15
N THR B 12 3.66 13.15 -12.93
CA THR B 12 4.60 13.44 -14.01
C THR B 12 5.51 12.26 -14.24
N PRO B 13 6.02 12.12 -15.47
CA PRO B 13 6.91 10.97 -15.68
C PRO B 13 8.20 11.05 -14.87
N GLY B 14 8.50 9.99 -14.12
CA GLY B 14 9.70 9.92 -13.31
C GLY B 14 9.50 10.13 -11.81
N THR B 15 8.43 10.82 -11.45
CA THR B 15 8.13 11.08 -10.05
C THR B 15 7.47 9.86 -9.37
N PRO B 16 8.02 9.40 -8.23
CA PRO B 16 7.49 8.22 -7.53
C PRO B 16 6.02 8.35 -7.06
N LEU B 17 5.23 7.31 -7.34
CA LEU B 17 3.80 7.26 -6.96
C LEU B 17 3.51 6.11 -6.01
N THR B 18 2.65 6.33 -5.01
CA THR B 18 2.28 5.25 -4.11
C THR B 18 0.76 5.09 -4.00
N LEU B 19 0.26 3.90 -4.36
CA LEU B 19 -1.16 3.57 -4.27
C LEU B 19 -1.41 2.77 -3.00
N THR B 20 -2.58 2.92 -2.41
CA THR B 20 -2.88 2.24 -1.16
C THR B 20 -4.14 1.39 -1.23
N CYS B 21 -4.08 0.22 -0.62
CA CYS B 21 -5.23 -0.67 -0.58
C CYS B 21 -5.72 -0.82 0.85
N THR B 22 -6.85 -0.20 1.16
CA THR B 22 -7.48 -0.33 2.46
C THR B 22 -8.51 -1.43 2.43
N VAL B 23 -8.59 -2.21 3.50
CA VAL B 23 -9.51 -3.34 3.58
C VAL B 23 -10.45 -3.15 4.77
N SER B 24 -11.57 -3.87 4.76
CA SER B 24 -12.57 -3.81 5.82
C SER B 24 -13.32 -5.14 5.93
N GLY B 25 -13.67 -5.55 7.14
CA GLY B 25 -14.49 -6.75 7.32
C GLY B 25 -13.74 -8.06 7.36
N PHE B 26 -12.41 -7.99 7.29
CA PHE B 26 -11.58 -9.18 7.34
C PHE B 26 -10.15 -8.80 7.74
N SER B 27 -9.39 -9.75 8.26
CA SER B 27 -8.01 -9.47 8.62
C SER B 27 -7.14 -9.44 7.38
N LEU B 28 -6.22 -8.50 7.32
CA LEU B 28 -5.32 -8.40 6.20
C LEU B 28 -4.33 -9.55 6.23
N SER B 29 -4.07 -10.03 7.43
CA SER B 29 -3.15 -11.11 7.64
C SER B 29 -3.73 -12.48 7.25
N SER B 30 -5.04 -12.59 7.19
CA SER B 30 -5.66 -13.88 6.89
C SER B 30 -5.73 -14.23 5.40
N TYR B 31 -5.88 -13.21 4.55
CA TYR B 31 -6.00 -13.45 3.12
C TYR B 31 -4.84 -12.86 2.32
N PRO B 32 -4.55 -13.44 1.15
CA PRO B 32 -3.52 -12.86 0.28
C PRO B 32 -4.06 -11.69 -0.56
N MET B 33 -3.22 -10.67 -0.76
CA MET B 33 -3.63 -9.45 -1.45
C MET B 33 -2.86 -9.29 -2.74
N ASN B 34 -3.57 -8.87 -3.78
CA ASN B 34 -3.01 -8.73 -5.12
C ASN B 34 -3.24 -7.35 -5.74
N TRP B 35 -2.37 -6.99 -6.66
CA TRP B 35 -2.47 -5.76 -7.44
C TRP B 35 -2.59 -6.10 -8.92
N VAL B 36 -3.60 -5.56 -9.58
CA VAL B 36 -3.80 -5.74 -11.01
C VAL B 36 -3.98 -4.34 -11.64
N ARG B 37 -3.54 -4.14 -12.88
CA ARG B 37 -3.76 -2.84 -13.54
C ARG B 37 -4.35 -3.00 -14.92
N GLN B 38 -4.81 -1.90 -15.49
CA GLN B 38 -5.41 -1.94 -16.82
C GLN B 38 -5.30 -0.61 -17.56
N ALA B 39 -4.44 -0.58 -18.57
CA ALA B 39 -4.30 0.60 -19.41
C ALA B 39 -5.60 0.79 -20.18
N PRO B 40 -5.95 2.03 -20.53
CA PRO B 40 -7.20 2.31 -21.22
C PRO B 40 -7.40 1.52 -22.52
N GLY B 41 -8.47 0.75 -22.62
CA GLY B 41 -8.77 -0.02 -23.81
C GLY B 41 -7.84 -1.20 -24.02
N LYS B 42 -7.17 -1.61 -22.96
CA LYS B 42 -6.25 -2.69 -23.02
C LYS B 42 -6.70 -3.75 -22.05
N GLY B 43 -5.95 -4.84 -21.95
CA GLY B 43 -6.27 -5.96 -21.09
C GLY B 43 -5.73 -5.88 -19.68
N LEU B 44 -6.22 -6.77 -18.83
CA LEU B 44 -5.82 -6.86 -17.43
C LEU B 44 -4.45 -7.49 -17.29
N GLU B 45 -3.66 -6.97 -16.35
CA GLU B 45 -2.28 -7.41 -16.09
C GLU B 45 -2.07 -7.55 -14.60
N TRP B 46 -1.64 -8.72 -14.16
CA TRP B 46 -1.30 -8.96 -12.76
C TRP B 46 0.06 -8.36 -12.47
N ILE B 47 0.12 -7.43 -11.53
CA ILE B 47 1.37 -6.79 -11.15
C ILE B 47 2.11 -7.62 -10.12
N GLY B 48 1.47 -7.84 -8.97
CA GLY B 48 2.06 -8.64 -7.92
C GLY B 48 1.10 -8.88 -6.79
N GLY B 49 1.58 -9.46 -5.69
CA GLY B 49 0.72 -9.75 -4.56
C GLY B 49 1.50 -10.29 -3.40
N ILE B 50 0.91 -10.20 -2.22
CA ILE B 50 1.52 -10.66 -0.97
C ILE B 50 0.71 -11.80 -0.35
N GLY B 51 1.40 -12.81 0.18
CA GLY B 51 0.75 -13.92 0.85
C GLY B 51 0.36 -13.65 2.30
N THR B 52 -0.04 -14.70 3.00
CA THR B 52 -0.43 -14.60 4.40
C THR B 52 0.79 -14.45 5.32
N SER B 53 1.90 -15.08 4.93
CA SER B 53 3.11 -15.01 5.73
C SER B 53 3.75 -13.62 5.63
N GLY B 54 3.80 -13.08 4.43
CA GLY B 54 4.38 -11.76 4.23
C GLY B 54 5.22 -11.64 2.96
N ASN B 55 5.59 -12.78 2.40
CA ASN B 55 6.41 -12.81 1.20
C ASN B 55 5.67 -12.19 0.02
N ILE B 56 6.42 -11.67 -0.95
CA ILE B 56 5.84 -10.88 -2.05
C ILE B 56 6.30 -11.40 -3.42
N TRP B 57 5.39 -11.41 -4.40
CA TRP B 57 5.71 -11.86 -5.76
C TRP B 57 5.38 -10.76 -6.77
N TYR B 58 6.07 -10.76 -7.90
CA TYR B 58 5.83 -9.80 -8.97
C TYR B 58 5.81 -10.52 -10.30
N ALA B 59 5.19 -9.91 -11.29
CA ALA B 59 5.24 -10.45 -12.64
C ALA B 59 6.64 -10.25 -13.21
N SER B 60 6.96 -10.99 -14.28
CA SER B 60 8.29 -10.91 -14.89
C SER B 60 8.70 -9.49 -15.32
N TRP B 61 7.79 -8.78 -15.98
CA TRP B 61 8.04 -7.41 -16.42
C TRP B 61 8.04 -6.39 -15.29
N ALA B 62 7.36 -6.73 -14.21
CA ALA B 62 7.14 -5.82 -13.09
C ALA B 62 8.24 -5.89 -12.04
N LYS B 63 9.26 -6.67 -12.30
CA LYS B 63 10.34 -6.80 -11.35
C LYS B 63 11.20 -5.55 -11.35
N GLY B 64 11.20 -4.84 -10.23
CA GLY B 64 12.00 -3.63 -10.13
C GLY B 64 11.20 -2.35 -10.26
N ARG B 65 10.25 -2.32 -11.20
CA ARG B 65 9.40 -1.15 -11.46
C ARG B 65 8.36 -0.92 -10.36
N PHE B 66 8.01 -2.01 -9.67
CA PHE B 66 6.95 -1.98 -8.66
C PHE B 66 7.48 -2.52 -7.35
N ILE B 67 7.03 -1.93 -6.25
CA ILE B 67 7.30 -2.41 -4.92
C ILE B 67 6.01 -2.53 -4.13
N ILE B 68 5.74 -3.72 -3.65
CA ILE B 68 4.53 -4.00 -2.89
C ILE B 68 4.90 -4.34 -1.45
N SER B 69 4.08 -3.92 -0.48
CA SER B 69 4.33 -4.29 0.90
C SER B 69 3.10 -3.98 1.74
N ARG B 70 3.08 -4.36 3.01
CA ARG B 70 2.01 -3.89 3.89
C ARG B 70 2.50 -2.64 4.59
N ALA B 71 1.76 -1.54 4.49
CA ALA B 71 2.15 -0.29 5.14
C ALA B 71 1.33 -0.03 6.39
N SER B 72 0.25 -0.76 6.56
CA SER B 72 -0.51 -0.64 7.77
C SER B 72 -0.98 -1.96 8.27
N SER B 73 -1.89 -1.92 9.21
CA SER B 73 -2.38 -3.11 9.81
C SER B 73 -3.54 -3.38 8.94
N THR B 74 -3.93 -2.34 8.27
CA THR B 74 -5.10 -2.40 7.40
C THR B 74 -4.80 -1.95 5.97
N THR B 75 -3.53 -1.78 5.63
CA THR B 75 -3.18 -1.32 4.28
C THR B 75 -2.08 -2.11 3.58
N VAL B 76 -2.13 -2.06 2.26
CA VAL B 76 -1.15 -2.64 1.38
C VAL B 76 -0.82 -1.64 0.27
N ASP B 77 0.45 -1.27 0.14
CA ASP B 77 0.81 -0.26 -0.84
C ASP B 77 1.42 -0.82 -2.14
N LEU B 78 1.54 0.06 -3.12
CA LEU B 78 2.17 -0.26 -4.41
C LEU B 78 2.90 0.99 -4.91
N LYS B 79 4.22 1.00 -4.76
CA LYS B 79 5.04 2.13 -5.15
C LYS B 79 5.61 1.85 -6.55
N VAL B 80 5.32 2.74 -7.50
CA VAL B 80 5.99 2.72 -8.80
C VAL B 80 7.08 3.79 -8.78
N THR B 81 8.33 3.33 -8.85
CA THR B 81 9.50 4.15 -8.55
C THR B 81 9.79 5.20 -9.60
N SER B 82 9.66 4.84 -10.87
CA SER B 82 9.88 5.81 -11.93
C SER B 82 8.80 5.67 -13.02
N PRO B 83 7.61 6.25 -12.75
CA PRO B 83 6.44 6.14 -13.62
C PRO B 83 6.75 6.75 -14.97
N THR B 84 6.20 6.12 -16.03
CA THR B 84 6.29 6.51 -17.43
C THR B 84 4.90 6.56 -17.98
N THR B 85 4.73 7.05 -19.21
CA THR B 85 3.42 7.15 -19.83
C THR B 85 2.75 5.79 -19.99
N GLU B 86 3.56 4.73 -20.02
CA GLU B 86 3.05 3.37 -20.18
C GLU B 86 2.30 2.91 -18.94
N ASP B 87 2.58 3.56 -17.81
CA ASP B 87 1.94 3.21 -16.55
C ASP B 87 0.56 3.83 -16.30
N THR B 88 0.09 4.65 -17.24
CA THR B 88 -1.25 5.20 -17.15
C THR B 88 -2.26 4.05 -17.26
N ALA B 89 -3.00 3.82 -16.18
CA ALA B 89 -3.88 2.68 -16.04
C ALA B 89 -4.78 2.81 -14.83
N THR B 90 -5.86 2.03 -14.82
CA THR B 90 -6.68 1.88 -13.64
C THR B 90 -6.07 0.76 -12.79
N TYR B 91 -5.67 1.08 -11.58
CA TYR B 91 -5.06 0.09 -10.72
C TYR B 91 -6.10 -0.51 -9.79
N PHE B 92 -6.19 -1.84 -9.80
CA PHE B 92 -7.09 -2.61 -8.94
C PHE B 92 -6.36 -3.30 -7.83
N CYS B 93 -7.00 -3.38 -6.69
CA CYS B 93 -6.53 -4.20 -5.59
C CYS B 93 -7.62 -5.21 -5.30
N ALA B 94 -7.25 -6.40 -4.84
CA ALA B 94 -8.24 -7.45 -4.63
C ALA B 94 -7.86 -8.44 -3.54
N ARG B 95 -8.80 -8.83 -2.71
CA ARG B 95 -8.56 -9.92 -1.80
C ARG B 95 -8.55 -11.21 -2.61
N GLY B 96 -7.42 -11.91 -2.62
CA GLY B 96 -7.30 -13.09 -3.45
C GLY B 96 -7.27 -12.72 -4.92
N LEU B 97 -7.72 -13.65 -5.75
CA LEU B 97 -7.75 -13.44 -7.20
C LEU B 97 -8.46 -14.63 -7.85
N TYR B 98 -8.47 -15.77 -7.15
CA TYR B 98 -8.82 -17.05 -7.75
C TYR B 98 -9.95 -17.76 -7.00
N ASN B 99 -9.79 -17.96 -5.71
CA ASN B 99 -10.79 -18.69 -4.93
C ASN B 99 -12.10 -17.92 -4.75
N ASP B 100 -13.12 -18.56 -4.17
CA ASP B 100 -14.43 -17.91 -3.99
C ASP B 100 -14.42 -16.74 -2.99
N TYR B 101 -13.38 -16.64 -2.16
CA TYR B 101 -13.28 -15.55 -1.20
C TYR B 101 -12.81 -14.24 -1.83
N THR B 102 -12.69 -14.23 -3.15
CA THR B 102 -12.18 -13.09 -3.91
C THR B 102 -13.09 -11.86 -3.92
N VAL B 103 -12.53 -10.71 -3.55
CA VAL B 103 -13.25 -9.44 -3.67
C VAL B 103 -12.30 -8.37 -4.19
N TRP B 104 -12.71 -7.72 -5.27
CA TRP B 104 -11.94 -6.65 -5.91
C TRP B 104 -12.37 -5.27 -5.41
N GLY B 105 -11.51 -4.29 -5.59
CA GLY B 105 -11.87 -2.91 -5.31
C GLY B 105 -12.39 -2.25 -6.57
N PRO B 106 -12.90 -1.02 -6.42
CA PRO B 106 -13.44 -0.30 -7.56
C PRO B 106 -12.36 0.14 -8.55
N GLY B 107 -11.13 0.31 -8.08
CA GLY B 107 -10.03 0.70 -8.94
C GLY B 107 -9.75 2.18 -8.81
N THR B 108 -8.49 2.56 -8.97
CA THR B 108 -8.11 3.96 -8.91
C THR B 108 -7.34 4.36 -10.20
N LEU B 109 -7.68 5.49 -10.80
CA LEU B 109 -7.10 5.85 -12.11
C LEU B 109 -5.81 6.70 -12.00
N VAL B 110 -4.72 6.14 -12.52
CA VAL B 110 -3.45 6.80 -12.59
C VAL B 110 -3.19 7.32 -14.00
N THR B 111 -2.89 8.60 -14.11
CA THR B 111 -2.54 9.25 -15.37
C THR B 111 -1.12 9.73 -15.21
N VAL B 112 -0.23 9.20 -16.03
CA VAL B 112 1.14 9.63 -16.01
C VAL B 112 1.26 10.60 -17.17
N SER B 113 1.40 11.87 -16.84
CA SER B 113 1.48 12.93 -17.84
C SER B 113 2.05 14.15 -17.14
N SER B 114 2.75 15.01 -17.88
CA SER B 114 3.31 16.25 -17.32
C SER B 114 2.33 17.42 -17.47
N ALA B 115 1.16 17.12 -18.05
CA ALA B 115 0.10 18.09 -18.26
C ALA B 115 -0.61 18.45 -16.98
N SER B 116 -1.25 19.60 -16.94
CA SER B 116 -1.94 20.08 -15.77
C SER B 116 -3.42 19.76 -15.79
N THR B 117 -4.03 19.67 -14.64
CA THR B 117 -5.48 19.40 -14.52
C THR B 117 -6.27 20.60 -15.07
N LYS B 118 -7.34 20.33 -15.80
CA LYS B 118 -8.10 21.37 -16.47
C LYS B 118 -9.57 21.02 -16.50
N GLY B 119 -10.41 22.02 -16.30
CA GLY B 119 -11.84 21.82 -16.29
C GLY B 119 -12.43 21.90 -17.68
N PRO B 120 -13.51 21.16 -17.92
CA PRO B 120 -14.14 21.14 -19.24
C PRO B 120 -15.02 22.35 -19.50
N SER B 121 -15.28 22.62 -20.78
CA SER B 121 -16.30 23.57 -21.19
C SER B 121 -17.42 22.73 -21.74
N VAL B 122 -18.66 23.03 -21.34
CA VAL B 122 -19.83 22.31 -21.83
C VAL B 122 -20.59 23.14 -22.85
N PHE B 123 -20.79 22.61 -24.05
CA PHE B 123 -21.54 23.32 -25.08
C PHE B 123 -22.72 22.42 -25.49
N PRO B 124 -23.79 23.02 -26.01
CA PRO B 124 -24.91 22.18 -26.43
C PRO B 124 -24.81 21.67 -27.87
N LEU B 125 -25.27 20.45 -28.11
CA LEU B 125 -25.45 19.96 -29.46
C LEU B 125 -26.94 20.08 -29.75
N ALA B 126 -27.35 21.27 -30.16
CA ALA B 126 -28.76 21.64 -30.31
C ALA B 126 -29.47 20.94 -31.48
N PRO B 127 -30.71 20.47 -31.24
CA PRO B 127 -31.49 19.78 -32.28
C PRO B 127 -32.23 20.73 -33.19
N SER B 128 -33.11 20.19 -34.03
CA SER B 128 -33.97 21.00 -34.88
C SER B 128 -35.24 20.25 -35.23
N SER B 129 -36.28 20.99 -35.52
CA SER B 129 -37.53 20.40 -35.91
C SER B 129 -37.43 19.81 -37.30
N LYS B 130 -36.53 20.38 -38.10
CA LYS B 130 -36.39 19.99 -39.50
C LYS B 130 -35.14 19.21 -39.88
N SER B 131 -34.46 18.62 -38.92
CA SER B 131 -33.34 17.72 -39.20
C SER B 131 -33.52 16.47 -38.34
N THR B 132 -34.74 15.96 -38.33
CA THR B 132 -35.16 14.86 -37.45
C THR B 132 -35.48 13.59 -38.24
N SER B 133 -34.77 12.49 -37.95
CA SER B 133 -34.89 11.22 -38.67
C SER B 133 -36.14 10.39 -38.32
N GLY B 134 -37.29 10.80 -38.84
CA GLY B 134 -38.51 10.04 -38.66
C GLY B 134 -39.17 10.20 -37.29
N GLY B 135 -39.46 11.43 -36.92
CA GLY B 135 -40.12 11.70 -35.65
C GLY B 135 -39.22 11.28 -34.50
N THR B 136 -37.93 11.60 -34.60
CA THR B 136 -36.94 11.29 -33.57
C THR B 136 -35.82 12.34 -33.56
N ALA B 137 -35.86 13.25 -32.60
CA ALA B 137 -34.85 14.31 -32.49
C ALA B 137 -33.64 13.85 -31.70
N ALA B 138 -32.47 14.33 -32.11
CA ALA B 138 -31.23 14.04 -31.42
C ALA B 138 -30.67 15.33 -30.86
N LEU B 139 -30.30 15.30 -29.60
CA LEU B 139 -29.71 16.45 -28.93
C LEU B 139 -28.59 15.93 -28.06
N GLY B 140 -27.74 16.82 -27.56
CA GLY B 140 -26.61 16.42 -26.74
C GLY B 140 -25.78 17.54 -26.18
N CYS B 141 -24.67 17.19 -25.53
CA CYS B 141 -23.69 18.13 -25.00
C CYS B 141 -22.29 17.77 -25.46
N LEU B 142 -21.47 18.79 -25.75
CA LEU B 142 -20.08 18.56 -26.10
C LEU B 142 -19.25 19.02 -24.91
N VAL B 143 -18.68 18.06 -24.19
CA VAL B 143 -17.76 18.33 -23.08
C VAL B 143 -16.32 18.37 -23.62
N LYS B 144 -15.76 19.58 -23.75
CA LYS B 144 -14.50 19.78 -24.47
C LYS B 144 -13.34 20.30 -23.61
N ASP B 145 -12.14 19.84 -23.93
CA ASP B 145 -10.87 20.28 -23.36
C ASP B 145 -10.74 20.16 -21.86
N TYR B 146 -10.60 18.94 -21.36
CA TYR B 146 -10.42 18.67 -19.95
C TYR B 146 -9.30 17.67 -19.71
N PHE B 147 -8.77 17.65 -18.51
CA PHE B 147 -7.70 16.74 -18.14
C PHE B 147 -7.64 16.66 -16.61
N PRO B 148 -7.46 15.45 -16.06
CA PRO B 148 -7.46 14.20 -16.81
C PRO B 148 -8.85 13.61 -16.84
N GLU B 149 -8.92 12.33 -17.17
CA GLU B 149 -10.15 11.56 -17.10
C GLU B 149 -10.48 11.34 -15.64
N PRO B 150 -11.76 11.07 -15.31
CA PRO B 150 -12.91 10.99 -16.20
C PRO B 150 -13.88 12.14 -15.99
N VAL B 151 -14.91 12.17 -16.81
CA VAL B 151 -16.06 13.04 -16.61
C VAL B 151 -17.26 12.12 -16.69
N THR B 152 -18.28 12.42 -15.90
CA THR B 152 -19.55 11.68 -15.96
C THR B 152 -20.61 12.60 -16.51
N VAL B 153 -21.50 12.04 -17.31
CA VAL B 153 -22.62 12.79 -17.89
C VAL B 153 -23.93 12.01 -17.77
N SER B 154 -24.90 12.59 -17.08
CA SER B 154 -26.24 11.99 -17.03
C SER B 154 -27.21 12.95 -17.70
N TRP B 155 -28.46 12.53 -17.86
CA TRP B 155 -29.49 13.40 -18.41
C TRP B 155 -30.64 13.43 -17.43
N ASN B 156 -31.16 14.64 -17.18
CA ASN B 156 -32.26 14.88 -16.23
C ASN B 156 -32.08 14.31 -14.85
N SER B 157 -30.87 14.46 -14.33
CA SER B 157 -30.49 13.99 -13.03
C SER B 157 -30.73 12.49 -12.91
N GLY B 158 -30.37 11.78 -13.98
CA GLY B 158 -30.42 10.33 -14.06
C GLY B 158 -31.77 9.76 -14.45
N ALA B 159 -32.74 10.64 -14.66
CA ALA B 159 -34.10 10.23 -14.97
C ALA B 159 -34.29 9.95 -16.46
N LEU B 160 -33.30 10.33 -17.27
CA LEU B 160 -33.34 10.00 -18.70
C LEU B 160 -32.16 9.09 -19.04
N THR B 161 -32.46 7.83 -19.33
CA THR B 161 -31.42 6.87 -19.59
C THR B 161 -31.59 6.18 -20.94
N SER B 162 -32.84 6.05 -21.40
CA SER B 162 -33.14 5.39 -22.66
C SER B 162 -32.71 6.23 -23.87
N GLY B 163 -31.95 5.63 -24.77
CA GLY B 163 -31.50 6.32 -25.98
C GLY B 163 -30.34 7.26 -25.80
N VAL B 164 -29.79 7.30 -24.59
CA VAL B 164 -28.62 8.13 -24.29
C VAL B 164 -27.34 7.38 -24.66
N HIS B 165 -26.43 8.09 -25.35
CA HIS B 165 -25.13 7.52 -25.74
C HIS B 165 -24.02 8.46 -25.32
N THR B 166 -23.27 8.07 -24.30
CA THR B 166 -22.08 8.80 -23.89
C THR B 166 -20.85 8.18 -24.56
N PHE B 167 -20.24 8.94 -25.45
CA PHE B 167 -19.12 8.47 -26.23
C PHE B 167 -17.81 8.43 -25.43
N PRO B 168 -16.96 7.45 -25.73
CA PRO B 168 -15.61 7.44 -25.14
C PRO B 168 -14.86 8.72 -25.49
N ALA B 169 -14.06 9.22 -24.56
CA ALA B 169 -13.36 10.48 -24.78
C ALA B 169 -12.23 10.26 -25.76
N VAL B 170 -11.89 11.32 -26.49
CA VAL B 170 -10.77 11.28 -27.42
C VAL B 170 -9.65 12.20 -26.92
N LEU B 171 -8.41 11.71 -26.97
CA LEU B 171 -7.26 12.53 -26.57
C LEU B 171 -6.86 13.39 -27.75
N GLN B 172 -7.05 14.69 -27.61
CA GLN B 172 -6.72 15.64 -28.66
C GLN B 172 -5.23 15.89 -28.75
N SER B 173 -4.82 16.56 -29.83
CA SER B 173 -3.41 16.85 -30.05
C SER B 173 -2.89 17.81 -28.99
N SER B 174 -3.80 18.53 -28.34
CA SER B 174 -3.45 19.45 -27.27
C SER B 174 -3.12 18.72 -25.96
N GLY B 175 -3.44 17.43 -25.88
CA GLY B 175 -3.18 16.67 -24.67
C GLY B 175 -4.39 16.72 -23.76
N LEU B 176 -5.42 17.44 -24.21
CA LEU B 176 -6.68 17.58 -23.49
C LEU B 176 -7.71 16.60 -24.06
N TYR B 177 -8.62 16.09 -23.21
CA TYR B 177 -9.68 15.18 -23.66
C TYR B 177 -10.92 15.96 -24.11
N SER B 178 -11.81 15.29 -24.83
CA SER B 178 -13.01 15.89 -25.36
C SER B 178 -13.99 14.77 -25.62
N LEU B 179 -15.20 14.88 -25.10
CA LEU B 179 -16.23 13.90 -25.40
C LEU B 179 -17.57 14.57 -25.57
N SER B 180 -18.51 13.83 -26.15
CA SER B 180 -19.90 14.22 -26.35
C SER B 180 -20.83 13.15 -25.78
N SER B 181 -22.04 13.56 -25.40
CA SER B 181 -23.10 12.67 -24.94
C SER B 181 -24.36 13.01 -25.73
N VAL B 182 -24.98 12.04 -26.38
CA VAL B 182 -26.18 12.35 -27.13
C VAL B 182 -27.39 11.57 -26.62
N VAL B 183 -28.58 12.04 -26.98
CA VAL B 183 -29.83 11.39 -26.61
C VAL B 183 -30.87 11.60 -27.72
N THR B 184 -31.54 10.53 -28.14
CA THR B 184 -32.63 10.65 -29.10
C THR B 184 -33.95 10.72 -28.33
N VAL B 185 -34.73 11.78 -28.55
CA VAL B 185 -35.97 12.00 -27.81
C VAL B 185 -37.14 12.34 -28.76
N PRO B 186 -38.40 12.25 -28.28
CA PRO B 186 -39.52 12.61 -29.17
C PRO B 186 -39.42 14.04 -29.68
N SER B 187 -39.70 14.22 -30.97
CA SER B 187 -39.61 15.51 -31.64
C SER B 187 -40.72 16.50 -31.26
N SER B 188 -41.86 15.97 -30.82
CA SER B 188 -43.03 16.76 -30.45
C SER B 188 -42.89 17.34 -29.05
N SER B 189 -41.90 16.83 -28.33
CA SER B 189 -41.65 17.25 -26.96
C SER B 189 -40.49 18.21 -26.88
N LEU B 190 -40.01 18.65 -28.03
CA LEU B 190 -38.90 19.57 -28.05
C LEU B 190 -39.30 20.92 -27.46
N GLY B 191 -40.59 21.23 -27.52
CA GLY B 191 -41.08 22.49 -26.99
C GLY B 191 -41.69 22.39 -25.60
N THR B 192 -42.10 21.18 -25.21
CA THR B 192 -42.79 20.96 -23.94
C THR B 192 -41.96 20.29 -22.82
N GLN B 193 -40.96 19.50 -23.16
CA GLN B 193 -40.13 18.81 -22.17
C GLN B 193 -38.72 19.38 -22.10
N THR B 194 -38.16 19.45 -20.89
CA THR B 194 -36.82 20.03 -20.76
C THR B 194 -35.77 18.91 -20.75
N TYR B 195 -34.62 19.18 -21.37
CA TYR B 195 -33.52 18.22 -21.44
C TYR B 195 -32.23 18.89 -20.96
N ILE B 196 -31.72 18.42 -19.81
CA ILE B 196 -30.50 18.95 -19.20
C ILE B 196 -29.43 17.85 -19.09
N CYS B 197 -28.20 18.13 -19.54
CA CYS B 197 -27.08 17.19 -19.32
C CYS B 197 -26.28 17.63 -18.11
N ASN B 198 -25.93 16.66 -17.27
CA ASN B 198 -25.24 16.93 -16.01
C ASN B 198 -23.79 16.52 -16.10
N VAL B 199 -22.91 17.49 -16.30
CA VAL B 199 -21.48 17.21 -16.41
C VAL B 199 -20.75 17.40 -15.08
N ASN B 200 -19.97 16.39 -14.69
CA ASN B 200 -19.17 16.45 -13.48
C ASN B 200 -17.77 15.93 -13.79
N HIS B 201 -16.79 16.80 -13.60
CA HIS B 201 -15.38 16.47 -13.73
C HIS B 201 -14.73 16.65 -12.35
N LYS B 202 -14.62 15.57 -11.59
CA LYS B 202 -14.19 15.67 -10.20
C LYS B 202 -12.73 16.13 -10.02
N PRO B 203 -11.81 15.73 -10.94
CA PRO B 203 -10.45 16.25 -10.78
C PRO B 203 -10.35 17.79 -10.68
N SER B 204 -11.23 18.52 -11.36
CA SER B 204 -11.24 19.97 -11.31
C SER B 204 -12.36 20.59 -10.47
N ASN B 205 -13.24 19.75 -9.94
CA ASN B 205 -14.44 20.22 -9.23
C ASN B 205 -15.34 21.07 -10.13
N THR B 206 -15.59 20.56 -11.33
CA THR B 206 -16.46 21.24 -12.29
C THR B 206 -17.79 20.49 -12.42
N LYS B 207 -18.83 21.08 -11.86
CA LYS B 207 -20.19 20.55 -11.96
C LYS B 207 -21.01 21.53 -12.79
N VAL B 208 -21.57 21.04 -13.89
CA VAL B 208 -22.31 21.88 -14.80
C VAL B 208 -23.60 21.19 -15.18
N ASP B 209 -24.69 21.96 -15.11
CA ASP B 209 -25.97 21.54 -15.66
C ASP B 209 -26.22 22.39 -16.91
N LYS B 210 -26.35 21.73 -18.06
CA LYS B 210 -26.54 22.44 -19.33
C LYS B 210 -27.85 22.08 -20.00
N LYS B 211 -28.72 23.07 -20.22
CA LYS B 211 -29.96 22.84 -20.95
C LYS B 211 -29.69 22.91 -22.44
N VAL B 212 -30.19 21.91 -23.15
CA VAL B 212 -30.05 21.82 -24.59
C VAL B 212 -31.43 21.93 -25.22
N GLU B 213 -31.63 22.94 -26.06
CA GLU B 213 -32.93 23.24 -26.65
C GLU B 213 -32.77 23.65 -28.11
N PRO B 214 -33.84 23.50 -28.93
CA PRO B 214 -33.66 23.83 -30.34
C PRO B 214 -33.69 25.33 -30.61
N ALA C 9 8.37 -20.35 0.32
CA ALA C 9 8.19 -19.98 -1.08
C ALA C 9 8.24 -21.19 -1.99
N PRO C 10 7.31 -21.27 -2.96
CA PRO C 10 6.23 -20.30 -3.18
C PRO C 10 4.96 -20.64 -2.36
N GLU C 11 3.95 -19.78 -2.45
CA GLU C 11 2.70 -20.01 -1.72
C GLU C 11 1.45 -19.41 -2.42
N LEU C 12 0.26 -19.75 -1.90
CA LEU C 12 -1.02 -19.34 -2.48
C LEU C 12 -1.30 -17.83 -2.33
N LEU C 13 -1.60 -17.19 -3.44
CA LEU C 13 -1.79 -15.76 -3.51
C LEU C 13 -3.20 -15.41 -3.98
N GLY C 14 -3.81 -16.35 -4.69
CA GLY C 14 -5.13 -16.18 -5.21
C GLY C 14 -6.20 -16.54 -4.19
N VAL D 2 -14.66 3.19 2.29
CA VAL D 2 -13.90 2.57 3.36
C VAL D 2 -13.23 3.62 4.23
N LEU D 3 -13.72 3.72 5.47
CA LEU D 3 -13.25 4.71 6.45
C LEU D 3 -12.38 4.00 7.47
N THR D 4 -11.26 4.59 7.85
CA THR D 4 -10.35 3.93 8.78
C THR D 4 -10.19 4.73 10.07
N GLN D 5 -10.61 4.17 11.20
CA GLN D 5 -10.39 4.81 12.47
C GLN D 5 -9.16 4.29 13.18
N THR D 6 -8.31 5.25 13.54
CA THR D 6 -7.06 5.05 14.26
C THR D 6 -6.97 6.06 15.37
N PRO D 7 -6.53 5.64 16.56
CA PRO D 7 -6.21 4.26 16.86
C PRO D 7 -7.48 3.51 17.21
N SER D 8 -7.39 2.23 17.55
CA SER D 8 -8.61 1.52 17.93
C SER D 8 -9.04 1.86 19.35
N SER D 9 -8.09 2.38 20.14
CA SER D 9 -8.36 2.75 21.52
C SER D 9 -7.55 3.98 21.92
N VAL D 10 -8.18 4.90 22.66
CA VAL D 10 -7.49 6.10 23.10
C VAL D 10 -7.78 6.35 24.58
N SER D 11 -6.80 6.92 25.29
CA SER D 11 -6.88 7.06 26.74
C SER D 11 -6.62 8.47 27.23
N ALA D 12 -7.21 8.79 28.37
CA ALA D 12 -6.98 10.07 29.01
C ALA D 12 -7.50 10.07 30.44
N ALA D 13 -6.86 10.82 31.31
CA ALA D 13 -7.29 10.94 32.69
C ALA D 13 -8.60 11.69 32.75
N VAL D 14 -9.26 11.62 33.90
CA VAL D 14 -10.53 12.31 34.08
C VAL D 14 -10.28 13.81 34.07
N GLY D 15 -10.42 14.44 32.91
CA GLY D 15 -10.16 15.86 32.75
C GLY D 15 -9.28 16.17 31.55
N GLY D 16 -8.69 15.11 30.97
CA GLY D 16 -7.77 15.24 29.85
C GLY D 16 -8.39 15.43 28.49
N THR D 17 -7.69 14.96 27.46
CA THR D 17 -8.15 15.13 26.08
C THR D 17 -7.82 13.87 25.25
N VAL D 18 -8.75 13.47 24.38
CA VAL D 18 -8.51 12.37 23.46
C VAL D 18 -8.70 12.89 22.05
N THR D 19 -7.97 12.32 21.11
CA THR D 19 -8.10 12.71 19.73
C THR D 19 -8.32 11.45 18.88
N ILE D 20 -9.46 11.42 18.20
CA ILE D 20 -9.86 10.30 17.35
C ILE D 20 -9.85 10.71 15.88
N ASN D 21 -9.05 10.04 15.06
CA ASN D 21 -8.95 10.30 13.62
C ASN D 21 -9.83 9.40 12.75
N CYS D 22 -10.07 9.84 11.51
CA CYS D 22 -10.90 9.09 10.57
C CYS D 22 -10.43 9.38 9.15
N GLN D 23 -9.85 8.41 8.48
CA GLN D 23 -9.35 8.64 7.14
C GLN D 23 -10.24 8.01 6.11
N ALA D 24 -10.58 8.75 5.07
CA ALA D 24 -11.34 8.22 3.96
C ALA D 24 -10.39 7.87 2.82
N SER D 25 -10.79 6.94 1.97
CA SER D 25 -9.96 6.53 0.85
C SER D 25 -9.98 7.60 -0.24
N GLN D 26 -11.17 8.14 -0.52
CA GLN D 26 -11.25 9.35 -1.35
C GLN D 26 -12.10 10.40 -0.67
N SER D 27 -12.18 11.58 -1.28
CA SER D 27 -12.84 12.69 -0.65
C SER D 27 -14.34 12.42 -0.47
N VAL D 28 -14.86 12.76 0.71
CA VAL D 28 -16.29 12.68 0.99
C VAL D 28 -17.03 13.79 0.23
N TYR D 29 -18.36 13.72 0.22
CA TYR D 29 -19.17 14.66 -0.55
C TYR D 29 -19.00 16.10 -0.09
N ASN D 30 -18.75 16.99 -1.06
CA ASN D 30 -18.62 18.42 -0.84
C ASN D 30 -17.49 18.70 0.15
N LYS D 31 -16.61 17.72 0.27
CA LYS D 31 -15.46 17.73 1.14
C LYS D 31 -15.77 17.70 2.63
N ASN D 32 -17.03 17.61 3.00
CA ASN D 32 -17.37 17.73 4.42
C ASN D 32 -18.51 16.84 4.90
N TYR D 33 -18.85 15.84 4.10
CA TYR D 33 -19.87 14.87 4.48
C TYR D 33 -19.28 13.81 5.41
N LEU D 34 -19.15 14.16 6.68
CA LEU D 34 -18.58 13.28 7.68
C LEU D 34 -19.21 13.61 9.04
N ALA D 35 -19.70 12.58 9.74
CA ALA D 35 -20.34 12.74 11.06
C ALA D 35 -19.64 11.89 12.10
N TRP D 36 -19.85 12.23 13.37
CA TRP D 36 -19.27 11.47 14.47
C TRP D 36 -20.39 10.96 15.37
N TYR D 37 -20.31 9.69 15.74
CA TYR D 37 -21.33 9.03 16.58
C TYR D 37 -20.72 8.55 17.91
N GLN D 38 -21.53 8.51 18.97
CA GLN D 38 -21.12 7.96 20.27
C GLN D 38 -22.01 6.80 20.67
N GLN D 39 -21.43 5.63 20.93
CA GLN D 39 -22.25 4.49 21.29
C GLN D 39 -21.83 3.84 22.60
N LYS D 40 -22.66 4.01 23.61
CA LYS D 40 -22.43 3.35 24.87
C LYS D 40 -23.08 1.99 24.84
N PRO D 41 -22.57 1.04 25.65
CA PRO D 41 -23.06 -0.33 25.65
C PRO D 41 -24.55 -0.43 25.98
N GLY D 42 -25.29 -1.09 25.10
CA GLY D 42 -26.72 -1.27 25.29
C GLY D 42 -27.56 -0.20 24.60
N GLN D 43 -27.07 1.03 24.60
CA GLN D 43 -27.76 2.15 24.02
C GLN D 43 -27.64 2.21 22.50
N PRO D 44 -28.55 2.95 21.86
CA PRO D 44 -28.37 3.19 20.43
C PRO D 44 -27.34 4.30 20.19
N PRO D 45 -26.75 4.34 18.99
CA PRO D 45 -25.75 5.38 18.68
C PRO D 45 -26.26 6.83 18.84
N LYS D 46 -25.41 7.68 19.42
CA LYS D 46 -25.75 9.08 19.59
C LYS D 46 -24.90 9.91 18.65
N ARG D 47 -25.57 10.66 17.77
CA ARG D 47 -24.92 11.54 16.80
C ARG D 47 -24.40 12.81 17.48
N LEU D 48 -23.10 13.05 17.33
CA LEU D 48 -22.43 14.15 18.01
C LEU D 48 -22.12 15.34 17.11
N ILE D 49 -21.59 15.05 15.93
CA ILE D 49 -21.17 16.07 15.00
C ILE D 49 -21.58 15.69 13.58
N TYR D 50 -21.90 16.64 12.73
CA TYR D 50 -22.10 16.34 11.33
C TYR D 50 -21.44 17.45 10.50
N SER D 51 -21.34 17.27 9.18
CA SER D 51 -20.65 18.25 8.33
C SER D 51 -19.26 18.60 8.85
N ALA D 52 -18.53 17.58 9.30
CA ALA D 52 -17.17 17.70 9.82
C ALA D 52 -17.10 18.38 11.17
N SER D 53 -17.69 19.56 11.29
CA SER D 53 -17.55 20.39 12.49
C SER D 53 -18.81 20.86 13.21
N THR D 54 -19.95 20.88 12.55
CA THR D 54 -21.16 21.41 13.20
C THR D 54 -21.69 20.44 14.26
N LEU D 55 -21.70 20.91 15.51
CA LEU D 55 -22.18 20.12 16.63
C LEU D 55 -23.65 19.84 16.48
N ALA D 56 -24.07 18.65 16.89
CA ALA D 56 -25.47 18.33 16.78
C ALA D 56 -26.19 19.07 17.89
N SER D 57 -27.52 19.03 17.81
CA SER D 57 -28.37 19.73 18.75
C SER D 57 -28.25 19.15 20.14
N GLY D 58 -27.85 20.00 21.09
CA GLY D 58 -27.82 19.61 22.49
C GLY D 58 -26.52 18.98 22.91
N VAL D 59 -25.66 18.68 21.93
CA VAL D 59 -24.39 18.04 22.22
C VAL D 59 -23.42 19.04 22.83
N SER D 60 -22.59 18.56 23.77
CA SER D 60 -21.67 19.43 24.51
C SER D 60 -20.60 20.08 23.63
N SER D 61 -20.03 21.17 24.14
CA SER D 61 -19.01 21.94 23.43
C SER D 61 -17.66 21.28 23.58
N ARG D 62 -17.62 20.23 24.39
CA ARG D 62 -16.39 19.47 24.63
C ARG D 62 -15.94 18.73 23.39
N PHE D 63 -16.91 18.33 22.56
CA PHE D 63 -16.66 17.62 21.32
C PHE D 63 -16.41 18.58 20.15
N LYS D 64 -15.23 18.47 19.57
CA LYS D 64 -14.82 19.34 18.46
C LYS D 64 -14.42 18.56 17.21
N GLY D 65 -15.14 18.76 16.11
CA GLY D 65 -14.84 18.08 14.88
C GLY D 65 -14.14 18.99 13.91
N SER D 66 -13.13 18.48 13.23
CA SER D 66 -12.37 19.25 12.25
C SER D 66 -11.77 18.33 11.23
N GLY D 67 -11.55 18.86 10.04
CA GLY D 67 -11.01 18.06 8.95
C GLY D 67 -11.73 18.39 7.67
N SER D 68 -11.17 17.93 6.57
CA SER D 68 -11.72 18.18 5.25
C SER D 68 -11.22 17.17 4.24
N GLY D 69 -12.10 16.81 3.32
CA GLY D 69 -11.75 15.92 2.24
C GLY D 69 -11.66 14.47 2.68
N THR D 70 -10.46 14.09 3.09
CA THR D 70 -10.12 12.72 3.44
C THR D 70 -9.70 12.53 4.90
N GLN D 71 -9.12 13.56 5.53
CA GLN D 71 -8.67 13.47 6.93
C GLN D 71 -9.61 14.17 7.89
N PHE D 72 -10.02 13.49 8.95
CA PHE D 72 -10.89 14.10 9.95
C PHE D 72 -10.41 13.74 11.34
N THR D 73 -10.83 14.52 12.33
CA THR D 73 -10.43 14.27 13.71
C THR D 73 -11.52 14.77 14.67
N LEU D 74 -11.82 13.93 15.66
CA LEU D 74 -12.73 14.27 16.75
C LEU D 74 -11.95 14.37 18.05
N THR D 75 -11.79 15.58 18.56
CA THR D 75 -11.15 15.77 19.85
C THR D 75 -12.17 15.94 20.95
N ILE D 76 -11.91 15.31 22.09
CA ILE D 76 -12.77 15.43 23.25
C ILE D 76 -11.98 16.07 24.38
N SER D 77 -12.16 17.37 24.54
CA SER D 77 -11.54 18.11 25.61
C SER D 77 -12.32 17.90 26.90
N ASP D 78 -11.64 18.01 28.04
CA ASP D 78 -12.25 17.86 29.36
C ASP D 78 -12.98 16.52 29.44
N VAL D 79 -12.22 15.45 29.33
CA VAL D 79 -12.77 14.10 29.32
C VAL D 79 -13.47 13.85 30.64
N GLN D 80 -14.71 13.35 30.55
CA GLN D 80 -15.48 13.02 31.74
C GLN D 80 -15.39 11.51 31.99
N ALA D 81 -15.73 11.08 33.20
CA ALA D 81 -15.77 9.67 33.49
C ALA D 81 -16.86 9.04 32.65
N ASP D 82 -17.84 9.84 32.29
CA ASP D 82 -19.01 9.45 31.51
C ASP D 82 -18.75 9.28 30.03
N ASP D 83 -17.55 9.62 29.59
CA ASP D 83 -17.27 9.55 28.18
C ASP D 83 -16.89 8.17 27.65
N VAL D 84 -16.85 7.18 28.54
CA VAL D 84 -16.60 5.81 28.15
C VAL D 84 -17.64 5.31 27.13
N ALA D 85 -17.19 5.11 25.90
CA ALA D 85 -18.04 4.69 24.80
C ALA D 85 -17.16 4.28 23.65
N THR D 86 -17.76 3.86 22.55
CA THR D 86 -17.03 3.62 21.31
C THR D 86 -17.49 4.68 20.31
N TYR D 87 -16.55 5.38 19.67
CA TYR D 87 -16.92 6.43 18.75
C TYR D 87 -16.73 5.99 17.31
N TYR D 88 -17.71 6.29 16.46
CA TYR D 88 -17.66 5.94 15.06
C TYR D 88 -17.74 7.18 14.20
N CYS D 89 -17.02 7.19 13.09
CA CYS D 89 -17.19 8.22 12.07
C CYS D 89 -18.11 7.71 10.97
N LEU D 90 -18.79 8.61 10.28
CA LEU D 90 -19.74 8.23 9.22
C LEU D 90 -19.52 9.09 8.00
N GLY D 91 -19.24 8.49 6.86
CA GLY D 91 -18.94 9.27 5.68
C GLY D 91 -19.68 8.81 4.45
N SER D 92 -19.67 9.66 3.43
CA SER D 92 -20.23 9.32 2.14
C SER D 92 -19.58 10.12 1.03
N TYR D 93 -19.44 9.50 -0.14
CA TYR D 93 -18.89 10.16 -1.32
C TYR D 93 -19.94 10.85 -2.17
N ASP D 94 -21.09 10.21 -2.31
CA ASP D 94 -22.16 10.66 -3.19
C ASP D 94 -23.47 10.93 -2.47
N GLN D 95 -23.41 11.07 -1.15
CA GLN D 95 -24.56 11.37 -0.29
C GLN D 95 -25.59 10.25 -0.17
N ALA D 96 -25.36 9.12 -0.81
CA ALA D 96 -26.32 8.03 -0.77
C ALA D 96 -25.77 6.85 0.02
N ALA D 97 -24.73 6.22 -0.50
CA ALA D 97 -24.08 5.10 0.16
C ALA D 97 -23.16 5.56 1.31
N HIS D 98 -23.45 5.08 2.51
CA HIS D 98 -22.72 5.45 3.72
C HIS D 98 -21.84 4.34 4.27
N ALA D 99 -20.95 4.70 5.18
CA ALA D 99 -20.06 3.76 5.84
C ALA D 99 -19.60 4.32 7.19
N PHE D 100 -19.56 3.45 8.20
CA PHE D 100 -19.01 3.82 9.50
C PHE D 100 -17.57 3.35 9.54
N GLY D 101 -16.73 4.01 10.33
CA GLY D 101 -15.37 3.54 10.54
C GLY D 101 -15.41 2.38 11.51
N GLY D 102 -14.26 1.77 11.76
CA GLY D 102 -14.17 0.61 12.64
C GLY D 102 -14.48 0.87 14.09
N GLY D 103 -14.31 2.12 14.52
CA GLY D 103 -14.59 2.52 15.88
C GLY D 103 -13.34 2.69 16.71
N THR D 104 -13.42 3.59 17.68
CA THR D 104 -12.34 3.87 18.63
C THR D 104 -12.88 3.94 20.04
N LYS D 105 -12.49 3.01 20.86
CA LYS D 105 -12.98 2.98 22.20
C LYS D 105 -12.19 3.92 23.10
N VAL D 106 -12.85 4.75 23.86
CA VAL D 106 -12.19 5.65 24.79
C VAL D 106 -12.10 5.04 26.20
N VAL D 107 -10.87 4.86 26.68
CA VAL D 107 -10.60 4.30 27.99
C VAL D 107 -10.26 5.43 28.94
N VAL D 108 -10.94 5.51 30.09
CA VAL D 108 -10.62 6.52 31.09
C VAL D 108 -9.61 6.05 32.12
N GLU D 109 -8.50 6.76 32.21
CA GLU D 109 -7.42 6.41 33.16
C GLU D 109 -7.70 6.82 34.60
N ARG D 110 -7.19 6.02 35.50
CA ARG D 110 -7.25 6.31 36.91
C ARG D 110 -6.19 5.47 37.62
N THR D 111 -6.06 5.66 38.91
CA THR D 111 -5.08 4.91 39.70
C THR D 111 -5.42 3.44 39.80
N VAL D 112 -4.39 2.61 39.92
CA VAL D 112 -4.55 1.18 39.96
C VAL D 112 -5.36 0.72 41.17
N ALA D 113 -6.24 -0.25 40.95
CA ALA D 113 -7.09 -0.78 42.00
C ALA D 113 -7.13 -2.31 41.93
N ALA D 114 -6.78 -2.96 43.03
CA ALA D 114 -6.78 -4.41 43.08
C ALA D 114 -8.21 -4.96 43.18
N PRO D 115 -8.48 -6.08 42.50
CA PRO D 115 -9.83 -6.64 42.52
C PRO D 115 -10.22 -7.24 43.86
N SER D 116 -11.48 -7.08 44.25
CA SER D 116 -12.05 -7.80 45.37
C SER D 116 -12.56 -9.16 44.89
N VAL D 117 -12.00 -10.24 45.43
CA VAL D 117 -12.37 -11.59 44.99
C VAL D 117 -13.40 -12.23 45.91
N PHE D 118 -14.42 -12.83 45.29
CA PHE D 118 -15.46 -13.55 46.00
C PHE D 118 -15.66 -14.87 45.28
N ILE D 119 -15.78 -15.97 46.00
CA ILE D 119 -16.07 -17.25 45.35
C ILE D 119 -17.45 -17.75 45.74
N PHE D 120 -18.17 -18.32 44.77
CA PHE D 120 -19.54 -18.78 44.96
C PHE D 120 -19.67 -20.25 44.58
N PRO D 121 -19.95 -21.11 45.57
CA PRO D 121 -20.21 -22.54 45.31
C PRO D 121 -21.52 -22.75 44.58
N PRO D 122 -21.71 -23.90 43.91
CA PRO D 122 -22.99 -24.09 43.23
C PRO D 122 -24.16 -24.26 44.20
N SER D 123 -25.31 -23.69 43.88
CA SER D 123 -26.46 -23.75 44.76
C SER D 123 -27.02 -25.16 44.79
N ASP D 124 -27.69 -25.54 45.87
CA ASP D 124 -28.22 -26.88 45.99
C ASP D 124 -29.34 -27.11 44.98
N GLU D 125 -29.94 -26.01 44.52
CA GLU D 125 -30.96 -26.04 43.48
C GLU D 125 -30.40 -26.48 42.14
N GLN D 126 -29.15 -26.09 41.89
CA GLN D 126 -28.47 -26.44 40.65
C GLN D 126 -28.03 -27.87 40.64
N LEU D 127 -27.53 -28.33 41.79
CA LEU D 127 -27.14 -29.71 41.95
C LEU D 127 -28.28 -30.74 41.76
N LYS D 128 -29.53 -30.36 41.94
CA LYS D 128 -30.63 -31.29 41.67
C LYS D 128 -30.81 -31.55 40.17
N SER D 129 -30.60 -30.53 39.35
CA SER D 129 -30.72 -30.65 37.89
C SER D 129 -29.55 -31.46 37.31
N GLY D 130 -28.46 -31.55 38.05
CA GLY D 130 -27.33 -32.36 37.62
C GLY D 130 -26.18 -31.59 37.02
N THR D 131 -25.96 -30.37 37.51
CA THR D 131 -24.83 -29.57 37.06
C THR D 131 -24.37 -28.72 38.23
N ALA D 132 -23.11 -28.33 38.22
CA ALA D 132 -22.55 -27.53 39.30
C ALA D 132 -21.70 -26.40 38.71
N SER D 133 -22.16 -25.17 38.85
CA SER D 133 -21.43 -24.03 38.33
C SER D 133 -20.75 -23.30 39.47
N VAL D 134 -19.42 -23.24 39.46
CA VAL D 134 -18.71 -22.49 40.51
C VAL D 134 -18.23 -21.17 39.96
N VAL D 135 -18.75 -20.07 40.51
CA VAL D 135 -18.49 -18.74 39.97
C VAL D 135 -17.44 -18.01 40.78
N CYS D 136 -16.66 -17.17 40.12
CA CYS D 136 -15.64 -16.41 40.79
C CYS D 136 -15.72 -14.96 40.35
N LEU D 137 -16.01 -14.05 41.29
CA LEU D 137 -16.20 -12.63 40.98
C LEU D 137 -14.95 -11.81 41.26
N LEU D 138 -14.51 -11.01 40.30
CA LEU D 138 -13.44 -10.04 40.52
C LEU D 138 -14.01 -8.65 40.39
N ASN D 139 -14.09 -7.90 41.48
CA ASN D 139 -14.89 -6.67 41.50
C ASN D 139 -14.07 -5.35 41.59
N ASN D 140 -14.36 -4.43 40.68
CA ASN D 140 -13.79 -3.07 40.67
C ASN D 140 -12.28 -3.02 40.68
N PHE D 141 -11.70 -3.30 39.54
CA PHE D 141 -10.25 -3.25 39.43
C PHE D 141 -9.86 -2.44 38.21
N TYR D 142 -8.64 -1.92 38.22
CA TYR D 142 -8.10 -1.18 37.10
C TYR D 142 -6.60 -1.39 37.12
N PRO D 143 -5.98 -1.66 35.96
CA PRO D 143 -6.53 -1.73 34.60
C PRO D 143 -7.25 -3.03 34.25
N ARG D 144 -7.64 -3.18 33.00
CA ARG D 144 -8.42 -4.31 32.54
C ARG D 144 -7.80 -5.68 32.68
N GLU D 145 -6.50 -5.76 32.45
CA GLU D 145 -5.81 -7.07 32.43
C GLU D 145 -5.90 -7.87 33.73
N ALA D 146 -6.44 -9.09 33.65
CA ALA D 146 -6.55 -9.92 34.85
C ALA D 146 -6.58 -11.39 34.47
N LYS D 147 -6.15 -12.24 35.40
CA LYS D 147 -5.98 -13.65 35.12
C LYS D 147 -6.62 -14.52 36.19
N VAL D 148 -7.41 -15.49 35.74
CA VAL D 148 -8.10 -16.41 36.62
C VAL D 148 -7.81 -17.85 36.24
N GLN D 149 -7.36 -18.62 37.22
CA GLN D 149 -7.08 -20.04 37.04
C GLN D 149 -7.82 -20.83 38.08
N TRP D 150 -8.57 -21.84 37.63
CA TRP D 150 -9.31 -22.69 38.55
C TRP D 150 -8.50 -23.90 38.96
N LYS D 151 -8.76 -24.40 40.17
CA LYS D 151 -8.08 -25.56 40.73
C LYS D 151 -9.10 -26.40 41.48
N VAL D 152 -9.24 -27.65 41.08
CA VAL D 152 -10.07 -28.59 41.83
C VAL D 152 -9.22 -29.71 42.43
N ASP D 153 -8.99 -29.64 43.75
CA ASP D 153 -8.02 -30.49 44.44
C ASP D 153 -6.63 -30.40 43.81
N ASN D 154 -6.13 -29.19 43.69
CA ASN D 154 -4.83 -28.95 43.12
C ASN D 154 -4.68 -29.50 41.70
N ALA D 155 -5.78 -29.60 40.97
CA ALA D 155 -5.79 -30.02 39.58
C ALA D 155 -6.18 -28.84 38.72
N LEU D 156 -5.26 -28.40 37.89
CA LEU D 156 -5.48 -27.25 37.02
C LEU D 156 -6.66 -27.50 36.10
N GLN D 157 -7.63 -26.58 36.08
CA GLN D 157 -8.77 -26.73 35.20
C GLN D 157 -8.55 -25.90 33.93
N SER D 158 -8.88 -26.47 32.78
CA SER D 158 -8.69 -25.77 31.51
C SER D 158 -9.71 -26.18 30.47
N GLY D 159 -10.33 -25.18 29.84
CA GLY D 159 -11.30 -25.41 28.79
C GLY D 159 -12.74 -25.44 29.26
N ASN D 160 -12.92 -25.69 30.56
CA ASN D 160 -14.26 -25.79 31.14
C ASN D 160 -14.62 -24.58 32.00
N SER D 161 -14.11 -23.42 31.60
CA SER D 161 -14.44 -22.18 32.29
C SER D 161 -14.59 -21.01 31.31
N GLN D 162 -15.65 -20.22 31.48
CA GLN D 162 -15.88 -19.02 30.66
C GLN D 162 -15.91 -17.76 31.51
N GLU D 163 -15.47 -16.65 30.93
CA GLU D 163 -15.48 -15.41 31.64
C GLU D 163 -16.26 -14.32 30.98
N SER D 164 -16.53 -13.28 31.74
CA SER D 164 -17.21 -12.09 31.23
C SER D 164 -16.66 -10.91 31.97
N VAL D 165 -16.24 -9.89 31.23
CA VAL D 165 -15.79 -8.64 31.83
C VAL D 165 -16.77 -7.52 31.49
N THR D 166 -17.09 -6.67 32.45
CA THR D 166 -17.96 -5.52 32.18
C THR D 166 -17.19 -4.38 31.52
N GLU D 167 -17.89 -3.49 30.87
CA GLU D 167 -17.27 -2.29 30.38
C GLU D 167 -16.88 -1.39 31.50
N GLN D 168 -16.07 -0.42 31.19
CA GLN D 168 -15.56 0.47 32.20
C GLN D 168 -16.68 1.28 32.86
N ASP D 169 -16.72 1.28 34.19
CA ASP D 169 -17.80 1.92 34.93
C ASP D 169 -17.84 3.42 34.67
N SER D 170 -19.05 3.95 34.66
CA SER D 170 -19.30 5.35 34.27
C SER D 170 -18.94 6.39 35.32
N LYS D 171 -18.70 5.94 36.53
CA LYS D 171 -18.37 6.81 37.62
C LYS D 171 -16.96 6.65 38.15
N ASP D 172 -16.61 5.45 38.58
CA ASP D 172 -15.29 5.17 39.13
C ASP D 172 -14.25 4.66 38.12
N SER D 173 -14.67 4.36 36.90
CA SER D 173 -13.78 3.90 35.82
C SER D 173 -13.09 2.57 36.10
N THR D 174 -13.77 1.68 36.81
CA THR D 174 -13.20 0.37 37.10
C THR D 174 -13.83 -0.70 36.23
N TYR D 175 -13.24 -1.89 36.23
CA TYR D 175 -13.79 -3.05 35.54
C TYR D 175 -14.20 -4.14 36.55
N SER D 176 -15.05 -5.07 36.13
CA SER D 176 -15.37 -6.24 36.94
C SER D 176 -15.45 -7.48 36.06
N LEU D 177 -15.10 -8.64 36.61
CA LEU D 177 -14.99 -9.88 35.84
C LEU D 177 -15.71 -11.02 36.53
N SER D 178 -16.31 -11.91 35.74
CA SER D 178 -16.96 -13.09 36.28
C SER D 178 -16.57 -14.37 35.54
N SER D 179 -15.93 -15.30 36.26
CA SER D 179 -15.53 -16.58 35.70
C SER D 179 -16.36 -17.71 36.27
N THR D 180 -16.95 -18.52 35.40
CA THR D 180 -17.82 -19.62 35.80
C THR D 180 -17.16 -20.97 35.47
N LEU D 181 -16.87 -21.75 36.50
CA LEU D 181 -16.35 -23.10 36.34
C LEU D 181 -17.50 -24.09 36.29
N THR D 182 -17.73 -24.69 35.14
CA THR D 182 -18.85 -25.59 34.99
C THR D 182 -18.40 -27.06 35.02
N LEU D 183 -18.88 -27.80 36.01
CA LEU D 183 -18.66 -29.22 36.10
C LEU D 183 -19.99 -29.97 36.20
N SER D 184 -19.97 -31.28 36.04
CA SER D 184 -21.17 -32.06 36.21
C SER D 184 -21.46 -32.29 37.69
N LYS D 185 -22.63 -32.77 38.04
CA LYS D 185 -22.91 -33.08 39.43
C LYS D 185 -21.98 -34.16 39.89
N ALA D 186 -21.77 -35.13 38.99
CA ALA D 186 -20.90 -36.26 39.25
C ALA D 186 -19.45 -35.91 39.54
N ASP D 187 -18.83 -35.13 38.71
CA ASP D 187 -17.46 -34.82 38.96
C ASP D 187 -17.38 -33.91 40.17
N TYR D 188 -18.43 -33.13 40.41
CA TYR D 188 -18.45 -32.18 41.51
C TYR D 188 -18.53 -33.03 42.75
N GLU D 189 -19.15 -34.20 42.69
CA GLU D 189 -19.26 -34.99 43.91
C GLU D 189 -18.05 -35.91 44.12
N LYS D 190 -17.02 -35.81 43.30
CA LYS D 190 -15.75 -36.51 43.55
C LYS D 190 -14.56 -35.70 44.07
N HIS D 191 -14.81 -34.41 44.33
CA HIS D 191 -13.75 -33.51 44.79
C HIS D 191 -14.16 -32.71 46.01
N LYS D 192 -13.17 -32.08 46.63
CA LYS D 192 -13.38 -31.30 47.82
C LYS D 192 -13.02 -29.86 47.67
N VAL D 193 -11.77 -29.57 47.40
CA VAL D 193 -11.27 -28.19 47.32
C VAL D 193 -11.47 -27.51 45.95
N TYR D 194 -12.17 -26.38 45.96
CA TYR D 194 -12.41 -25.60 44.74
C TYR D 194 -11.83 -24.23 44.95
N ALA D 195 -10.75 -23.91 44.25
CA ALA D 195 -10.05 -22.65 44.46
C ALA D 195 -10.02 -21.80 43.20
N CYS D 196 -9.84 -20.50 43.43
CA CYS D 196 -9.79 -19.47 42.40
C CYS D 196 -8.65 -18.51 42.61
N GLU D 197 -7.56 -18.68 41.88
CA GLU D 197 -6.42 -17.78 42.00
C GLU D 197 -6.48 -16.60 41.03
N VAL D 198 -6.32 -15.39 41.55
CA VAL D 198 -6.40 -14.19 40.73
C VAL D 198 -5.11 -13.42 40.66
N THR D 199 -4.62 -13.21 39.45
CA THR D 199 -3.43 -12.40 39.28
C THR D 199 -3.84 -11.03 38.78
N HIS D 200 -3.20 -10.00 39.31
CA HIS D 200 -3.52 -8.64 38.93
C HIS D 200 -2.42 -7.65 39.27
N GLN D 201 -2.39 -6.55 38.53
CA GLN D 201 -1.39 -5.49 38.67
C GLN D 201 -1.40 -4.87 40.05
N GLY D 202 -2.59 -4.48 40.50
CA GLY D 202 -2.78 -3.87 41.81
C GLY D 202 -2.38 -4.77 42.97
N LEU D 203 -2.35 -6.08 42.72
CA LEU D 203 -1.95 -7.11 43.70
C LEU D 203 -0.42 -7.44 43.71
N SER D 204 0.14 -7.64 44.90
CA SER D 204 1.53 -8.07 45.04
C SER D 204 1.75 -9.57 44.81
N SER D 205 0.82 -10.39 45.29
CA SER D 205 0.87 -11.83 45.09
C SER D 205 -0.51 -12.35 44.65
N PRO D 206 -0.57 -13.52 44.01
CA PRO D 206 -1.86 -14.05 43.58
C PRO D 206 -2.79 -14.44 44.74
N VAL D 207 -3.92 -13.74 44.86
CA VAL D 207 -4.94 -14.03 45.88
C VAL D 207 -5.82 -15.22 45.48
N THR D 208 -6.13 -16.06 46.46
CA THR D 208 -6.90 -17.27 46.25
C THR D 208 -8.13 -17.25 47.14
N LYS D 209 -9.30 -17.47 46.55
CA LYS D 209 -10.49 -17.66 47.31
C LYS D 209 -10.94 -19.05 47.05
N SER D 210 -11.32 -19.79 48.06
CA SER D 210 -11.67 -21.18 47.86
C SER D 210 -12.69 -21.66 48.88
N PHE D 211 -13.17 -22.88 48.71
CA PHE D 211 -14.08 -23.49 49.66
C PHE D 211 -13.98 -25.00 49.63
N ASN D 212 -14.49 -25.63 50.68
CA ASN D 212 -14.56 -27.07 50.73
C ASN D 212 -16.01 -27.51 50.64
N ARG D 213 -16.28 -28.49 49.80
CA ARG D 213 -17.60 -28.96 49.52
C ARG D 213 -18.30 -29.67 50.64
N GLY D 214 -19.53 -29.24 50.93
CA GLY D 214 -20.25 -29.81 52.04
C GLY D 214 -19.95 -29.16 53.38
N GLU D 215 -19.36 -27.97 53.36
CA GLU D 215 -19.01 -27.30 54.61
C GLU D 215 -19.58 -25.89 54.66
N SER E 2 -40.70 9.75 15.63
CA SER E 2 -40.04 8.56 16.17
C SER E 2 -40.17 7.40 15.20
N VAL E 3 -39.19 6.49 15.25
CA VAL E 3 -39.20 5.25 14.49
C VAL E 3 -39.02 4.06 15.43
N GLU E 4 -39.36 2.87 14.94
CA GLU E 4 -39.22 1.62 15.68
C GLU E 4 -39.13 0.39 14.79
N GLU E 5 -38.27 -0.56 15.14
CA GLU E 5 -38.11 -1.76 14.32
C GLU E 5 -38.88 -2.93 14.92
N SER E 6 -39.29 -3.85 14.05
CA SER E 6 -40.01 -5.04 14.45
C SER E 6 -39.64 -6.19 13.55
N GLY E 7 -39.85 -7.40 14.03
CA GLY E 7 -39.56 -8.60 13.26
C GLY E 7 -38.30 -9.35 13.65
N GLY E 8 -37.57 -8.81 14.62
CA GLY E 8 -36.36 -9.47 15.05
C GLY E 8 -36.69 -10.78 15.76
N ARG E 9 -36.08 -11.87 15.31
CA ARG E 9 -36.41 -13.17 15.86
C ARG E 9 -35.37 -14.20 15.57
N LEU E 10 -35.55 -15.37 16.17
CA LEU E 10 -34.72 -16.54 15.91
C LEU E 10 -35.16 -17.28 14.66
N VAL E 11 -34.31 -17.26 13.62
CA VAL E 11 -34.60 -17.99 12.39
C VAL E 11 -33.47 -18.97 12.13
N THR E 12 -33.81 -20.07 11.47
CA THR E 12 -32.78 -21.04 11.13
C THR E 12 -32.07 -20.57 9.87
N PRO E 13 -30.81 -20.94 9.71
CA PRO E 13 -30.10 -20.44 8.54
C PRO E 13 -30.78 -20.92 7.27
N GLY E 14 -31.00 -19.98 6.37
CA GLY E 14 -31.69 -20.26 5.12
C GLY E 14 -33.09 -19.70 5.12
N THR E 15 -33.61 -19.44 6.31
CA THR E 15 -34.97 -18.94 6.44
C THR E 15 -35.13 -17.48 6.06
N PRO E 16 -36.00 -17.18 5.09
CA PRO E 16 -36.21 -15.78 4.74
C PRO E 16 -36.79 -15.01 5.94
N LEU E 17 -36.20 -13.87 6.27
CA LEU E 17 -36.67 -13.04 7.36
C LEU E 17 -36.97 -11.63 6.89
N THR E 18 -38.04 -11.03 7.37
CA THR E 18 -38.36 -9.66 6.98
C THR E 18 -38.54 -8.77 8.21
N LEU E 19 -37.73 -7.72 8.28
CA LEU E 19 -37.83 -6.74 9.35
C LEU E 19 -38.60 -5.50 8.86
N THR E 20 -39.33 -4.86 9.75
CA THR E 20 -40.16 -3.70 9.41
C THR E 20 -39.75 -2.50 10.24
N CYS E 21 -39.74 -1.32 9.63
CA CYS E 21 -39.50 -0.07 10.34
C CYS E 21 -40.77 0.76 10.25
N THR E 22 -41.50 0.84 11.36
CA THR E 22 -42.70 1.67 11.38
C THR E 22 -42.36 3.09 11.82
N VAL E 23 -43.00 4.10 11.22
CA VAL E 23 -42.68 5.50 11.52
C VAL E 23 -43.88 6.28 12.08
N SER E 24 -43.60 7.36 12.80
CA SER E 24 -44.63 8.20 13.43
C SER E 24 -44.17 9.66 13.59
N GLY E 25 -45.08 10.60 13.33
CA GLY E 25 -44.79 12.02 13.51
C GLY E 25 -44.20 12.70 12.29
N PHE E 26 -44.06 11.97 11.19
CA PHE E 26 -43.49 12.54 9.97
C PHE E 26 -43.90 11.73 8.74
N SER E 27 -43.88 12.37 7.57
CA SER E 27 -44.24 11.67 6.35
C SER E 27 -43.06 10.82 5.92
N LEU E 28 -43.34 9.60 5.53
CA LEU E 28 -42.31 8.69 5.10
C LEU E 28 -41.74 9.19 3.79
N SER E 29 -42.57 9.89 3.06
CA SER E 29 -42.26 10.38 1.76
C SER E 29 -41.37 11.61 1.79
N SER E 30 -41.33 12.26 2.94
CA SER E 30 -40.55 13.48 3.15
C SER E 30 -39.08 13.26 3.57
N TYR E 31 -38.82 12.20 4.34
CA TYR E 31 -37.47 11.91 4.83
C TYR E 31 -36.90 10.60 4.30
N PRO E 32 -35.56 10.52 4.17
CA PRO E 32 -34.92 9.26 3.76
C PRO E 32 -34.74 8.30 4.94
N MET E 33 -34.85 7.00 4.66
CA MET E 33 -34.77 5.95 5.68
C MET E 33 -33.54 5.05 5.45
N ASN E 34 -32.83 4.72 6.51
CA ASN E 34 -31.62 3.89 6.39
C ASN E 34 -31.72 2.67 7.31
N TRP E 35 -30.99 1.60 6.96
CA TRP E 35 -30.88 0.39 7.78
C TRP E 35 -29.43 0.16 8.17
N VAL E 36 -29.20 0.03 9.47
CA VAL E 36 -27.90 -0.22 10.04
C VAL E 36 -27.98 -1.44 10.95
N ARG E 37 -26.93 -2.25 11.00
CA ARG E 37 -26.94 -3.38 11.91
C ARG E 37 -25.67 -3.43 12.76
N GLN E 38 -25.68 -4.28 13.79
CA GLN E 38 -24.54 -4.39 14.68
C GLN E 38 -24.49 -5.76 15.33
N ALA E 39 -23.52 -6.56 14.92
CA ALA E 39 -23.29 -7.88 15.51
C ALA E 39 -22.81 -7.72 16.91
N PRO E 40 -23.14 -8.68 17.78
CA PRO E 40 -22.79 -8.60 19.20
C PRO E 40 -21.31 -8.34 19.41
N GLY E 41 -20.99 -7.24 20.09
CA GLY E 41 -19.62 -6.84 20.35
C GLY E 41 -18.84 -6.34 19.14
N LYS E 42 -19.57 -5.93 18.11
CA LYS E 42 -18.98 -5.43 16.86
C LYS E 42 -19.47 -4.02 16.57
N GLY E 43 -18.96 -3.44 15.50
CA GLY E 43 -19.27 -2.07 15.12
C GLY E 43 -20.49 -1.93 14.25
N LEU E 44 -20.90 -0.70 14.04
CA LEU E 44 -22.03 -0.39 13.20
C LEU E 44 -21.74 -0.58 11.73
N GLU E 45 -22.70 -1.09 10.98
CA GLU E 45 -22.55 -1.36 9.56
C GLU E 45 -23.75 -0.83 8.78
N TRP E 46 -23.53 0.06 7.81
CA TRP E 46 -24.62 0.56 6.96
C TRP E 46 -24.97 -0.47 5.88
N ILE E 47 -26.21 -0.96 5.93
CA ILE E 47 -26.71 -1.93 4.97
C ILE E 47 -27.24 -1.29 3.70
N GLY E 48 -28.25 -0.43 3.85
CA GLY E 48 -28.84 0.25 2.71
C GLY E 48 -29.81 1.32 3.17
N GLY E 49 -30.57 1.89 2.25
CA GLY E 49 -31.52 2.94 2.57
C GLY E 49 -32.35 3.41 1.40
N ILE E 50 -33.48 4.08 1.68
CA ILE E 50 -34.37 4.60 0.64
C ILE E 50 -34.47 6.12 0.63
N GLY E 51 -34.47 6.73 -0.55
CA GLY E 51 -34.61 8.17 -0.63
C GLY E 51 -36.06 8.62 -0.55
N THR E 52 -36.26 9.92 -0.74
CA THR E 52 -37.59 10.49 -0.69
C THR E 52 -38.33 10.18 -1.98
N SER E 53 -37.57 10.08 -3.06
CA SER E 53 -38.12 9.78 -4.35
C SER E 53 -38.61 8.36 -4.42
N GLY E 54 -37.85 7.44 -3.87
CA GLY E 54 -38.24 6.06 -3.86
C GLY E 54 -37.09 5.13 -4.15
N ASN E 55 -36.01 5.71 -4.70
CA ASN E 55 -34.81 4.97 -5.09
C ASN E 55 -34.05 4.38 -3.91
N ILE E 56 -33.40 3.25 -4.12
CA ILE E 56 -32.81 2.50 -3.01
C ILE E 56 -31.34 2.19 -3.24
N TRP E 57 -30.55 2.29 -2.17
CA TRP E 57 -29.12 2.03 -2.22
C TRP E 57 -28.71 0.96 -1.23
N TYR E 58 -27.64 0.25 -1.55
CA TYR E 58 -27.11 -0.79 -0.70
C TYR E 58 -25.61 -0.65 -0.61
N ALA E 59 -25.05 -1.23 0.44
CA ALA E 59 -23.61 -1.34 0.54
C ALA E 59 -23.15 -2.43 -0.41
N SER E 60 -21.89 -2.38 -0.83
CA SER E 60 -21.35 -3.32 -1.81
C SER E 60 -21.48 -4.76 -1.35
N TRP E 61 -21.15 -5.00 -0.09
CA TRP E 61 -21.21 -6.34 0.47
C TRP E 61 -22.63 -6.81 0.68
N ALA E 62 -23.55 -5.86 0.84
CA ALA E 62 -24.94 -6.17 1.15
C ALA E 62 -25.81 -6.30 -0.09
N LYS E 63 -25.23 -6.11 -1.26
CA LYS E 63 -26.00 -6.25 -2.49
C LYS E 63 -26.30 -7.70 -2.82
N GLY E 64 -27.58 -8.00 -2.82
CA GLY E 64 -28.08 -9.35 -3.04
C GLY E 64 -28.55 -10.04 -1.77
N ARG E 65 -27.83 -9.93 -0.67
CA ARG E 65 -28.28 -10.54 0.57
C ARG E 65 -29.45 -9.82 1.21
N PHE E 66 -29.62 -8.56 0.88
CA PHE E 66 -30.63 -7.71 1.50
C PHE E 66 -31.49 -7.03 0.45
N ILE E 67 -32.78 -6.89 0.75
CA ILE E 67 -33.71 -6.16 -0.07
C ILE E 67 -34.51 -5.15 0.75
N ILE E 68 -34.46 -3.87 0.34
CA ILE E 68 -35.19 -2.81 1.05
C ILE E 68 -36.28 -2.23 0.15
N SER E 69 -37.43 -1.85 0.72
CA SER E 69 -38.56 -1.37 -0.07
C SER E 69 -39.60 -0.63 0.77
N ARG E 70 -40.63 -0.11 0.12
CA ARG E 70 -41.79 0.44 0.83
C ARG E 70 -42.81 -0.65 1.05
N ALA E 71 -43.18 -0.91 2.29
CA ALA E 71 -44.24 -1.91 2.51
C ALA E 71 -45.62 -1.26 2.53
N SER E 72 -45.74 -0.15 3.24
CA SER E 72 -46.99 0.60 3.35
C SER E 72 -46.67 2.09 3.33
N SER E 73 -47.63 2.87 3.75
CA SER E 73 -47.53 4.30 3.75
C SER E 73 -46.74 4.71 4.93
N THR E 74 -46.65 3.80 5.89
CA THR E 74 -45.99 4.06 7.15
C THR E 74 -44.91 3.04 7.49
N THR E 75 -44.55 2.19 6.53
CA THR E 75 -43.53 1.19 6.81
C THR E 75 -42.46 1.09 5.71
N VAL E 76 -41.30 0.62 6.14
CA VAL E 76 -40.16 0.33 5.28
C VAL E 76 -39.64 -1.04 5.71
N ASP E 77 -39.50 -1.96 4.76
CA ASP E 77 -39.08 -3.31 5.06
C ASP E 77 -37.59 -3.56 4.86
N LEU E 78 -37.13 -4.69 5.39
CA LEU E 78 -35.77 -5.19 5.21
C LEU E 78 -35.83 -6.72 5.20
N LYS E 79 -35.77 -7.32 4.04
CA LYS E 79 -35.80 -8.77 3.94
C LYS E 79 -34.37 -9.33 3.77
N VAL E 80 -33.97 -10.22 4.67
CA VAL E 80 -32.72 -10.94 4.49
C VAL E 80 -33.09 -12.25 3.78
N THR E 81 -32.60 -12.38 2.55
CA THR E 81 -33.06 -13.39 1.62
C THR E 81 -32.58 -14.80 1.98
N SER E 82 -31.32 -14.91 2.39
CA SER E 82 -30.74 -16.18 2.86
C SER E 82 -29.80 -15.99 4.07
N PRO E 83 -30.36 -15.85 5.28
CA PRO E 83 -29.58 -15.59 6.49
C PRO E 83 -28.65 -16.71 6.92
N THR E 84 -27.51 -16.30 7.45
CA THR E 84 -26.54 -17.23 7.98
C THR E 84 -26.17 -16.74 9.37
N THR E 85 -25.36 -17.52 10.07
CA THR E 85 -25.00 -17.24 11.44
C THR E 85 -24.23 -15.93 11.61
N GLU E 86 -23.70 -15.41 10.51
CA GLU E 86 -22.99 -14.13 10.48
C GLU E 86 -23.99 -12.95 10.49
N ASP E 87 -25.25 -13.25 10.20
CA ASP E 87 -26.34 -12.27 10.17
C ASP E 87 -27.02 -12.01 11.52
N THR E 88 -26.59 -12.70 12.57
CA THR E 88 -27.08 -12.46 13.91
C THR E 88 -26.65 -11.09 14.37
N ALA E 89 -27.61 -10.19 14.56
CA ALA E 89 -27.27 -8.82 14.87
C ALA E 89 -28.49 -8.04 15.30
N THR E 90 -28.21 -6.89 15.89
CA THR E 90 -29.20 -5.87 16.19
C THR E 90 -29.38 -4.98 14.96
N TYR E 91 -30.58 -5.01 14.40
CA TYR E 91 -30.85 -4.21 13.22
C TYR E 91 -31.57 -2.94 13.64
N PHE E 92 -31.02 -1.79 13.22
CA PHE E 92 -31.55 -0.46 13.47
C PHE E 92 -32.15 0.14 12.22
N CYS E 93 -33.23 0.88 12.37
CA CYS E 93 -33.73 1.69 11.28
C CYS E 93 -33.70 3.15 11.73
N ALA E 94 -33.57 4.06 10.79
CA ALA E 94 -33.41 5.46 11.13
C ALA E 94 -33.91 6.42 10.06
N ARG E 95 -34.56 7.47 10.52
CA ARG E 95 -34.89 8.60 9.67
C ARG E 95 -33.57 9.35 9.47
N GLY E 96 -33.07 9.40 8.24
CA GLY E 96 -31.78 10.00 7.98
C GLY E 96 -30.62 9.24 8.58
N LEU E 97 -29.50 9.93 8.80
CA LEU E 97 -28.33 9.29 9.37
C LEU E 97 -27.32 10.36 9.72
N TYR E 98 -27.50 11.51 9.09
CA TYR E 98 -26.48 12.53 9.04
C TYR E 98 -26.96 13.91 9.55
N ASN E 99 -28.02 14.46 8.97
CA ASN E 99 -28.52 15.80 9.37
C ASN E 99 -29.21 15.85 10.75
N ASP E 100 -29.64 17.03 11.16
CA ASP E 100 -30.27 17.17 12.46
C ASP E 100 -31.60 16.47 12.61
N TYR E 101 -32.25 16.19 11.50
CA TYR E 101 -33.54 15.50 11.56
C TYR E 101 -33.42 14.00 11.76
N THR E 102 -32.21 13.53 12.03
CA THR E 102 -31.94 12.11 12.24
C THR E 102 -32.56 11.56 13.52
N VAL E 103 -33.36 10.50 13.40
CA VAL E 103 -33.89 9.82 14.58
C VAL E 103 -33.73 8.31 14.35
N TRP E 104 -33.13 7.64 15.33
CA TRP E 104 -32.91 6.19 15.27
C TRP E 104 -34.04 5.42 15.99
N GLY E 105 -34.22 4.15 15.67
CA GLY E 105 -35.12 3.33 16.44
C GLY E 105 -34.31 2.64 17.52
N PRO E 106 -34.97 1.97 18.48
CA PRO E 106 -34.24 1.28 19.55
C PRO E 106 -33.46 0.03 19.06
N GLY E 107 -33.89 -0.53 17.93
CA GLY E 107 -33.21 -1.69 17.37
C GLY E 107 -33.96 -2.97 17.65
N THR E 108 -33.87 -3.92 16.72
CA THR E 108 -34.52 -5.19 16.91
C THR E 108 -33.48 -6.30 16.75
N LEU E 109 -33.54 -7.29 17.63
CA LEU E 109 -32.52 -8.33 17.71
C LEU E 109 -32.88 -9.55 16.84
N VAL E 110 -32.06 -9.84 15.85
CA VAL E 110 -32.22 -11.03 15.01
C VAL E 110 -31.18 -12.09 15.37
N THR E 111 -31.62 -13.33 15.56
CA THR E 111 -30.71 -14.41 15.87
C THR E 111 -30.85 -15.47 14.79
N VAL E 112 -29.80 -15.73 14.03
CA VAL E 112 -29.85 -16.80 13.05
C VAL E 112 -29.09 -18.01 13.57
N SER E 113 -29.86 -19.03 13.93
CA SER E 113 -29.31 -20.23 14.52
C SER E 113 -30.33 -21.35 14.41
N SER E 114 -29.85 -22.59 14.35
CA SER E 114 -30.74 -23.74 14.27
C SER E 114 -31.10 -24.26 15.66
N ALA E 115 -30.51 -23.65 16.70
CA ALA E 115 -30.79 -24.02 18.08
C ALA E 115 -32.12 -23.43 18.51
N SER E 116 -32.78 -24.11 19.46
CA SER E 116 -34.15 -23.78 19.86
C SER E 116 -34.32 -22.82 21.04
N THR E 117 -35.48 -22.18 21.16
CA THR E 117 -35.74 -21.28 22.27
C THR E 117 -35.92 -22.04 23.58
N LYS E 118 -35.30 -21.51 24.64
CA LYS E 118 -35.24 -22.17 25.94
C LYS E 118 -35.15 -21.13 27.04
N GLY E 119 -35.90 -21.34 28.10
CA GLY E 119 -35.91 -20.40 29.21
C GLY E 119 -34.76 -20.66 30.15
N PRO E 120 -34.28 -19.60 30.81
CA PRO E 120 -33.15 -19.68 31.72
C PRO E 120 -33.56 -20.28 33.05
N SER E 121 -32.56 -20.79 33.78
CA SER E 121 -32.74 -21.22 35.14
C SER E 121 -32.02 -20.21 36.00
N VAL E 122 -32.68 -19.71 37.04
CA VAL E 122 -32.07 -18.71 37.93
C VAL E 122 -31.59 -19.34 39.23
N PHE E 123 -30.30 -19.19 39.54
CA PHE E 123 -29.75 -19.73 40.78
C PHE E 123 -29.14 -18.61 41.60
N PRO E 124 -29.10 -18.80 42.93
CA PRO E 124 -28.52 -17.76 43.76
C PRO E 124 -27.01 -17.88 43.87
N LEU E 125 -26.35 -16.74 43.87
CA LEU E 125 -24.93 -16.67 44.16
C LEU E 125 -24.85 -16.14 45.59
N ALA E 126 -24.93 -17.05 46.56
CA ALA E 126 -25.03 -16.70 47.97
C ALA E 126 -23.71 -16.14 48.55
N PRO E 127 -23.82 -15.05 49.33
CA PRO E 127 -22.69 -14.42 50.01
C PRO E 127 -22.39 -15.08 51.36
N SER E 128 -21.56 -14.42 52.17
CA SER E 128 -21.33 -14.86 53.55
C SER E 128 -20.91 -13.80 54.54
N SER E 129 -21.24 -14.04 55.80
CA SER E 129 -20.94 -13.08 56.86
C SER E 129 -19.45 -13.03 57.14
N LYS E 130 -18.79 -14.15 56.84
CA LYS E 130 -17.37 -14.31 57.04
C LYS E 130 -16.62 -14.38 55.73
N SER E 131 -17.24 -13.89 54.68
CA SER E 131 -16.64 -13.78 53.36
C SER E 131 -16.86 -12.40 52.76
N THR E 132 -16.56 -11.35 53.52
CA THR E 132 -16.76 -9.95 53.08
C THR E 132 -15.47 -9.17 52.86
N SER E 133 -15.25 -8.68 51.66
CA SER E 133 -14.06 -7.96 51.35
C SER E 133 -14.14 -6.57 51.91
N GLY E 134 -13.91 -6.46 53.22
CA GLY E 134 -13.91 -5.19 53.91
C GLY E 134 -15.27 -4.60 54.19
N GLY E 135 -16.12 -5.37 54.87
CA GLY E 135 -17.44 -4.90 55.28
C GLY E 135 -18.36 -4.52 54.13
N THR E 136 -18.23 -5.27 53.03
CA THR E 136 -19.08 -5.14 51.84
C THR E 136 -19.19 -6.50 51.24
N ALA E 137 -20.33 -7.11 51.42
CA ALA E 137 -20.57 -8.44 50.87
C ALA E 137 -21.07 -8.38 49.42
N ALA E 138 -20.74 -9.40 48.65
CA ALA E 138 -21.19 -9.47 47.27
C ALA E 138 -22.10 -10.67 47.09
N LEU E 139 -23.24 -10.42 46.43
CA LEU E 139 -24.20 -11.47 46.14
C LEU E 139 -24.73 -11.31 44.71
N GLY E 140 -25.38 -12.34 44.20
CA GLY E 140 -25.89 -12.28 42.84
C GLY E 140 -26.77 -13.41 42.38
N CYS E 141 -27.13 -13.37 41.10
CA CYS E 141 -27.92 -14.43 40.47
C CYS E 141 -27.22 -14.97 39.24
N LEU E 142 -27.32 -16.27 39.04
CA LEU E 142 -26.74 -16.94 37.88
C LEU E 142 -27.86 -17.32 36.95
N VAL E 143 -28.00 -16.59 35.85
CA VAL E 143 -29.00 -16.87 34.83
C VAL E 143 -28.40 -17.83 33.78
N LYS E 144 -28.75 -19.11 33.84
CA LYS E 144 -28.06 -20.16 33.06
C LYS E 144 -28.91 -20.89 31.99
N ASP E 145 -28.25 -21.18 30.86
CA ASP E 145 -28.79 -21.97 29.74
C ASP E 145 -30.10 -21.41 29.17
N TYR E 146 -29.97 -20.30 28.44
CA TYR E 146 -31.10 -19.68 27.76
C TYR E 146 -30.75 -19.41 26.33
N PHE E 147 -31.79 -19.30 25.50
CA PHE E 147 -31.61 -19.02 24.09
C PHE E 147 -32.93 -18.51 23.56
N PRO E 148 -32.90 -17.46 22.73
CA PRO E 148 -31.74 -16.66 22.38
C PRO E 148 -31.58 -15.47 23.34
N GLU E 149 -30.80 -14.46 22.95
CA GLU E 149 -30.76 -13.20 23.67
C GLU E 149 -32.09 -12.48 23.44
N PRO E 150 -32.44 -11.52 24.33
CA PRO E 150 -31.70 -11.14 25.51
C PRO E 150 -32.37 -11.53 26.82
N VAL E 151 -31.64 -11.26 27.90
CA VAL E 151 -32.13 -11.37 29.24
C VAL E 151 -31.84 -10.02 29.91
N THR E 152 -32.78 -9.56 30.71
CA THR E 152 -32.62 -8.33 31.49
C THR E 152 -32.60 -8.71 32.96
N VAL E 153 -31.78 -8.05 33.75
CA VAL E 153 -31.73 -8.30 35.20
C VAL E 153 -31.73 -6.99 35.96
N SER E 154 -32.71 -6.80 36.83
CA SER E 154 -32.67 -5.67 37.72
C SER E 154 -32.59 -6.18 39.17
N TRP E 155 -32.34 -5.28 40.13
CA TRP E 155 -32.32 -5.70 41.53
C TRP E 155 -33.33 -4.85 42.30
N ASN E 156 -34.12 -5.49 43.15
CA ASN E 156 -35.20 -4.87 43.91
C ASN E 156 -36.12 -4.00 43.06
N SER E 157 -36.48 -4.54 41.90
CA SER E 157 -37.37 -3.90 40.93
C SER E 157 -36.88 -2.52 40.45
N GLY E 158 -35.58 -2.45 40.16
CA GLY E 158 -34.91 -1.27 39.62
C GLY E 158 -34.47 -0.29 40.67
N ALA E 159 -34.79 -0.60 41.92
CA ALA E 159 -34.51 0.28 43.03
C ALA E 159 -33.10 0.14 43.57
N LEU E 160 -32.41 -0.92 43.13
CA LEU E 160 -31.01 -1.12 43.46
C LEU E 160 -30.16 -1.07 42.19
N THR E 161 -29.35 -0.03 42.08
CA THR E 161 -28.51 0.18 40.91
C THR E 161 -27.06 0.35 41.29
N SER E 162 -26.83 0.92 42.47
CA SER E 162 -25.48 1.20 42.93
C SER E 162 -24.74 -0.08 43.28
N GLY E 163 -23.56 -0.26 42.68
CA GLY E 163 -22.72 -1.42 42.91
C GLY E 163 -23.18 -2.66 42.15
N VAL E 164 -24.20 -2.49 41.31
CA VAL E 164 -24.65 -3.61 40.51
C VAL E 164 -23.84 -3.76 39.22
N HIS E 165 -23.43 -5.00 38.94
CA HIS E 165 -22.70 -5.31 37.72
C HIS E 165 -23.33 -6.52 37.07
N THR E 166 -24.06 -6.29 35.99
CA THR E 166 -24.64 -7.36 35.19
C THR E 166 -23.72 -7.70 34.02
N PHE E 167 -23.13 -8.89 34.09
CA PHE E 167 -22.10 -9.29 33.14
C PHE E 167 -22.71 -9.69 31.81
N PRO E 168 -21.98 -9.42 30.72
CA PRO E 168 -22.33 -9.84 29.37
C PRO E 168 -22.47 -11.36 29.28
N ALA E 169 -23.39 -11.83 28.44
CA ALA E 169 -23.64 -13.25 28.35
C ALA E 169 -22.52 -13.96 27.62
N VAL E 170 -22.31 -15.23 27.97
CA VAL E 170 -21.34 -16.08 27.30
C VAL E 170 -22.04 -17.20 26.58
N LEU E 171 -21.66 -17.45 25.33
CA LEU E 171 -22.21 -18.56 24.53
C LEU E 171 -21.46 -19.86 24.84
N GLN E 172 -22.15 -20.79 25.49
CA GLN E 172 -21.57 -22.05 25.94
C GLN E 172 -21.42 -23.03 24.77
N SER E 173 -20.64 -24.10 24.95
CA SER E 173 -20.46 -25.04 23.84
C SER E 173 -21.77 -25.77 23.51
N SER E 174 -22.70 -25.74 24.46
CA SER E 174 -24.01 -26.35 24.25
C SER E 174 -24.93 -25.51 23.35
N GLY E 175 -24.54 -24.28 23.05
CA GLY E 175 -25.32 -23.41 22.18
C GLY E 175 -26.30 -22.52 22.93
N LEU E 176 -26.32 -22.70 24.24
CA LEU E 176 -27.16 -21.90 25.13
C LEU E 176 -26.34 -20.79 25.79
N TYR E 177 -26.98 -19.65 26.07
CA TYR E 177 -26.32 -18.52 26.73
C TYR E 177 -26.35 -18.64 28.26
N SER E 178 -25.51 -17.86 28.93
CA SER E 178 -25.43 -17.87 30.39
C SER E 178 -24.79 -16.58 30.92
N LEU E 179 -25.46 -15.88 31.83
CA LEU E 179 -24.86 -14.68 32.44
C LEU E 179 -25.12 -14.59 33.93
N SER E 180 -24.36 -13.72 34.58
CA SER E 180 -24.49 -13.43 35.99
C SER E 180 -24.71 -11.95 36.25
N SER E 181 -25.43 -11.65 37.32
CA SER E 181 -25.61 -10.29 37.78
C SER E 181 -25.27 -10.26 39.24
N VAL E 182 -24.34 -9.40 39.62
CA VAL E 182 -23.95 -9.33 41.02
C VAL E 182 -24.21 -7.93 41.54
N VAL E 183 -24.24 -7.80 42.85
CA VAL E 183 -24.38 -6.52 43.53
C VAL E 183 -23.57 -6.59 44.82
N THR E 184 -22.74 -5.58 45.07
CA THR E 184 -22.02 -5.48 46.33
C THR E 184 -22.81 -4.56 47.27
N VAL E 185 -23.09 -5.06 48.48
CA VAL E 185 -23.89 -4.34 49.47
C VAL E 185 -23.20 -4.35 50.85
N PRO E 186 -23.66 -3.49 51.78
CA PRO E 186 -23.08 -3.52 53.13
C PRO E 186 -23.28 -4.89 53.82
N SER E 187 -22.25 -5.36 54.51
CA SER E 187 -22.30 -6.65 55.17
C SER E 187 -23.26 -6.66 56.38
N SER E 188 -23.49 -5.48 56.95
CA SER E 188 -24.34 -5.31 58.14
C SER E 188 -25.84 -5.33 57.86
N SER E 189 -26.20 -5.23 56.58
CA SER E 189 -27.61 -5.25 56.16
C SER E 189 -28.04 -6.59 55.56
N LEU E 190 -27.17 -7.59 55.66
CA LEU E 190 -27.46 -8.91 55.11
C LEU E 190 -28.61 -9.59 55.85
N GLY E 191 -28.79 -9.19 57.11
CA GLY E 191 -29.84 -9.71 57.96
C GLY E 191 -31.04 -8.78 58.05
N THR E 192 -30.83 -7.52 57.68
CA THR E 192 -31.84 -6.48 57.79
C THR E 192 -32.43 -6.09 56.44
N GLN E 193 -31.68 -6.29 55.36
CA GLN E 193 -32.16 -5.93 54.00
C GLN E 193 -32.41 -7.12 53.07
N THR E 194 -33.43 -6.99 52.23
CA THR E 194 -33.83 -8.04 51.29
C THR E 194 -33.25 -7.71 49.93
N TYR E 195 -32.73 -8.71 49.23
CA TYR E 195 -32.13 -8.49 47.91
C TYR E 195 -32.66 -9.54 46.92
N ILE E 196 -33.46 -9.07 45.97
CA ILE E 196 -34.13 -9.90 44.97
C ILE E 196 -33.67 -9.54 43.56
N CYS E 197 -33.29 -10.53 42.75
CA CYS E 197 -32.98 -10.22 41.34
C CYS E 197 -34.18 -10.55 40.44
N ASN E 198 -34.41 -9.68 39.47
CA ASN E 198 -35.56 -9.77 38.57
C ASN E 198 -35.08 -10.17 37.20
N VAL E 199 -35.20 -11.45 36.88
CA VAL E 199 -34.76 -11.96 35.60
C VAL E 199 -35.90 -12.07 34.60
N ASN E 200 -35.68 -11.54 33.41
CA ASN E 200 -36.68 -11.66 32.39
C ASN E 200 -36.07 -12.06 31.03
N HIS E 201 -36.53 -13.20 30.53
CA HIS E 201 -36.18 -13.68 29.20
C HIS E 201 -37.45 -13.68 28.32
N LYS E 202 -37.67 -12.61 27.59
CA LYS E 202 -38.92 -12.44 26.86
C LYS E 202 -39.15 -13.45 25.73
N PRO E 203 -38.10 -13.88 25.01
CA PRO E 203 -38.35 -14.88 23.97
C PRO E 203 -39.07 -16.15 24.44
N SER E 204 -38.80 -16.60 25.67
CA SER E 204 -39.46 -17.78 26.22
C SER E 204 -40.58 -17.43 27.20
N ASN E 205 -40.74 -16.12 27.42
CA ASN E 205 -41.66 -15.56 28.42
C ASN E 205 -41.34 -16.06 29.80
N THR E 206 -40.06 -16.00 30.16
CA THR E 206 -39.60 -16.44 31.45
C THR E 206 -39.36 -15.22 32.29
N LYS E 207 -40.24 -14.99 33.24
CA LYS E 207 -40.11 -13.89 34.18
C LYS E 207 -39.93 -14.48 35.60
N VAL E 208 -38.82 -14.18 36.27
CA VAL E 208 -38.53 -14.77 37.58
C VAL E 208 -38.01 -13.78 38.59
N ASP E 209 -38.54 -13.83 39.81
CA ASP E 209 -37.96 -13.09 40.93
C ASP E 209 -37.20 -14.04 41.86
N LYS E 210 -35.91 -13.81 42.08
CA LYS E 210 -35.10 -14.70 42.89
C LYS E 210 -34.54 -13.99 44.12
N LYS E 211 -34.91 -14.46 45.30
CA LYS E 211 -34.35 -13.92 46.53
C LYS E 211 -33.02 -14.57 46.83
N VAL E 212 -32.02 -13.71 47.09
CA VAL E 212 -30.67 -14.15 47.40
C VAL E 212 -30.23 -13.76 48.80
N GLU E 213 -29.91 -14.75 49.62
CA GLU E 213 -29.54 -14.53 51.03
C GLU E 213 -28.39 -15.45 51.47
N PRO E 214 -27.64 -15.04 52.51
CA PRO E 214 -26.57 -15.95 52.94
C PRO E 214 -27.11 -17.08 53.81
N ALA F 9 -30.29 8.91 -10.01
CA ALA F 9 -29.19 8.58 -9.11
C ALA F 9 -28.08 9.59 -9.22
N PRO F 10 -27.50 9.99 -8.09
CA PRO F 10 -27.90 9.69 -6.72
C PRO F 10 -28.73 10.80 -6.11
N GLU F 11 -29.14 10.66 -4.84
CA GLU F 11 -29.90 11.66 -4.11
C GLU F 11 -29.58 11.60 -2.61
N LEU F 12 -30.01 12.57 -1.84
CA LEU F 12 -29.68 12.63 -0.41
C LEU F 12 -30.32 11.49 0.35
N LEU F 13 -29.51 10.77 1.09
CA LEU F 13 -29.99 9.58 1.82
C LEU F 13 -29.79 9.74 3.33
N GLY F 14 -28.82 10.56 3.71
CA GLY F 14 -28.50 10.86 5.10
C GLY F 14 -29.33 11.99 5.66
N VAL G 2 33.13 -16.18 -35.96
CA VAL G 2 33.90 -16.84 -34.90
C VAL G 2 34.54 -15.80 -33.99
N LEU G 3 34.05 -15.76 -32.76
CA LEU G 3 34.48 -14.81 -31.76
C LEU G 3 35.34 -15.54 -30.75
N THR G 4 36.46 -14.95 -30.36
CA THR G 4 37.40 -15.61 -29.46
C THR G 4 37.57 -14.80 -28.18
N GLN G 5 37.16 -15.36 -27.04
CA GLN G 5 37.39 -14.69 -25.78
C GLN G 5 38.64 -15.19 -25.08
N THR G 6 39.50 -14.23 -24.74
CA THR G 6 40.75 -14.46 -24.02
C THR G 6 40.90 -13.41 -22.92
N PRO G 7 41.34 -13.84 -21.74
CA PRO G 7 41.62 -15.24 -21.44
C PRO G 7 40.34 -15.99 -21.11
N SER G 8 40.44 -17.26 -20.76
CA SER G 8 39.25 -18.05 -20.42
C SER G 8 38.75 -17.74 -19.00
N SER G 9 39.63 -17.20 -18.17
CA SER G 9 39.35 -16.86 -16.79
C SER G 9 40.15 -15.62 -16.39
N VAL G 10 39.55 -14.69 -15.67
CA VAL G 10 40.26 -13.49 -15.20
C VAL G 10 40.01 -13.29 -13.71
N SER G 11 40.98 -12.70 -13.01
CA SER G 11 40.94 -12.56 -11.56
C SER G 11 41.20 -11.16 -11.07
N ALA G 12 40.64 -10.84 -9.93
CA ALA G 12 40.85 -9.56 -9.26
C ALA G 12 40.30 -9.57 -7.86
N ALA G 13 40.96 -8.86 -6.97
CA ALA G 13 40.51 -8.76 -5.59
C ALA G 13 39.22 -7.95 -5.51
N VAL G 14 38.56 -8.01 -4.35
CA VAL G 14 37.33 -7.27 -4.14
C VAL G 14 37.64 -5.77 -4.14
N GLY G 15 37.45 -5.14 -5.29
CA GLY G 15 37.73 -3.72 -5.45
C GLY G 15 38.57 -3.46 -6.68
N GLY G 16 39.12 -4.53 -7.25
CA GLY G 16 40.01 -4.42 -8.39
C GLY G 16 39.36 -4.19 -9.74
N THR G 17 40.05 -4.63 -10.79
CA THR G 17 39.60 -4.42 -12.17
C THR G 17 39.93 -5.64 -13.03
N VAL G 18 39.00 -6.04 -13.89
CA VAL G 18 39.27 -7.13 -14.83
C VAL G 18 39.02 -6.62 -16.25
N THR G 19 39.77 -7.16 -17.20
CA THR G 19 39.65 -6.79 -18.62
C THR G 19 39.44 -8.06 -19.43
N ILE G 20 38.30 -8.12 -20.12
CA ILE G 20 37.93 -9.26 -20.93
C ILE G 20 37.97 -8.87 -22.40
N ASN G 21 38.74 -9.61 -23.21
CA ASN G 21 38.83 -9.38 -24.67
C ASN G 21 37.91 -10.23 -25.56
N CYS G 22 37.67 -9.76 -26.79
CA CYS G 22 36.81 -10.43 -27.75
C CYS G 22 37.29 -10.04 -29.15
N GLN G 23 37.94 -10.99 -29.83
CA GLN G 23 38.51 -10.76 -31.15
C GLN G 23 37.59 -11.41 -32.19
N ALA G 24 37.25 -10.69 -33.26
CA ALA G 24 36.49 -11.28 -34.36
C ALA G 24 37.43 -11.62 -35.51
N SER G 25 37.05 -12.57 -36.35
CA SER G 25 37.88 -12.99 -37.48
C SER G 25 37.86 -11.91 -38.55
N GLN G 26 36.68 -11.36 -38.82
CA GLN G 26 36.59 -10.14 -39.63
C GLN G 26 35.75 -9.08 -38.92
N SER G 27 35.66 -7.91 -39.53
CA SER G 27 34.97 -6.78 -38.91
C SER G 27 33.48 -7.03 -38.72
N VAL G 28 32.96 -6.71 -37.53
CA VAL G 28 31.53 -6.82 -37.27
C VAL G 28 30.79 -5.71 -38.03
N TYR G 29 29.45 -5.80 -38.08
CA TYR G 29 28.64 -4.87 -38.85
C TYR G 29 28.80 -3.44 -38.39
N ASN G 30 29.05 -2.54 -39.33
CA ASN G 30 29.19 -1.11 -39.07
C ASN G 30 30.34 -0.94 -38.07
N LYS G 31 31.17 -1.96 -37.98
CA LYS G 31 32.30 -2.00 -37.09
C LYS G 31 32.01 -1.96 -35.59
N ASN G 32 30.75 -1.98 -35.23
CA ASN G 32 30.42 -1.78 -33.82
C ASN G 32 29.29 -2.69 -33.35
N TYR G 33 28.95 -3.68 -34.16
CA TYR G 33 27.93 -4.64 -33.78
C TYR G 33 28.50 -5.70 -32.85
N LEU G 34 28.63 -5.35 -31.59
CA LEU G 34 29.20 -6.26 -30.60
C LEU G 34 28.57 -5.94 -29.24
N ALA G 35 28.05 -6.97 -28.56
CA ALA G 35 27.41 -6.83 -27.25
C ALA G 35 28.11 -7.70 -26.21
N TRP G 36 27.92 -7.37 -24.94
CA TRP G 36 28.52 -8.13 -23.84
C TRP G 36 27.43 -8.64 -22.91
N TYR G 37 27.50 -9.91 -22.54
CA TYR G 37 26.47 -10.53 -21.68
C TYR G 37 27.08 -11.02 -20.33
N GLN G 38 26.28 -10.99 -19.26
CA GLN G 38 26.68 -11.53 -17.95
C GLN G 38 25.79 -12.69 -17.53
N GLN G 39 26.38 -13.87 -17.31
CA GLN G 39 25.56 -15.02 -16.95
C GLN G 39 25.99 -15.64 -15.64
N LYS G 40 25.16 -15.47 -14.63
CA LYS G 40 25.39 -16.11 -13.36
C LYS G 40 24.72 -17.47 -13.41
N PRO G 41 25.21 -18.42 -12.60
CA PRO G 41 24.71 -19.80 -12.60
C PRO G 41 23.22 -19.89 -12.28
N GLY G 42 22.47 -20.56 -13.15
CA GLY G 42 21.04 -20.75 -12.97
C GLY G 42 20.19 -19.69 -13.65
N GLN G 43 20.68 -18.46 -13.65
CA GLN G 43 19.98 -17.34 -14.23
C GLN G 43 20.12 -17.28 -15.73
N PRO G 44 19.22 -16.56 -16.40
CA PRO G 44 19.39 -16.33 -17.84
C PRO G 44 20.43 -15.22 -18.07
N PRO G 45 21.04 -15.17 -19.27
CA PRO G 45 22.04 -14.13 -19.56
C PRO G 45 21.51 -12.70 -19.42
N LYS G 46 22.35 -11.85 -18.85
CA LYS G 46 22.00 -10.45 -18.67
C LYS G 46 22.83 -9.64 -19.61
N ARG G 47 22.15 -8.88 -20.49
CA ARG G 47 22.82 -8.01 -21.45
C ARG G 47 23.34 -6.76 -20.77
N LEU G 48 24.64 -6.51 -20.94
CA LEU G 48 25.32 -5.42 -20.26
C LEU G 48 25.61 -4.21 -21.14
N ILE G 49 26.14 -4.48 -22.33
CA ILE G 49 26.58 -3.46 -23.27
C ILE G 49 26.14 -3.84 -24.67
N TYR G 50 25.88 -2.85 -25.53
CA TYR G 50 25.71 -3.16 -26.93
C TYR G 50 26.40 -2.05 -27.74
N SER G 51 26.53 -2.24 -29.06
CA SER G 51 27.24 -1.30 -29.92
C SER G 51 28.61 -0.94 -29.37
N ALA G 52 29.32 -1.98 -28.92
CA ALA G 52 30.69 -1.87 -28.42
C ALA G 52 30.78 -1.17 -27.06
N SER G 53 30.18 -0.01 -26.94
CA SER G 53 30.34 0.83 -25.76
C SER G 53 29.11 1.32 -24.99
N THR G 54 27.95 1.34 -25.62
CA THR G 54 26.75 1.87 -24.97
C THR G 54 26.17 0.91 -23.93
N LEU G 55 26.13 1.36 -22.68
CA LEU G 55 25.59 0.56 -21.58
C LEU G 55 24.11 0.33 -21.76
N ALA G 56 23.65 -0.84 -21.38
CA ALA G 56 22.24 -1.15 -21.53
C ALA G 56 21.47 -0.43 -20.43
N SER G 57 20.16 -0.49 -20.52
CA SER G 57 19.29 0.18 -19.57
C SER G 57 19.44 -0.42 -18.19
N GLY G 58 19.85 0.42 -17.23
CA GLY G 58 19.92 0.02 -15.84
C GLY G 58 21.25 -0.59 -15.42
N VAL G 59 22.12 -0.88 -16.39
CA VAL G 59 23.41 -1.50 -16.10
C VAL G 59 24.37 -0.51 -15.44
N SER G 60 25.19 -1.01 -14.52
CA SER G 60 26.09 -0.16 -13.74
C SER G 60 27.13 0.52 -14.60
N SER G 61 27.69 1.61 -14.08
CA SER G 61 28.68 2.39 -14.80
C SER G 61 30.06 1.76 -14.66
N ARG G 62 30.13 0.72 -13.84
CA ARG G 62 31.37 -0.03 -13.61
C ARG G 62 31.83 -0.78 -14.84
N PHE G 63 30.87 -1.19 -15.66
CA PHE G 63 31.14 -1.90 -16.91
C PHE G 63 31.40 -0.95 -18.07
N LYS G 64 32.59 -1.05 -18.63
CA LYS G 64 33.01 -0.18 -19.73
C LYS G 64 33.39 -0.99 -20.97
N GLY G 65 32.68 -0.78 -22.07
CA GLY G 65 32.99 -1.48 -23.29
C GLY G 65 33.72 -0.57 -24.26
N SER G 66 34.74 -1.09 -24.91
CA SER G 66 35.50 -0.34 -25.91
C SER G 66 36.10 -1.25 -26.92
N GLY G 67 36.32 -0.72 -28.11
CA GLY G 67 36.85 -1.49 -29.22
C GLY G 67 36.16 -1.12 -30.53
N SER G 68 36.74 -1.57 -31.63
CA SER G 68 36.21 -1.26 -32.96
C SER G 68 36.67 -2.26 -33.99
N GLY G 69 35.75 -2.63 -34.88
CA GLY G 69 36.08 -3.53 -35.96
C GLY G 69 36.22 -4.98 -35.54
N THR G 70 37.44 -5.33 -35.15
CA THR G 70 37.83 -6.68 -34.85
C THR G 70 38.26 -6.89 -33.38
N GLN G 71 38.71 -5.86 -32.71
CA GLN G 71 39.13 -5.97 -31.32
C GLN G 71 38.19 -5.29 -30.36
N PHE G 72 37.81 -5.98 -29.30
CA PHE G 72 36.91 -5.41 -28.31
C PHE G 72 37.41 -5.77 -26.92
N THR G 73 37.00 -5.00 -25.92
CA THR G 73 37.41 -5.25 -24.54
C THR G 73 36.31 -4.76 -23.58
N LEU G 74 36.01 -5.59 -22.59
CA LEU G 74 35.09 -5.26 -21.51
C LEU G 74 35.84 -5.15 -20.20
N THR G 75 35.99 -3.93 -19.69
CA THR G 75 36.62 -3.74 -18.39
C THR G 75 35.58 -3.58 -17.28
N ILE G 76 35.85 -4.23 -16.14
CA ILE G 76 34.99 -4.13 -14.99
C ILE G 76 35.78 -3.49 -13.85
N SER G 77 35.59 -2.18 -13.70
CA SER G 77 36.23 -1.42 -12.63
C SER G 77 35.47 -1.67 -11.34
N ASP G 78 36.16 -1.55 -10.22
CA ASP G 78 35.56 -1.71 -8.89
C ASP G 78 34.84 -3.04 -8.77
N VAL G 79 35.59 -4.12 -8.92
CA VAL G 79 35.02 -5.45 -8.93
C VAL G 79 34.34 -5.71 -7.60
N GLN G 80 33.10 -6.20 -7.67
CA GLN G 80 32.33 -6.54 -6.48
C GLN G 80 32.42 -8.03 -6.20
N ALA G 81 32.04 -8.44 -5.00
CA ALA G 81 31.97 -9.85 -4.68
C ALA G 81 30.90 -10.50 -5.53
N ASP G 82 29.95 -9.69 -5.96
CA ASP G 82 28.80 -10.07 -6.74
C ASP G 82 29.05 -10.25 -8.22
N ASP G 83 30.25 -9.92 -8.67
CA ASP G 83 30.52 -9.99 -10.11
C ASP G 83 30.90 -11.36 -10.63
N VAL G 84 30.93 -12.35 -9.75
CA VAL G 84 31.19 -13.73 -10.16
C VAL G 84 30.16 -14.21 -11.17
N ALA G 85 30.62 -14.41 -12.41
CA ALA G 85 29.77 -14.84 -13.52
C ALA G 85 30.65 -15.24 -14.69
N THR G 86 30.04 -15.71 -15.78
CA THR G 86 30.77 -15.97 -17.03
C THR G 86 30.31 -14.91 -18.02
N TYR G 87 31.26 -14.22 -18.65
CA TYR G 87 30.90 -13.14 -19.57
C TYR G 87 31.06 -13.57 -21.02
N TYR G 88 30.05 -13.28 -21.84
CA TYR G 88 30.08 -13.64 -23.26
C TYR G 88 29.98 -12.41 -24.11
N CYS G 89 30.73 -12.39 -25.21
CA CYS G 89 30.56 -11.35 -26.21
C CYS G 89 29.68 -11.87 -27.33
N LEU G 90 28.98 -10.96 -28.00
CA LEU G 90 28.05 -11.32 -29.06
C LEU G 90 28.26 -10.41 -30.26
N GLY G 91 28.63 -10.97 -31.41
CA GLY G 91 28.94 -10.16 -32.56
C GLY G 91 28.22 -10.65 -33.80
N SER G 92 28.20 -9.81 -34.82
CA SER G 92 27.63 -10.22 -36.10
C SER G 92 28.27 -9.43 -37.22
N TYR G 93 28.41 -10.04 -38.39
CA TYR G 93 28.96 -9.36 -39.56
C TYR G 93 27.88 -8.67 -40.41
N ASP G 94 26.72 -9.34 -40.56
CA ASP G 94 25.64 -8.88 -41.42
C ASP G 94 24.30 -8.66 -40.71
N GLN G 95 24.35 -8.57 -39.38
CA GLN G 95 23.19 -8.27 -38.51
C GLN G 95 22.15 -9.37 -38.42
N ALA G 96 22.38 -10.48 -39.10
CA ALA G 96 21.42 -11.57 -39.09
C ALA G 96 22.00 -12.75 -38.31
N ALA G 97 23.08 -13.33 -38.83
CA ALA G 97 23.76 -14.44 -38.15
C ALA G 97 24.61 -13.94 -36.99
N HIS G 98 24.33 -14.43 -35.79
CA HIS G 98 25.05 -14.04 -34.57
C HIS G 98 25.94 -15.14 -34.05
N ALA G 99 26.82 -14.77 -33.13
CA ALA G 99 27.70 -15.73 -32.48
C ALA G 99 28.16 -15.20 -31.15
N PHE G 100 28.18 -16.06 -30.15
CA PHE G 100 28.72 -15.75 -28.84
C PHE G 100 30.18 -16.20 -28.77
N GLY G 101 30.99 -15.56 -27.93
CA GLY G 101 32.35 -16.03 -27.71
C GLY G 101 32.32 -17.19 -26.74
N GLY G 102 33.49 -17.79 -26.51
CA GLY G 102 33.58 -18.94 -25.63
C GLY G 102 33.29 -18.69 -24.17
N GLY G 103 33.44 -17.44 -23.76
CA GLY G 103 33.18 -17.05 -22.38
C GLY G 103 34.46 -16.85 -21.59
N THR G 104 34.38 -15.96 -20.60
CA THR G 104 35.45 -15.67 -19.67
C THR G 104 34.87 -15.63 -18.27
N LYS G 105 35.28 -16.57 -17.43
CA LYS G 105 34.79 -16.65 -16.05
C LYS G 105 35.57 -15.66 -15.18
N VAL G 106 34.89 -14.79 -14.45
CA VAL G 106 35.57 -13.88 -13.53
C VAL G 106 35.69 -14.47 -12.11
N VAL G 107 36.93 -14.62 -11.64
CA VAL G 107 37.23 -15.16 -10.32
C VAL G 107 37.59 -14.04 -9.35
N VAL G 108 36.92 -13.98 -8.20
CA VAL G 108 37.24 -12.98 -7.18
C VAL G 108 38.26 -13.44 -6.13
N GLU G 109 39.37 -12.72 -6.03
CA GLU G 109 40.43 -13.05 -5.09
C GLU G 109 40.13 -12.65 -3.64
N ARG G 110 40.65 -13.44 -2.73
CA ARG G 110 40.58 -13.16 -1.32
C ARG G 110 41.65 -13.96 -0.60
N THR G 111 41.80 -13.74 0.70
CA THR G 111 42.77 -14.49 1.46
C THR G 111 42.40 -15.96 1.60
N VAL G 112 43.42 -16.81 1.69
CA VAL G 112 43.25 -18.23 1.75
C VAL G 112 42.48 -18.69 2.99
N ALA G 113 41.57 -19.63 2.79
CA ALA G 113 40.76 -20.17 3.86
C ALA G 113 40.71 -21.70 3.78
N ALA G 114 41.08 -22.37 4.86
CA ALA G 114 41.07 -23.83 4.89
C ALA G 114 39.64 -24.36 5.01
N PRO G 115 39.35 -25.47 4.33
CA PRO G 115 38.01 -26.02 4.36
C PRO G 115 37.63 -26.61 5.72
N SER G 116 36.36 -26.49 6.09
CA SER G 116 35.78 -27.24 7.20
C SER G 116 35.29 -28.60 6.72
N VAL G 117 35.83 -29.69 7.26
CA VAL G 117 35.45 -31.02 6.77
C VAL G 117 34.41 -31.70 7.65
N PHE G 118 33.40 -32.28 7.01
CA PHE G 118 32.34 -33.02 7.67
C PHE G 118 32.17 -34.34 6.93
N ILE G 119 32.03 -35.44 7.66
CA ILE G 119 31.76 -36.72 7.03
C ILE G 119 30.36 -37.21 7.44
N PHE G 120 29.63 -37.78 6.48
CA PHE G 120 28.26 -38.25 6.70
C PHE G 120 28.12 -39.71 6.32
N PRO G 121 27.84 -40.57 7.31
CA PRO G 121 27.60 -41.99 7.06
C PRO G 121 26.30 -42.21 6.32
N PRO G 122 26.13 -43.38 5.67
CA PRO G 122 24.86 -43.61 4.97
C PRO G 122 23.72 -43.79 5.96
N SER G 123 22.57 -43.23 5.62
CA SER G 123 21.42 -43.28 6.49
C SER G 123 20.87 -44.70 6.55
N ASP G 124 20.16 -45.02 7.63
CA ASP G 124 19.62 -46.36 7.78
C ASP G 124 18.50 -46.59 6.78
N GLU G 125 17.90 -45.48 6.30
CA GLU G 125 16.88 -45.52 5.26
C GLU G 125 17.41 -45.98 3.91
N GLN G 126 18.64 -45.58 3.61
CA GLN G 126 19.32 -45.94 2.35
C GLN G 126 19.76 -47.38 2.35
N LEU G 127 20.25 -47.82 3.50
CA LEU G 127 20.70 -49.17 3.71
C LEU G 127 19.55 -50.19 3.59
N LYS G 128 18.29 -49.79 3.72
CA LYS G 128 17.16 -50.71 3.49
C LYS G 128 16.98 -51.08 2.00
N SER G 129 17.22 -50.11 1.11
CA SER G 129 17.10 -50.31 -0.34
C SER G 129 18.27 -51.10 -0.93
N GLY G 130 19.36 -51.16 -0.18
CA GLY G 130 20.52 -51.93 -0.60
C GLY G 130 21.65 -51.13 -1.20
N THR G 131 21.84 -49.90 -0.74
CA THR G 131 22.95 -49.08 -1.21
C THR G 131 23.41 -48.22 -0.03
N ALA G 132 24.67 -47.80 -0.05
CA ALA G 132 25.24 -47.00 1.01
C ALA G 132 26.07 -45.86 0.42
N SER G 133 25.61 -44.64 0.59
CA SER G 133 26.33 -43.50 0.06
C SER G 133 27.00 -42.76 1.20
N VAL G 134 28.34 -42.68 1.18
CA VAL G 134 29.09 -41.96 2.20
C VAL G 134 29.58 -40.63 1.65
N VAL G 135 29.07 -39.53 2.19
CA VAL G 135 29.35 -38.18 1.69
C VAL G 135 30.40 -37.46 2.52
N CYS G 136 31.18 -36.61 1.86
CA CYS G 136 32.20 -35.85 2.55
C CYS G 136 32.10 -34.38 2.12
N LEU G 137 31.78 -33.50 3.07
CA LEU G 137 31.59 -32.06 2.77
C LEU G 137 32.86 -31.27 3.07
N LEU G 138 33.32 -30.48 2.11
CA LEU G 138 34.41 -29.51 2.32
C LEU G 138 33.86 -28.09 2.20
N ASN G 139 33.76 -27.33 3.29
CA ASN G 139 32.94 -26.10 3.28
C ASN G 139 33.72 -24.77 3.34
N ASN G 140 33.41 -23.87 2.42
CA ASN G 140 33.95 -22.51 2.39
C ASN G 140 35.47 -22.43 2.37
N PHE G 141 36.08 -22.73 1.23
CA PHE G 141 37.52 -22.66 1.15
C PHE G 141 37.93 -21.85 -0.06
N TYR G 142 39.15 -21.32 -0.05
CA TYR G 142 39.71 -20.59 -1.18
C TYR G 142 41.22 -20.78 -1.20
N PRO G 143 41.82 -21.06 -2.37
CA PRO G 143 41.29 -21.15 -3.73
C PRO G 143 40.59 -22.47 -4.05
N ARG G 144 40.22 -22.68 -5.29
CA ARG G 144 39.47 -23.85 -5.73
C ARG G 144 40.13 -25.20 -5.54
N GLU G 145 41.42 -25.29 -5.76
CA GLU G 145 42.08 -26.60 -5.78
C GLU G 145 41.98 -27.40 -4.48
N ALA G 146 41.43 -28.61 -4.57
CA ALA G 146 41.27 -29.47 -3.40
C ALA G 146 41.27 -30.95 -3.81
N LYS G 147 41.68 -31.79 -2.89
CA LYS G 147 41.80 -33.17 -3.17
C LYS G 147 41.18 -34.03 -2.10
N VAL G 148 40.45 -35.02 -2.52
CA VAL G 148 39.75 -35.90 -1.62
C VAL G 148 40.05 -37.36 -1.99
N GLN G 149 40.49 -38.12 -1.01
CA GLN G 149 40.74 -39.54 -1.19
C GLN G 149 40.00 -40.34 -0.14
N TRP G 150 39.25 -41.33 -0.59
CA TRP G 150 38.50 -42.19 0.31
C TRP G 150 39.36 -43.37 0.71
N LYS G 151 39.08 -43.90 1.89
CA LYS G 151 39.78 -45.05 2.46
C LYS G 151 38.76 -45.89 3.23
N VAL G 152 38.59 -47.14 2.84
CA VAL G 152 37.74 -48.05 3.63
C VAL G 152 38.62 -49.17 4.22
N ASP G 153 38.84 -49.09 5.54
CA ASP G 153 39.84 -49.92 6.23
C ASP G 153 41.24 -49.83 5.62
N ASN G 154 41.75 -48.63 5.50
CA ASN G 154 43.06 -48.43 4.91
C ASN G 154 43.22 -49.00 3.48
N ALA G 155 42.13 -49.06 2.76
CA ALA G 155 42.13 -49.49 1.37
C ALA G 155 41.71 -48.34 0.50
N LEU G 156 42.60 -47.86 -0.36
CA LEU G 156 42.33 -46.73 -1.22
C LEU G 156 41.14 -46.98 -2.16
N GLN G 157 40.18 -46.06 -2.16
CA GLN G 157 39.04 -46.17 -3.04
C GLN G 157 39.26 -45.32 -4.28
N SER G 158 38.97 -45.88 -5.45
CA SER G 158 39.18 -45.15 -6.69
C SER G 158 38.21 -45.58 -7.77
N GLY G 159 37.58 -44.58 -8.40
CA GLY G 159 36.61 -44.86 -9.44
C GLY G 159 35.18 -44.90 -8.96
N ASN G 160 34.99 -45.12 -7.66
CA ASN G 160 33.65 -45.23 -7.08
C ASN G 160 33.26 -44.01 -6.22
N SER G 161 33.72 -42.84 -6.64
CA SER G 161 33.41 -41.59 -5.96
C SER G 161 33.22 -40.46 -6.96
N GLN G 162 32.18 -39.65 -6.75
CA GLN G 162 31.93 -38.48 -7.58
C GLN G 162 31.93 -37.22 -6.74
N GLU G 163 32.36 -36.11 -7.33
CA GLU G 163 32.36 -34.84 -6.61
C GLU G 163 31.56 -33.76 -7.31
N SER G 164 31.27 -32.70 -6.57
CA SER G 164 30.58 -31.52 -7.07
C SER G 164 31.13 -30.32 -6.34
N VAL G 165 31.55 -29.30 -7.09
CA VAL G 165 32.03 -28.07 -6.47
C VAL G 165 31.04 -26.94 -6.81
N THR G 166 30.69 -26.10 -5.83
CA THR G 166 29.83 -24.97 -6.10
C THR G 166 30.61 -23.83 -6.75
N GLU G 167 29.89 -22.93 -7.39
CA GLU G 167 30.53 -21.74 -7.93
C GLU G 167 30.97 -20.84 -6.80
N GLN G 168 31.84 -19.91 -7.11
CA GLN G 168 32.36 -19.03 -6.09
C GLN G 168 31.23 -18.22 -5.47
N ASP G 169 31.14 -18.23 -4.15
CA ASP G 169 30.04 -17.61 -3.42
C ASP G 169 29.97 -16.10 -3.64
N SER G 170 28.74 -15.58 -3.66
CA SER G 170 28.48 -14.21 -4.03
C SER G 170 28.84 -13.18 -2.97
N LYS G 171 29.06 -13.62 -1.76
CA LYS G 171 29.40 -12.75 -0.65
C LYS G 171 30.80 -12.92 -0.11
N ASP G 172 31.15 -14.13 0.30
CA ASP G 172 32.47 -14.40 0.84
C ASP G 172 33.53 -14.91 -0.15
N SER G 173 33.13 -15.18 -1.39
CA SER G 173 34.06 -15.59 -2.43
C SER G 173 34.77 -16.92 -2.13
N THR G 174 34.07 -17.83 -1.46
CA THR G 174 34.62 -19.16 -1.19
C THR G 174 33.94 -20.23 -2.06
N TYR G 175 34.52 -21.43 -2.07
CA TYR G 175 33.98 -22.60 -2.75
C TYR G 175 33.55 -23.68 -1.74
N SER G 176 32.72 -24.62 -2.18
CA SER G 176 32.38 -25.77 -1.34
C SER G 176 32.30 -27.03 -2.19
N LEU G 177 32.64 -28.18 -1.61
CA LEU G 177 32.76 -29.42 -2.36
C LEU G 177 32.03 -30.57 -1.70
N SER G 178 31.45 -31.44 -2.51
CA SER G 178 30.77 -32.63 -2.04
C SER G 178 31.24 -33.86 -2.79
N SER G 179 31.85 -34.80 -2.06
CA SER G 179 32.28 -36.07 -2.59
C SER G 179 31.42 -37.17 -2.01
N THR G 180 30.85 -37.99 -2.87
CA THR G 180 29.95 -39.06 -2.45
C THR G 180 30.66 -40.39 -2.73
N LEU G 181 30.97 -41.16 -1.68
CA LEU G 181 31.49 -42.51 -1.86
C LEU G 181 30.33 -43.50 -1.91
N THR G 182 30.11 -44.10 -3.07
CA THR G 182 28.97 -44.99 -3.21
C THR G 182 29.42 -46.46 -3.17
N LEU G 183 28.91 -47.22 -2.22
CA LEU G 183 29.14 -48.65 -2.12
C LEU G 183 27.83 -49.43 -2.06
N SER G 184 27.89 -50.74 -2.19
CA SER G 184 26.71 -51.57 -2.05
C SER G 184 26.42 -51.82 -0.57
N LYS G 185 25.25 -52.32 -0.22
CA LYS G 185 24.99 -52.64 1.17
C LYS G 185 25.92 -53.71 1.64
N ALA G 186 26.14 -54.68 0.76
CA ALA G 186 27.03 -55.80 1.03
C ALA G 186 28.47 -55.42 1.29
N ASP G 187 29.04 -54.60 0.45
CA ASP G 187 30.40 -54.26 0.68
C ASP G 187 30.48 -53.35 1.88
N TYR G 188 29.42 -52.58 2.10
CA TYR G 188 29.38 -51.64 3.21
C TYR G 188 29.40 -52.41 4.55
N GLU G 189 28.78 -53.58 4.59
CA GLU G 189 28.71 -54.33 5.83
C GLU G 189 29.92 -55.26 6.05
N LYS G 190 30.89 -55.23 5.15
CA LYS G 190 32.14 -55.99 5.30
C LYS G 190 33.34 -55.18 5.81
N HIS G 191 33.10 -53.90 6.10
CA HIS G 191 34.11 -53.01 6.58
C HIS G 191 33.76 -52.18 7.78
N LYS G 192 34.77 -51.58 8.38
CA LYS G 192 34.51 -50.78 9.57
C LYS G 192 34.91 -49.30 9.40
N VAL G 193 36.19 -49.03 9.15
CA VAL G 193 36.66 -47.64 9.08
C VAL G 193 36.43 -46.99 7.71
N TYR G 194 35.73 -45.85 7.72
CA TYR G 194 35.45 -45.08 6.52
C TYR G 194 36.02 -43.71 6.71
N ALA G 195 37.08 -43.40 5.97
CA ALA G 195 37.79 -42.16 6.18
C ALA G 195 37.81 -41.28 4.94
N CYS G 196 38.00 -40.00 5.19
CA CYS G 196 38.05 -38.98 4.16
C CYS G 196 39.19 -37.99 4.36
N GLU G 197 40.28 -38.15 3.60
CA GLU G 197 41.40 -37.21 3.67
C GLU G 197 41.30 -36.06 2.73
N VAL G 198 41.53 -34.87 3.27
CA VAL G 198 41.42 -33.66 2.47
C VAL G 198 42.73 -32.88 2.40
N THR G 199 43.21 -32.64 1.18
CA THR G 199 44.39 -31.81 1.00
C THR G 199 43.97 -30.44 0.47
N HIS G 200 44.61 -29.40 1.00
CA HIS G 200 44.29 -28.03 0.62
C HIS G 200 45.41 -27.04 0.98
N GLN G 201 45.45 -25.92 0.25
CA GLN G 201 46.44 -24.87 0.43
C GLN G 201 46.46 -24.26 1.82
N GLY G 202 45.29 -23.85 2.28
CA GLY G 202 45.12 -23.26 3.59
C GLY G 202 45.50 -24.20 4.73
N LEU G 203 45.51 -25.49 4.46
CA LEU G 203 45.88 -26.53 5.43
C LEU G 203 47.40 -26.87 5.48
N SER G 204 47.94 -27.08 6.67
CA SER G 204 49.34 -27.51 6.86
C SER G 204 49.54 -29.00 6.62
N SER G 205 48.59 -29.82 7.07
CA SER G 205 48.62 -31.27 6.86
C SER G 205 47.24 -31.77 6.40
N PRO G 206 47.18 -32.95 5.78
CA PRO G 206 45.89 -33.50 5.35
C PRO G 206 44.97 -33.90 6.50
N VAL G 207 43.85 -33.19 6.64
CA VAL G 207 42.85 -33.49 7.67
C VAL G 207 41.98 -34.67 7.27
N THR G 208 41.68 -35.52 8.25
CA THR G 208 40.91 -36.72 7.98
C THR G 208 39.69 -36.71 8.87
N LYS G 209 38.53 -36.92 8.27
CA LYS G 209 37.32 -37.12 9.03
C LYS G 209 36.84 -38.53 8.75
N SER G 210 36.47 -39.27 9.78
CA SER G 210 36.11 -40.67 9.60
C SER G 210 35.09 -41.15 10.62
N PHE G 211 34.64 -42.38 10.45
CA PHE G 211 33.74 -42.99 11.42
C PHE G 211 33.86 -44.50 11.40
N ASN G 212 33.32 -45.12 12.42
CA ASN G 212 33.21 -46.55 12.53
C ASN G 212 31.78 -46.94 12.45
N ARG G 213 31.47 -47.90 11.61
CA ARG G 213 30.09 -48.29 11.38
C ARG G 213 29.38 -49.04 12.53
N GLY G 214 28.21 -48.54 12.94
CA GLY G 214 27.46 -49.09 14.05
C GLY G 214 27.84 -48.47 15.38
N GLU G 215 28.50 -47.32 15.33
CA GLU G 215 28.95 -46.65 16.56
C GLU G 215 28.52 -45.19 16.57
N SER H 2 7.17 -9.89 -22.59
CA SER H 2 7.83 -11.03 -22.01
C SER H 2 7.67 -12.24 -22.94
N VAL H 3 8.66 -13.13 -22.92
CA VAL H 3 8.60 -14.36 -23.71
C VAL H 3 8.78 -15.59 -22.83
N GLU H 4 8.38 -16.75 -23.34
CA GLU H 4 8.50 -18.00 -22.59
C GLU H 4 8.56 -19.25 -23.47
N GLU H 5 9.44 -20.18 -23.09
CA GLU H 5 9.63 -21.40 -23.87
C GLU H 5 8.87 -22.58 -23.30
N SER H 6 8.52 -23.52 -24.17
CA SER H 6 7.83 -24.73 -23.78
C SER H 6 8.17 -25.91 -24.66
N GLY H 7 7.95 -27.09 -24.15
CA GLY H 7 8.15 -28.30 -24.93
C GLY H 7 9.43 -29.05 -24.63
N GLY H 8 10.24 -28.46 -23.77
CA GLY H 8 11.47 -29.10 -23.37
C GLY H 8 11.12 -30.33 -22.57
N ARG H 9 11.67 -31.47 -22.98
CA ARG H 9 11.27 -32.73 -22.41
C ARG H 9 12.32 -33.78 -22.68
N LEU H 10 12.13 -34.96 -22.09
CA LEU H 10 12.96 -36.11 -22.34
C LEU H 10 12.54 -36.87 -23.61
N VAL H 11 13.39 -36.84 -24.62
CA VAL H 11 13.14 -37.58 -25.86
C VAL H 11 14.25 -38.58 -26.11
N THR H 12 13.92 -39.66 -26.80
CA THR H 12 14.94 -40.64 -27.15
C THR H 12 15.67 -40.08 -28.35
N PRO H 13 16.93 -40.47 -28.54
CA PRO H 13 17.66 -39.98 -29.72
C PRO H 13 16.98 -40.42 -31.00
N GLY H 14 16.76 -39.46 -31.90
CA GLY H 14 16.10 -39.74 -33.16
C GLY H 14 14.68 -39.23 -33.19
N THR H 15 14.12 -38.98 -32.01
CA THR H 15 12.75 -38.51 -31.88
C THR H 15 12.60 -37.05 -32.27
N PRO H 16 11.73 -36.75 -33.25
CA PRO H 16 11.55 -35.33 -33.58
C PRO H 16 10.97 -34.56 -32.38
N LEU H 17 11.60 -33.45 -32.02
CA LEU H 17 11.14 -32.62 -30.92
C LEU H 17 10.87 -31.21 -31.37
N THR H 18 9.78 -30.60 -30.90
CA THR H 18 9.46 -29.23 -31.27
C THR H 18 9.28 -28.37 -30.03
N LEU H 19 10.05 -27.28 -29.94
CA LEU H 19 9.95 -26.30 -28.87
C LEU H 19 9.19 -25.04 -29.33
N THR H 20 8.45 -24.39 -28.43
CA THR H 20 7.65 -23.23 -28.77
C THR H 20 8.06 -22.01 -27.93
N CYS H 21 8.06 -20.84 -28.57
CA CYS H 21 8.30 -19.58 -27.88
C CYS H 21 7.03 -18.76 -27.93
N THR H 22 6.30 -18.70 -26.83
CA THR H 22 5.08 -17.91 -26.80
C THR H 22 5.41 -16.48 -26.35
N VAL H 23 4.78 -15.48 -26.97
CA VAL H 23 5.10 -14.08 -26.67
C VAL H 23 3.90 -13.32 -26.10
N SER H 24 4.17 -12.23 -25.37
CA SER H 24 3.12 -11.42 -24.76
C SER H 24 3.56 -9.95 -24.62
N GLY H 25 2.65 -9.02 -24.88
CA GLY H 25 2.95 -7.61 -24.71
C GLY H 25 3.56 -6.91 -25.92
N PHE H 26 3.73 -7.64 -27.02
CA PHE H 26 4.30 -7.06 -28.23
C PHE H 26 3.91 -7.87 -29.46
N SER H 27 3.90 -7.25 -30.63
CA SER H 27 3.56 -7.97 -31.85
C SER H 27 4.72 -8.83 -32.29
N LEU H 28 4.42 -10.04 -32.73
CA LEU H 28 5.45 -10.97 -33.17
C LEU H 28 6.03 -10.46 -34.47
N SER H 29 5.23 -9.70 -35.19
CA SER H 29 5.56 -9.17 -36.49
C SER H 29 6.44 -7.94 -36.45
N SER H 30 6.46 -7.28 -35.31
CA SER H 30 7.24 -6.06 -35.11
C SER H 30 8.70 -6.28 -34.68
N TYR H 31 8.96 -7.33 -33.90
CA TYR H 31 10.31 -7.61 -33.40
C TYR H 31 10.86 -8.94 -33.93
N PRO H 32 12.20 -9.03 -34.07
CA PRO H 32 12.85 -10.27 -34.49
C PRO H 32 13.05 -11.24 -33.31
N MET H 33 12.94 -12.54 -33.59
CA MET H 33 13.01 -13.57 -32.55
C MET H 33 14.21 -14.50 -32.77
N ASN H 34 14.93 -14.84 -31.71
CA ASN H 34 16.11 -15.69 -31.85
C ASN H 34 16.04 -16.94 -30.96
N TRP H 35 16.74 -18.00 -31.36
CA TRP H 35 16.85 -19.21 -30.54
C TRP H 35 18.29 -19.47 -30.16
N VAL H 36 18.52 -19.59 -28.86
CA VAL H 36 19.82 -19.82 -28.28
C VAL H 36 19.75 -21.04 -27.37
N ARG H 37 20.81 -21.82 -27.29
CA ARG H 37 20.81 -22.95 -26.39
C ARG H 37 22.07 -22.95 -25.55
N GLN H 38 22.09 -23.80 -24.53
CA GLN H 38 23.23 -23.89 -23.65
C GLN H 38 23.28 -25.27 -23.00
N ALA H 39 24.24 -26.09 -23.42
CA ALA H 39 24.46 -27.41 -22.83
C ALA H 39 24.95 -27.26 -21.41
N PRO H 40 24.62 -28.22 -20.52
CA PRO H 40 24.99 -28.09 -19.11
C PRO H 40 26.48 -27.82 -18.89
N GLY H 41 26.76 -26.71 -18.23
CA GLY H 41 28.11 -26.26 -17.93
C GLY H 41 28.91 -25.73 -19.10
N LYS H 42 28.20 -25.35 -20.15
CA LYS H 42 28.81 -24.88 -21.39
C LYS H 42 28.37 -23.45 -21.67
N GLY H 43 28.88 -22.90 -22.75
CA GLY H 43 28.58 -21.53 -23.12
C GLY H 43 27.32 -21.37 -23.95
N LEU H 44 26.92 -20.12 -24.18
CA LEU H 44 25.77 -19.82 -25.01
C LEU H 44 26.07 -20.02 -26.50
N GLU H 45 25.10 -20.56 -27.24
CA GLU H 45 25.27 -20.83 -28.67
C GLU H 45 24.07 -20.31 -29.45
N TRP H 46 24.28 -19.44 -30.43
CA TRP H 46 23.17 -18.97 -31.25
C TRP H 46 22.76 -19.99 -32.32
N ILE H 47 21.54 -20.48 -32.25
CA ILE H 47 21.03 -21.44 -33.22
C ILE H 47 20.49 -20.81 -34.50
N GLY H 48 19.49 -19.94 -34.36
CA GLY H 48 18.92 -19.28 -35.51
C GLY H 48 17.96 -18.18 -35.08
N GLY H 49 17.20 -17.63 -36.03
CA GLY H 49 16.26 -16.58 -35.71
C GLY H 49 15.43 -16.14 -36.89
N ILE H 50 14.32 -15.47 -36.61
CA ILE H 50 13.40 -14.97 -37.64
C ILE H 50 13.32 -13.45 -37.62
N GLY H 51 13.27 -12.83 -38.81
CA GLY H 51 13.12 -11.40 -38.89
C GLY H 51 11.69 -10.89 -38.77
N THR H 52 11.51 -9.60 -38.96
CA THR H 52 10.21 -8.96 -38.86
C THR H 52 9.45 -9.26 -40.15
N SER H 53 10.20 -9.40 -41.23
CA SER H 53 9.65 -9.71 -42.53
C SER H 53 9.18 -11.12 -42.65
N GLY H 54 9.95 -12.04 -42.14
CA GLY H 54 9.57 -13.44 -42.19
C GLY H 54 10.74 -14.35 -42.49
N ASN H 55 11.82 -13.74 -42.98
CA ASN H 55 13.04 -14.47 -43.35
C ASN H 55 13.78 -15.07 -42.15
N ILE H 56 14.46 -16.21 -42.37
CA ILE H 56 15.03 -16.97 -41.27
C ILE H 56 16.51 -17.27 -41.46
N TRP H 57 17.28 -17.16 -40.39
CA TRP H 57 18.72 -17.43 -40.45
C TRP H 57 19.12 -18.49 -39.46
N TYR H 58 20.18 -19.20 -39.80
CA TYR H 58 20.71 -20.27 -38.96
C TYR H 58 22.19 -20.16 -38.84
N ALA H 59 22.73 -20.75 -37.78
CA ALA H 59 24.16 -20.84 -37.64
C ALA H 59 24.64 -21.89 -38.62
N SER H 60 25.90 -21.84 -38.99
CA SER H 60 26.46 -22.75 -39.96
C SER H 60 26.32 -24.21 -39.57
N TRP H 61 26.59 -24.50 -38.31
CA TRP H 61 26.48 -25.84 -37.80
C TRP H 61 25.04 -26.31 -37.63
N ALA H 62 24.11 -25.37 -37.45
CA ALA H 62 22.71 -25.71 -37.17
C ALA H 62 21.77 -25.82 -38.37
N LYS H 63 22.32 -25.52 -39.55
CA LYS H 63 21.56 -25.60 -40.78
C LYS H 63 21.34 -27.08 -41.09
N GLY H 64 20.08 -27.49 -41.08
CA GLY H 64 19.74 -28.86 -41.32
C GLY H 64 19.24 -29.54 -40.05
N ARG H 65 19.94 -29.39 -38.93
CA ARG H 65 19.49 -30.01 -37.69
C ARG H 65 18.29 -29.29 -37.07
N PHE H 66 18.08 -28.02 -37.44
CA PHE H 66 17.04 -27.20 -36.84
C PHE H 66 16.11 -26.55 -37.90
N ILE H 67 14.85 -26.40 -37.55
CA ILE H 67 13.88 -25.73 -38.38
C ILE H 67 13.20 -24.65 -37.57
N ILE H 68 13.25 -23.41 -38.03
CA ILE H 68 12.59 -22.32 -37.30
C ILE H 68 11.48 -21.72 -38.15
N SER H 69 10.36 -21.33 -37.52
CA SER H 69 9.21 -20.83 -38.26
C SER H 69 8.18 -20.12 -37.40
N ARG H 70 7.13 -19.60 -38.04
CA ARG H 70 5.94 -19.09 -37.35
C ARG H 70 4.96 -20.22 -37.16
N ALA H 71 4.56 -20.49 -35.93
CA ALA H 71 3.53 -21.50 -35.72
C ALA H 71 2.15 -20.85 -35.75
N SER H 72 2.02 -19.74 -35.03
CA SER H 72 0.77 -18.99 -34.94
C SER H 72 1.08 -17.49 -34.97
N SER H 73 0.10 -16.67 -34.63
CA SER H 73 0.29 -15.24 -34.62
C SER H 73 1.06 -14.87 -33.37
N THR H 74 1.08 -15.78 -32.39
CA THR H 74 1.74 -15.47 -31.12
C THR H 74 2.84 -16.47 -30.74
N THR H 75 3.20 -17.35 -31.66
CA THR H 75 4.23 -18.34 -31.35
C THR H 75 5.28 -18.47 -32.46
N VAL H 76 6.45 -18.96 -32.06
CA VAL H 76 7.58 -19.27 -32.94
C VAL H 76 8.16 -20.63 -32.53
N ASP H 77 8.28 -21.57 -33.47
CA ASP H 77 8.74 -22.90 -33.13
C ASP H 77 10.24 -23.15 -33.38
N LEU H 78 10.72 -24.26 -32.83
CA LEU H 78 12.08 -24.74 -33.04
C LEU H 78 12.03 -26.26 -33.00
N LYS H 79 12.05 -26.88 -34.15
CA LYS H 79 12.01 -28.33 -34.24
C LYS H 79 13.41 -28.89 -34.45
N VAL H 80 13.83 -29.77 -33.54
CA VAL H 80 15.09 -30.50 -33.74
C VAL H 80 14.72 -31.78 -34.45
N THR H 81 15.20 -31.91 -35.68
CA THR H 81 14.73 -32.93 -36.62
C THR H 81 15.20 -34.34 -36.29
N SER H 82 16.46 -34.47 -35.87
CA SER H 82 17.00 -35.75 -35.43
C SER H 82 17.95 -35.57 -34.24
N PRO H 83 17.40 -35.40 -33.02
CA PRO H 83 18.19 -35.10 -31.82
C PRO H 83 19.11 -36.21 -31.42
N THR H 84 20.25 -35.84 -30.86
CA THR H 84 21.21 -36.79 -30.37
C THR H 84 21.52 -36.36 -28.95
N THR H 85 22.34 -37.14 -28.27
CA THR H 85 22.68 -36.87 -26.88
C THR H 85 23.43 -35.54 -26.70
N GLU H 86 24.01 -35.04 -27.79
CA GLU H 86 24.71 -33.78 -27.77
C GLU H 86 23.74 -32.60 -27.80
N ASP H 87 22.49 -32.89 -28.13
CA ASP H 87 21.45 -31.87 -28.21
C ASP H 87 20.77 -31.61 -26.87
N THR H 88 21.17 -32.36 -25.84
CA THR H 88 20.70 -32.15 -24.47
C THR H 88 21.17 -30.79 -23.95
N ALA H 89 20.23 -29.87 -23.75
CA ALA H 89 20.57 -28.50 -23.41
C ALA H 89 19.35 -27.70 -23.01
N THR H 90 19.61 -26.54 -22.41
CA THR H 90 18.61 -25.52 -22.16
C THR H 90 18.45 -24.57 -23.35
N TYR H 91 17.26 -24.56 -23.90
CA TYR H 91 16.96 -23.76 -25.07
C TYR H 91 16.27 -22.47 -24.64
N PHE H 92 16.81 -21.33 -25.08
CA PHE H 92 16.27 -20.00 -24.83
C PHE H 92 15.65 -19.41 -26.09
N CYS H 93 14.55 -18.70 -25.93
CA CYS H 93 14.06 -17.88 -27.01
C CYS H 93 14.09 -16.44 -26.52
N ALA H 94 14.24 -15.50 -27.44
CA ALA H 94 14.42 -14.11 -27.07
C ALA H 94 13.91 -13.13 -28.12
N ARG H 95 13.28 -12.07 -27.66
CA ARG H 95 12.94 -10.93 -28.52
C ARG H 95 14.24 -10.18 -28.76
N GLY H 96 14.71 -10.11 -30.00
CA GLY H 96 16.00 -9.48 -30.27
C GLY H 96 17.16 -10.26 -29.70
N LEU H 97 18.26 -9.57 -29.42
CA LEU H 97 19.45 -10.20 -28.86
C LEU H 97 20.46 -9.13 -28.51
N TYR H 98 20.27 -7.96 -29.10
CA TYR H 98 21.27 -6.93 -29.14
C TYR H 98 20.78 -5.57 -28.64
N ASN H 99 19.70 -5.06 -29.22
CA ASN H 99 19.19 -3.74 -28.84
C ASN H 99 18.50 -3.72 -27.47
N ASP H 100 18.09 -2.53 -27.01
CA ASP H 100 17.45 -2.44 -25.70
C ASP H 100 16.10 -3.16 -25.60
N TYR H 101 15.46 -3.44 -26.72
CA TYR H 101 14.16 -4.11 -26.67
C TYR H 101 14.28 -5.63 -26.48
N THR H 102 15.49 -6.08 -26.18
CA THR H 102 15.76 -7.49 -25.95
C THR H 102 15.13 -8.02 -24.67
N VAL H 103 14.37 -9.11 -24.78
CA VAL H 103 13.85 -9.81 -23.61
C VAL H 103 14.09 -11.29 -23.82
N TRP H 104 14.69 -11.94 -22.83
CA TRP H 104 14.92 -13.39 -22.90
C TRP H 104 13.79 -14.14 -22.19
N GLY H 105 13.61 -15.41 -22.54
CA GLY H 105 12.72 -16.25 -21.77
C GLY H 105 13.57 -16.95 -20.73
N PRO H 106 12.92 -17.64 -19.77
CA PRO H 106 13.60 -18.38 -18.70
C PRO H 106 14.32 -19.67 -19.19
N GLY H 107 13.90 -20.22 -20.32
CA GLY H 107 14.54 -21.40 -20.85
C GLY H 107 13.74 -22.66 -20.59
N THR H 108 13.83 -23.62 -21.51
CA THR H 108 13.14 -24.89 -21.35
C THR H 108 14.18 -26.01 -21.49
N LEU H 109 14.13 -27.00 -20.62
CA LEU H 109 15.18 -28.01 -20.63
C LEU H 109 14.86 -29.24 -21.51
N VAL H 110 15.70 -29.49 -22.49
CA VAL H 110 15.58 -30.67 -23.33
C VAL H 110 16.64 -31.71 -22.94
N THR H 111 16.19 -32.95 -22.73
CA THR H 111 17.07 -34.06 -22.45
C THR H 111 16.88 -35.12 -23.53
N VAL H 112 17.94 -35.42 -24.27
CA VAL H 112 17.88 -36.45 -25.28
C VAL H 112 18.57 -37.69 -24.76
N SER H 113 17.78 -38.69 -24.40
CA SER H 113 18.33 -39.89 -23.80
C SER H 113 17.33 -41.04 -23.91
N SER H 114 17.83 -42.26 -23.93
CA SER H 114 16.96 -43.43 -24.00
C SER H 114 16.59 -43.94 -22.59
N ALA H 115 17.18 -43.32 -21.56
CA ALA H 115 16.89 -43.66 -20.16
C ALA H 115 15.56 -43.08 -19.72
N SER H 116 14.94 -43.73 -18.74
CA SER H 116 13.58 -43.39 -18.31
C SER H 116 13.46 -42.39 -17.13
N THR H 117 12.32 -41.71 -17.06
CA THR H 117 12.04 -40.76 -15.97
C THR H 117 11.86 -41.51 -14.66
N LYS H 118 12.51 -41.03 -13.62
CA LYS H 118 12.50 -41.69 -12.33
C LYS H 118 12.60 -40.64 -11.24
N GLY H 119 11.86 -40.83 -10.17
CA GLY H 119 11.88 -39.88 -9.09
C GLY H 119 13.01 -40.15 -8.14
N PRO H 120 13.51 -39.09 -7.50
CA PRO H 120 14.63 -39.23 -6.58
C PRO H 120 14.21 -39.85 -5.26
N SER H 121 15.19 -40.38 -4.56
CA SER H 121 15.01 -40.83 -3.19
C SER H 121 15.74 -39.82 -2.32
N VAL H 122 15.08 -39.30 -1.29
CA VAL H 122 15.70 -38.29 -0.41
C VAL H 122 16.21 -38.91 0.89
N PHE H 123 17.49 -38.74 1.20
CA PHE H 123 18.04 -39.27 2.44
C PHE H 123 18.66 -38.17 3.26
N PRO H 124 18.70 -38.36 4.59
CA PRO H 124 19.28 -37.30 5.42
C PRO H 124 20.80 -37.42 5.56
N LEU H 125 21.45 -36.27 5.55
CA LEU H 125 22.86 -36.21 5.89
C LEU H 125 22.95 -35.66 7.31
N ALA H 126 22.83 -36.56 8.29
CA ALA H 126 22.71 -36.19 9.69
C ALA H 126 24.03 -35.67 10.29
N PRO H 127 23.94 -34.56 11.07
CA PRO H 127 25.07 -33.92 11.74
C PRO H 127 25.37 -34.57 13.09
N SER H 128 26.20 -33.91 13.89
CA SER H 128 26.46 -34.34 15.26
C SER H 128 26.94 -33.26 16.20
N SER H 129 26.63 -33.45 17.47
CA SER H 129 27.05 -32.49 18.49
C SER H 129 28.55 -32.57 18.74
N LYS H 130 29.09 -33.75 18.45
CA LYS H 130 30.48 -34.08 18.65
C LYS H 130 31.17 -34.10 17.29
N SER H 131 30.55 -33.49 16.30
CA SER H 131 31.12 -33.32 14.96
C SER H 131 30.92 -31.90 14.46
N THR H 132 31.29 -30.92 15.29
CA THR H 132 31.08 -29.51 14.95
C THR H 132 32.40 -28.81 14.66
N SER H 133 32.53 -28.25 13.45
CA SER H 133 33.72 -27.53 13.07
C SER H 133 33.64 -26.17 13.66
N GLY H 134 33.91 -26.06 14.94
CA GLY H 134 33.92 -24.77 15.60
C GLY H 134 32.55 -24.20 15.90
N GLY H 135 31.71 -24.97 16.60
CA GLY H 135 30.40 -24.49 17.02
C GLY H 135 29.54 -24.13 15.83
N THR H 136 29.68 -24.93 14.79
CA THR H 136 28.98 -24.72 13.54
C THR H 136 28.76 -26.11 12.93
N ALA H 137 27.53 -26.60 13.09
CA ALA H 137 27.17 -27.91 12.58
C ALA H 137 26.76 -27.85 11.13
N ALA H 138 27.04 -28.91 10.39
CA ALA H 138 26.62 -28.99 9.00
C ALA H 138 25.67 -30.17 8.82
N LEU H 139 24.55 -29.95 8.15
CA LEU H 139 23.59 -31.01 7.88
C LEU H 139 23.06 -30.90 6.45
N GLY H 140 22.41 -31.94 5.95
CA GLY H 140 21.97 -31.89 4.58
C GLY H 140 21.07 -33.00 4.09
N CYS H 141 20.76 -32.97 2.80
CA CYS H 141 19.95 -33.98 2.14
C CYS H 141 20.65 -34.54 0.94
N LEU H 142 20.49 -35.84 0.72
CA LEU H 142 21.05 -36.52 -0.42
C LEU H 142 19.93 -36.88 -1.36
N VAL H 143 19.81 -36.14 -2.45
CA VAL H 143 18.80 -36.40 -3.48
C VAL H 143 19.42 -37.35 -4.54
N LYS H 144 19.05 -38.64 -4.48
CA LYS H 144 19.75 -39.70 -5.23
C LYS H 144 18.90 -40.43 -6.28
N ASP H 145 19.53 -40.75 -7.41
CA ASP H 145 18.96 -41.55 -8.52
C ASP H 145 17.66 -40.98 -9.07
N TYR H 146 17.80 -39.89 -9.82
CA TYR H 146 16.66 -39.29 -10.49
C TYR H 146 17.02 -39.00 -11.93
N PHE H 147 15.99 -38.86 -12.74
CA PHE H 147 16.17 -38.56 -14.14
C PHE H 147 14.83 -38.03 -14.65
N PRO H 148 14.85 -36.99 -15.48
CA PRO H 148 16.01 -36.19 -15.87
C PRO H 148 16.15 -34.98 -14.93
N GLU H 149 16.90 -33.98 -15.34
CA GLU H 149 16.97 -32.69 -14.66
C GLU H 149 15.66 -31.93 -14.85
N PRO H 150 15.36 -30.96 -13.97
CA PRO H 150 16.14 -30.63 -12.77
C PRO H 150 15.44 -31.02 -11.48
N VAL H 151 16.16 -30.81 -10.39
CA VAL H 151 15.61 -30.93 -9.07
C VAL H 151 15.99 -29.61 -8.40
N THR H 152 15.05 -29.04 -7.64
CA THR H 152 15.27 -27.83 -6.87
C THR H 152 15.23 -28.22 -5.40
N VAL H 153 16.08 -27.62 -4.56
CA VAL H 153 16.07 -27.89 -3.12
C VAL H 153 16.16 -26.62 -2.29
N SER H 154 15.17 -26.38 -1.44
CA SER H 154 15.26 -25.26 -0.51
C SER H 154 15.26 -25.74 0.96
N TRP H 155 15.51 -24.84 1.91
CA TRP H 155 15.49 -25.24 3.31
C TRP H 155 14.47 -24.38 4.06
N ASN H 156 13.63 -25.04 4.85
CA ASN H 156 12.52 -24.41 5.58
C ASN H 156 11.60 -23.53 4.71
N SER H 157 11.26 -24.03 3.53
CA SER H 157 10.41 -23.33 2.56
C SER H 157 10.96 -21.98 2.10
N GLY H 158 12.25 -21.95 1.82
CA GLY H 158 12.94 -20.79 1.29
C GLY H 158 13.36 -19.80 2.37
N ALA H 159 13.02 -20.13 3.60
CA ALA H 159 13.27 -19.24 4.74
C ALA H 159 14.68 -19.38 5.29
N LEU H 160 15.39 -20.43 4.87
CA LEU H 160 16.79 -20.62 5.21
C LEU H 160 17.64 -20.59 3.96
N THR H 161 18.45 -19.56 3.82
CA THR H 161 19.30 -19.39 2.65
C THR H 161 20.78 -19.22 3.01
N SER H 162 21.03 -18.61 4.15
CA SER H 162 22.39 -18.33 4.56
C SER H 162 23.13 -19.61 4.93
N GLY H 163 24.27 -19.81 4.29
CA GLY H 163 25.10 -20.98 4.51
C GLY H 163 24.64 -22.23 3.80
N VAL H 164 23.61 -22.09 2.97
CA VAL H 164 23.13 -23.21 2.17
C VAL H 164 23.89 -23.39 0.85
N HIS H 165 24.31 -24.62 0.59
CA HIS H 165 25.01 -24.95 -0.64
C HIS H 165 24.36 -26.17 -1.28
N THR H 166 23.62 -25.93 -2.35
CA THR H 166 23.06 -27.01 -3.16
C THR H 166 24.03 -27.28 -4.29
N PHE H 167 24.64 -28.46 -4.25
CA PHE H 167 25.68 -28.81 -5.17
C PHE H 167 25.10 -29.18 -6.53
N PRO H 168 25.85 -28.88 -7.59
CA PRO H 168 25.48 -29.32 -8.94
C PRO H 168 25.32 -30.85 -9.00
N ALA H 169 24.41 -31.33 -9.84
CA ALA H 169 24.19 -32.77 -9.91
C ALA H 169 25.33 -33.46 -10.63
N VAL H 170 25.55 -34.72 -10.26
CA VAL H 170 26.54 -35.56 -10.92
C VAL H 170 25.83 -36.70 -11.64
N LEU H 171 26.23 -36.97 -12.89
CA LEU H 171 25.66 -38.07 -13.68
C LEU H 171 26.35 -39.41 -13.39
N GLN H 172 25.64 -40.31 -12.71
CA GLN H 172 26.18 -41.59 -12.27
C GLN H 172 26.30 -42.57 -13.43
N SER H 173 27.06 -43.64 -13.27
CA SER H 173 27.24 -44.58 -14.38
C SER H 173 25.93 -45.29 -14.73
N SER H 174 25.00 -45.31 -13.78
CA SER H 174 23.71 -45.94 -14.01
C SER H 174 22.78 -45.11 -14.91
N GLY H 175 23.18 -43.86 -15.19
CA GLY H 175 22.41 -42.96 -16.04
C GLY H 175 21.46 -42.06 -15.28
N LEU H 176 21.46 -42.23 -13.97
CA LEU H 176 20.63 -41.43 -13.07
C LEU H 176 21.47 -40.32 -12.44
N TYR H 177 20.83 -39.18 -12.16
CA TYR H 177 21.48 -38.03 -11.53
C TYR H 177 21.48 -38.16 -10.00
N SER H 178 22.30 -37.35 -9.34
CA SER H 178 22.39 -37.38 -7.90
C SER H 178 23.00 -36.09 -7.38
N LEU H 179 22.32 -35.40 -6.45
CA LEU H 179 22.91 -34.20 -5.85
C LEU H 179 22.66 -34.17 -4.36
N SER H 180 23.45 -33.32 -3.69
CA SER H 180 23.30 -33.08 -2.27
C SER H 180 23.11 -31.60 -2.01
N SER H 181 22.38 -31.30 -0.95
CA SER H 181 22.19 -29.92 -0.50
C SER H 181 22.50 -29.86 0.98
N VAL H 182 23.42 -29.00 1.38
CA VAL H 182 23.80 -28.90 2.77
C VAL H 182 23.58 -27.47 3.31
N VAL H 183 23.54 -27.33 4.63
CA VAL H 183 23.42 -26.03 5.29
C VAL H 183 24.25 -26.09 6.59
N THR H 184 25.06 -25.07 6.82
CA THR H 184 25.80 -24.94 8.09
C THR H 184 25.02 -24.01 9.01
N VAL H 185 24.77 -24.49 10.22
CA VAL H 185 24.00 -23.79 11.22
C VAL H 185 24.67 -23.79 12.57
N PRO H 186 24.19 -22.92 13.48
CA PRO H 186 24.76 -22.94 14.83
C PRO H 186 24.56 -24.30 15.50
N SER H 187 25.59 -24.79 16.17
CA SER H 187 25.53 -26.11 16.80
C SER H 187 24.59 -26.13 18.00
N SER H 188 24.38 -24.96 18.63
CA SER H 188 23.56 -24.82 19.83
C SER H 188 22.05 -24.86 19.58
N SER H 189 21.66 -24.78 18.31
CA SER H 189 20.26 -24.79 17.92
C SER H 189 19.78 -26.10 17.34
N LEU H 190 20.62 -27.14 17.39
CA LEU H 190 20.25 -28.42 16.79
C LEU H 190 19.10 -29.09 17.55
N GLY H 191 18.95 -28.75 18.83
CA GLY H 191 17.87 -29.33 19.64
C GLY H 191 16.65 -28.44 19.77
N THR H 192 16.82 -27.15 19.50
CA THR H 192 15.75 -26.20 19.63
C THR H 192 15.30 -25.70 18.25
N GLN H 193 16.13 -25.93 17.22
CA GLN H 193 15.73 -25.57 15.85
C GLN H 193 15.45 -26.71 14.89
N THR H 194 14.48 -26.47 14.02
CA THR H 194 14.06 -27.46 13.03
C THR H 194 14.60 -27.20 11.66
N TYR H 195 15.03 -28.25 10.99
CA TYR H 195 15.58 -28.05 9.64
C TYR H 195 15.02 -29.06 8.63
N ILE H 196 14.23 -28.55 7.69
CA ILE H 196 13.56 -29.37 6.67
C ILE H 196 14.05 -28.96 5.28
N CYS H 197 14.45 -29.92 4.47
CA CYS H 197 14.80 -29.62 3.08
C CYS H 197 13.62 -29.97 2.17
N ASN H 198 13.38 -29.11 1.19
CA ASN H 198 12.25 -29.20 0.30
C ASN H 198 12.70 -29.61 -1.08
N VAL H 199 12.56 -30.89 -1.39
CA VAL H 199 12.99 -31.44 -2.67
C VAL H 199 11.84 -31.57 -3.66
N ASN H 200 12.02 -31.07 -4.87
CA ASN H 200 10.99 -31.20 -5.88
C ASN H 200 11.60 -31.61 -7.23
N HIS H 201 11.16 -32.75 -7.74
CA HIS H 201 11.53 -33.21 -9.07
C HIS H 201 10.26 -33.24 -9.93
N LYS H 202 10.04 -32.17 -10.68
CA LYS H 202 8.78 -32.00 -11.42
C LYS H 202 8.50 -33.01 -12.54
N PRO H 203 9.53 -33.47 -13.29
CA PRO H 203 9.29 -34.47 -14.33
C PRO H 203 8.60 -35.75 -13.85
N SER H 204 8.87 -36.15 -12.61
CA SER H 204 8.23 -37.31 -12.02
C SER H 204 7.15 -36.90 -11.02
N ASN H 205 7.03 -35.59 -10.80
CA ASN H 205 6.13 -35.02 -9.79
C ASN H 205 6.45 -35.55 -8.40
N THR H 206 7.72 -35.55 -8.05
CA THR H 206 8.13 -36.04 -6.75
C THR H 206 8.41 -34.83 -5.89
N LYS H 207 7.51 -34.54 -4.98
CA LYS H 207 7.68 -33.45 -4.02
C LYS H 207 7.81 -34.07 -2.63
N VAL H 208 8.93 -33.78 -1.97
CA VAL H 208 9.26 -34.33 -0.66
C VAL H 208 9.82 -33.30 0.32
N ASP H 209 9.32 -33.34 1.55
CA ASP H 209 9.92 -32.59 2.65
C ASP H 209 10.67 -33.54 3.61
N LYS H 210 11.96 -33.32 3.82
CA LYS H 210 12.78 -34.21 4.66
C LYS H 210 13.33 -33.48 5.89
N LYS H 211 12.96 -33.93 7.08
CA LYS H 211 13.49 -33.37 8.31
C LYS H 211 14.83 -34.00 8.61
N VAL H 212 15.82 -33.15 8.85
CA VAL H 212 17.16 -33.60 9.16
C VAL H 212 17.58 -33.21 10.58
N GLU H 213 17.92 -34.21 11.39
CA GLU H 213 18.27 -34.00 12.79
C GLU H 213 19.43 -34.90 13.21
N PRO H 214 20.18 -34.51 14.25
CA PRO H 214 21.25 -35.41 14.68
C PRO H 214 20.72 -36.58 15.52
N ALA I 9 17.46 -10.45 -48.29
CA ALA I 9 18.50 -10.84 -47.38
C ALA I 9 19.71 -9.92 -47.47
N PRO I 10 20.29 -9.57 -46.31
CA PRO I 10 19.88 -9.86 -44.94
C PRO I 10 19.03 -8.77 -44.34
N GLU I 11 18.63 -8.91 -43.08
CA GLU I 11 17.87 -7.89 -42.37
C GLU I 11 18.20 -7.94 -40.89
N LEU I 12 17.81 -6.94 -40.14
CA LEU I 12 18.05 -6.88 -38.71
C LEU I 12 17.48 -8.09 -37.99
N LEU I 13 18.29 -8.78 -37.22
CA LEU I 13 17.80 -9.94 -36.46
C LEU I 13 18.00 -9.82 -34.95
N GLY I 14 18.95 -9.00 -34.54
CA GLY I 14 19.27 -8.73 -33.14
C GLY I 14 18.42 -7.60 -32.56
N VAL J 2 -5.40 45.38 7.14
CA VAL J 2 -5.48 44.14 7.89
C VAL J 2 -6.11 43.08 7.02
N LEU J 3 -5.31 42.10 6.64
CA LEU J 3 -5.79 40.98 5.84
C LEU J 3 -5.81 39.73 6.71
N THR J 4 -6.87 38.94 6.62
CA THR J 4 -7.00 37.76 7.47
C THR J 4 -7.11 36.49 6.67
N GLN J 5 -6.20 35.55 6.90
CA GLN J 5 -6.31 34.25 6.28
C GLN J 5 -6.93 33.22 7.22
N THR J 6 -8.02 32.60 6.79
CA THR J 6 -8.71 31.55 7.55
C THR J 6 -9.15 30.41 6.64
N PRO J 7 -8.91 29.19 7.04
CA PRO J 7 -8.29 28.83 8.31
C PRO J 7 -6.77 28.99 8.26
N SER J 8 -6.10 28.72 9.37
CA SER J 8 -4.64 28.83 9.45
C SER J 8 -3.91 27.66 8.81
N SER J 9 -4.64 26.58 8.59
CA SER J 9 -4.06 25.37 8.05
C SER J 9 -5.06 24.69 7.14
N VAL J 10 -4.57 24.10 6.06
CA VAL J 10 -5.42 23.36 5.13
C VAL J 10 -4.70 22.05 4.70
N SER J 11 -5.45 20.98 4.43
CA SER J 11 -4.85 19.66 4.16
C SER J 11 -5.33 19.07 2.83
N ALA J 12 -4.49 18.22 2.23
CA ALA J 12 -4.86 17.46 1.05
C ALA J 12 -3.91 16.31 0.82
N ALA J 13 -4.41 15.24 0.23
CA ALA J 13 -3.57 14.09 -0.11
C ALA J 13 -2.62 14.49 -1.24
N VAL J 14 -1.59 13.68 -1.47
CA VAL J 14 -0.63 13.95 -2.53
C VAL J 14 -1.39 13.84 -3.83
N GLY J 15 -1.88 14.96 -4.37
CA GLY J 15 -2.64 14.86 -5.61
C GLY J 15 -3.98 15.55 -5.61
N GLY J 16 -4.43 15.97 -4.43
CA GLY J 16 -5.71 16.64 -4.23
C GLY J 16 -5.70 18.12 -4.54
N THR J 17 -6.56 18.86 -3.86
CA THR J 17 -6.68 20.30 -4.03
C THR J 17 -6.99 20.96 -2.69
N VAL J 18 -6.37 22.12 -2.43
CA VAL J 18 -6.65 22.90 -1.24
C VAL J 18 -7.13 24.28 -1.68
N THR J 19 -7.98 24.93 -0.88
CA THR J 19 -8.38 26.32 -1.17
C THR J 19 -8.04 27.18 0.04
N ILE J 20 -7.22 28.19 -0.18
CA ILE J 20 -6.75 29.07 0.88
C ILE J 20 -7.46 30.41 0.77
N ASN J 21 -8.12 30.84 1.83
CA ASN J 21 -8.85 32.10 1.76
C ASN J 21 -8.07 33.31 2.28
N CYS J 22 -8.49 34.49 1.82
CA CYS J 22 -7.91 35.76 2.24
C CYS J 22 -8.97 36.86 2.21
N GLN J 23 -9.35 37.35 3.39
CA GLN J 23 -10.31 38.43 3.50
C GLN J 23 -9.61 39.74 3.94
N ALA J 24 -9.87 40.85 3.24
CA ALA J 24 -9.32 42.14 3.62
C ALA J 24 -10.33 42.87 4.49
N SER J 25 -9.88 43.85 5.25
CA SER J 25 -10.79 44.56 6.11
C SER J 25 -11.70 45.40 5.23
N GLN J 26 -11.08 46.12 4.34
CA GLN J 26 -11.78 46.84 3.30
C GLN J 26 -11.14 46.54 1.95
N SER J 27 -11.73 47.05 0.88
CA SER J 27 -11.34 46.67 -0.46
C SER J 27 -9.94 47.19 -0.76
N VAL J 28 -9.15 46.32 -1.38
CA VAL J 28 -7.80 46.65 -1.81
C VAL J 28 -7.84 47.57 -3.03
N TYR J 29 -6.70 48.14 -3.41
CA TYR J 29 -6.64 49.11 -4.52
C TYR J 29 -7.13 48.55 -5.84
N ASN J 30 -8.02 49.29 -6.50
CA ASN J 30 -8.50 48.93 -7.83
C ASN J 30 -9.22 47.58 -7.87
N LYS J 31 -9.68 47.16 -6.71
CA LYS J 31 -10.39 45.93 -6.46
C LYS J 31 -9.56 44.68 -6.65
N ASN J 32 -8.30 44.81 -7.02
CA ASN J 32 -7.48 43.64 -7.35
C ASN J 32 -5.99 43.73 -6.99
N TYR J 33 -5.63 44.68 -6.13
CA TYR J 33 -4.25 44.76 -5.68
C TYR J 33 -3.98 43.72 -4.61
N LEU J 34 -3.78 42.48 -5.05
CA LEU J 34 -3.62 41.36 -4.14
C LEU J 34 -2.67 40.33 -4.74
N ALA J 35 -1.66 39.95 -3.96
CA ALA J 35 -0.68 38.95 -4.40
C ALA J 35 -0.61 37.78 -3.42
N TRP J 36 -0.11 36.66 -3.90
CA TRP J 36 0.04 35.46 -3.08
C TRP J 36 1.51 35.07 -3.04
N TYR J 37 2.01 34.70 -1.87
CA TYR J 37 3.41 34.32 -1.70
C TYR J 37 3.54 32.90 -1.18
N GLN J 38 4.62 32.22 -1.53
CA GLN J 38 4.94 30.88 -1.03
C GLN J 38 6.26 30.86 -0.27
N GLN J 39 6.22 30.41 0.97
CA GLN J 39 7.46 30.31 1.71
C GLN J 39 7.68 28.94 2.32
N LYS J 40 8.64 28.20 1.77
CA LYS J 40 9.03 26.92 2.32
C LYS J 40 10.09 27.20 3.37
N PRO J 41 10.28 26.29 4.35
CA PRO J 41 11.21 26.57 5.45
C PRO J 41 12.65 26.85 5.01
N GLY J 42 13.20 27.97 5.46
CA GLY J 42 14.56 28.35 5.14
C GLY J 42 14.70 29.26 3.93
N GLN J 43 13.85 29.06 2.92
CA GLN J 43 13.93 29.84 1.69
C GLN J 43 13.26 31.22 1.87
N PRO J 44 13.63 32.18 1.02
CA PRO J 44 12.91 33.45 1.04
C PRO J 44 11.57 33.27 0.32
N PRO J 45 10.61 34.15 0.59
CA PRO J 45 9.28 34.06 -0.02
C PRO J 45 9.30 34.01 -1.56
N LYS J 46 8.44 33.17 -2.13
CA LYS J 46 8.32 33.07 -3.58
C LYS J 46 6.99 33.62 -4.03
N ARG J 47 7.04 34.65 -4.88
CA ARG J 47 5.83 35.26 -5.39
C ARG J 47 5.22 34.34 -6.44
N LEU J 48 3.97 33.96 -6.23
CA LEU J 48 3.25 33.02 -7.10
C LEU J 48 2.24 33.70 -8.04
N ILE J 49 1.44 34.61 -7.47
CA ILE J 49 0.35 35.32 -8.16
C ILE J 49 0.31 36.79 -7.81
N TYR J 50 -0.07 37.63 -8.76
CA TYR J 50 -0.31 39.04 -8.46
C TYR J 50 -1.54 39.44 -9.25
N SER J 51 -2.08 40.62 -8.97
CA SER J 51 -3.32 41.06 -9.59
C SER J 51 -4.44 40.07 -9.38
N ALA J 52 -4.50 39.49 -8.18
CA ALA J 52 -5.58 38.58 -7.80
C ALA J 52 -5.49 37.25 -8.56
N SER J 53 -5.43 37.27 -9.88
CA SER J 53 -5.47 36.03 -10.66
C SER J 53 -4.23 35.76 -11.55
N THR J 54 -3.42 36.79 -11.79
CA THR J 54 -2.29 36.70 -12.70
C THR J 54 -1.14 35.90 -12.12
N LEU J 55 -0.79 34.80 -12.79
CA LEU J 55 0.33 33.97 -12.37
C LEU J 55 1.67 34.69 -12.55
N ALA J 56 2.61 34.47 -11.63
CA ALA J 56 3.93 35.12 -11.74
C ALA J 56 4.75 34.43 -12.80
N SER J 57 5.88 35.00 -13.12
CA SER J 57 6.71 34.43 -14.16
C SER J 57 7.24 33.07 -13.75
N GLY J 58 6.88 32.04 -14.53
CA GLY J 58 7.42 30.70 -14.33
C GLY J 58 6.67 29.79 -13.38
N VAL J 59 5.69 30.32 -12.66
CA VAL J 59 4.92 29.54 -11.70
C VAL J 59 3.90 28.64 -12.42
N SER J 60 3.64 27.45 -11.89
CA SER J 60 2.73 26.51 -12.53
C SER J 60 1.30 27.01 -12.57
N SER J 61 0.50 26.39 -13.44
CA SER J 61 -0.90 26.75 -13.60
C SER J 61 -1.77 26.08 -12.53
N ARG J 62 -1.14 25.24 -11.70
CA ARG J 62 -1.78 24.50 -10.60
C ARG J 62 -2.28 25.44 -9.54
N PHE J 63 -1.60 26.58 -9.44
CA PHE J 63 -1.96 27.67 -8.54
C PHE J 63 -2.96 28.59 -9.21
N LYS J 64 -4.15 28.70 -8.63
CA LYS J 64 -5.19 29.50 -9.24
C LYS J 64 -5.64 30.59 -8.29
N GLY J 65 -5.51 31.85 -8.69
CA GLY J 65 -5.94 32.97 -7.89
C GLY J 65 -7.27 33.53 -8.39
N SER J 66 -8.16 33.86 -7.48
CA SER J 66 -9.44 34.43 -7.84
C SER J 66 -9.99 35.25 -6.71
N GLY J 67 -10.77 36.26 -7.07
CA GLY J 67 -11.31 37.15 -6.07
C GLY J 67 -11.29 38.56 -6.58
N SER J 68 -11.94 39.43 -5.82
CA SER J 68 -12.03 40.85 -6.16
C SER J 68 -12.41 41.65 -4.91
N GLY J 69 -11.84 42.85 -4.77
CA GLY J 69 -12.21 43.74 -3.70
C GLY J 69 -11.70 43.29 -2.35
N THR J 70 -12.55 42.55 -1.64
CA THR J 70 -12.28 42.11 -0.27
C THR J 70 -12.17 40.57 -0.12
N GLN J 71 -12.79 39.75 -0.95
CA GLN J 71 -12.60 38.30 -0.81
C GLN J 71 -11.76 37.72 -1.90
N PHE J 72 -10.83 36.89 -1.49
CA PHE J 72 -9.88 36.28 -2.41
C PHE J 72 -9.65 34.83 -2.04
N THR J 73 -9.11 34.05 -2.96
CA THR J 73 -8.85 32.64 -2.71
C THR J 73 -7.67 32.16 -3.54
N LEU J 74 -6.82 31.34 -2.94
CA LEU J 74 -5.71 30.70 -3.63
C LEU J 74 -6.05 29.21 -3.69
N THR J 75 -6.32 28.72 -4.89
CA THR J 75 -6.56 27.29 -5.07
C THR J 75 -5.29 26.62 -5.60
N ILE J 76 -4.92 25.48 -5.04
CA ILE J 76 -3.75 24.72 -5.48
C ILE J 76 -4.19 23.34 -5.93
N SER J 77 -4.37 23.15 -7.24
CA SER J 77 -4.76 21.85 -7.79
C SER J 77 -3.56 20.93 -7.91
N ASP J 78 -3.81 19.63 -7.85
CA ASP J 78 -2.76 18.61 -7.95
C ASP J 78 -1.64 18.80 -6.92
N VAL J 79 -2.00 18.77 -5.64
CA VAL J 79 -1.04 19.07 -4.58
C VAL J 79 0.08 18.06 -4.59
N GLN J 80 1.31 18.57 -4.56
CA GLN J 80 2.46 17.73 -4.50
C GLN J 80 2.94 17.62 -3.06
N ALA J 81 3.77 16.62 -2.80
CA ALA J 81 4.41 16.44 -1.51
C ALA J 81 5.36 17.60 -1.24
N ASP J 82 5.83 18.24 -2.32
CA ASP J 82 6.74 19.41 -2.31
C ASP J 82 6.04 20.71 -1.95
N ASP J 83 4.71 20.69 -1.94
CA ASP J 83 3.91 21.90 -1.67
C ASP J 83 3.77 22.29 -0.22
N VAL J 84 4.41 21.54 0.66
CA VAL J 84 4.47 21.90 2.07
C VAL J 84 5.11 23.26 2.24
N ALA J 85 4.29 24.23 2.69
CA ALA J 85 4.73 25.60 2.89
C ALA J 85 3.66 26.42 3.62
N THR J 86 3.97 27.68 3.92
CA THR J 86 2.97 28.62 4.42
C THR J 86 2.70 29.65 3.33
N TYR J 87 1.45 29.84 2.97
CA TYR J 87 1.08 30.77 1.92
C TYR J 87 0.52 32.03 2.56
N TYR J 88 0.97 33.16 2.05
CA TYR J 88 0.54 34.45 2.52
C TYR J 88 -0.15 35.21 1.40
N CYS J 89 -1.16 35.99 1.73
CA CYS J 89 -1.70 36.94 0.76
C CYS J 89 -1.06 38.32 1.02
N LEU J 90 -1.00 39.16 0.00
CA LEU J 90 -0.39 40.48 0.14
C LEU J 90 -1.30 41.52 -0.47
N GLY J 91 -1.76 42.48 0.33
CA GLY J 91 -2.71 43.45 -0.15
C GLY J 91 -2.36 44.87 0.19
N SER J 92 -3.00 45.80 -0.50
CA SER J 92 -2.85 47.23 -0.25
C SER J 92 -4.13 47.96 -0.66
N TYR J 93 -4.48 49.01 0.09
CA TYR J 93 -5.66 49.84 -0.20
C TYR J 93 -5.30 51.05 -1.09
N ASP J 94 -4.14 51.65 -0.88
CA ASP J 94 -3.77 52.87 -1.61
C ASP J 94 -2.49 52.73 -2.42
N GLN J 95 -2.09 51.48 -2.62
CA GLN J 95 -0.95 51.07 -3.44
C GLN J 95 0.44 51.38 -2.86
N ALA J 96 0.50 51.98 -1.67
CA ALA J 96 1.76 52.35 -1.02
C ALA J 96 2.02 51.49 0.22
N ALA J 97 1.12 51.61 1.20
CA ALA J 97 1.20 50.83 2.42
C ALA J 97 0.69 49.41 2.20
N HIS J 98 1.54 48.42 2.43
CA HIS J 98 1.19 47.02 2.23
C HIS J 98 1.01 46.28 3.53
N ALA J 99 0.40 45.11 3.43
CA ALA J 99 0.25 44.23 4.59
C ALA J 99 0.04 42.80 4.13
N PHE J 100 0.70 41.90 4.84
CA PHE J 100 0.57 40.48 4.63
C PHE J 100 -0.54 39.93 5.54
N GLY J 101 -1.22 38.87 5.10
CA GLY J 101 -2.16 38.13 5.92
C GLY J 101 -1.39 37.18 6.83
N GLY J 102 -2.09 36.50 7.72
CA GLY J 102 -1.44 35.63 8.71
C GLY J 102 -0.71 34.41 8.20
N GLY J 103 -1.09 33.94 7.03
CA GLY J 103 -0.45 32.79 6.46
C GLY J 103 -1.31 31.57 6.66
N THR J 104 -1.19 30.61 5.75
CA THR J 104 -1.93 29.37 5.83
C THR J 104 -1.03 28.17 5.65
N LYS J 105 -1.08 27.25 6.56
CA LYS J 105 -0.31 26.07 6.48
C LYS J 105 -0.89 25.02 5.53
N VAL J 106 -0.06 24.50 4.66
CA VAL J 106 -0.48 23.41 3.77
C VAL J 106 0.12 22.10 4.26
N VAL J 107 -0.73 21.20 4.76
CA VAL J 107 -0.34 19.90 5.29
C VAL J 107 -0.60 18.84 4.24
N VAL J 108 0.43 18.08 3.86
CA VAL J 108 0.22 17.03 2.88
C VAL J 108 -0.19 15.76 3.60
N GLU J 109 -1.34 15.24 3.22
CA GLU J 109 -1.97 14.08 3.83
C GLU J 109 -1.38 12.79 3.37
N ARG J 110 -1.42 11.79 4.20
CA ARG J 110 -1.04 10.45 3.81
C ARG J 110 -1.57 9.42 4.82
N THR J 111 -1.36 8.14 4.52
CA THR J 111 -1.80 7.08 5.41
C THR J 111 -0.97 7.16 6.71
N VAL J 112 -1.55 6.71 7.81
CA VAL J 112 -0.90 6.77 9.12
C VAL J 112 0.35 5.89 9.15
N ALA J 113 1.41 6.38 9.80
CA ALA J 113 2.66 5.64 9.93
C ALA J 113 3.22 5.73 11.35
N ALA J 114 3.45 4.59 11.99
CA ALA J 114 3.97 4.59 13.35
C ALA J 114 5.46 4.98 13.35
N PRO J 115 5.91 5.73 14.38
CA PRO J 115 7.29 6.18 14.42
C PRO J 115 8.29 5.04 14.69
N SER J 116 9.46 5.12 14.08
CA SER J 116 10.57 4.27 14.46
C SER J 116 11.32 4.94 15.62
N VAL J 117 11.35 4.32 16.79
CA VAL J 117 11.97 4.93 17.95
C VAL J 117 13.38 4.46 18.14
N PHE J 118 14.29 5.40 18.40
CA PHE J 118 15.69 5.09 18.69
C PHE J 118 16.17 5.85 19.91
N ILE J 119 16.89 5.18 20.80
CA ILE J 119 17.42 5.88 21.96
C ILE J 119 18.95 5.96 21.96
N PHE J 120 19.47 7.13 22.36
CA PHE J 120 20.89 7.43 22.30
C PHE J 120 21.45 7.81 23.66
N PRO J 121 22.42 7.05 24.16
CA PRO J 121 23.09 7.44 25.41
C PRO J 121 23.96 8.67 25.24
N PRO J 122 24.27 9.36 26.34
CA PRO J 122 25.17 10.50 26.29
C PRO J 122 26.60 10.04 26.04
N SER J 123 27.34 10.81 25.23
CA SER J 123 28.69 10.42 24.88
C SER J 123 29.60 10.58 26.08
N ASP J 124 30.63 9.74 26.15
CA ASP J 124 31.53 9.77 27.27
C ASP J 124 32.28 11.08 27.21
N GLU J 125 32.36 11.60 26.01
CA GLU J 125 32.99 12.88 25.71
C GLU J 125 32.21 14.03 26.34
N GLN J 126 30.88 13.90 26.39
CA GLN J 126 30.02 14.89 27.02
C GLN J 126 30.12 14.81 28.53
N LEU J 127 30.15 13.57 29.03
CA LEU J 127 30.26 13.29 30.45
C LEU J 127 31.56 13.83 31.04
N LYS J 128 32.54 14.04 30.19
CA LYS J 128 33.79 14.62 30.61
C LYS J 128 33.60 16.07 30.98
N SER J 129 32.77 16.77 30.22
CA SER J 129 32.49 18.18 30.45
C SER J 129 31.57 18.39 31.63
N GLY J 130 30.87 17.33 32.04
CA GLY J 130 29.99 17.36 33.21
C GLY J 130 28.51 17.52 32.93
N THR J 131 28.05 17.02 31.80
CA THR J 131 26.62 17.07 31.47
C THR J 131 26.29 15.80 30.70
N ALA J 132 25.02 15.41 30.75
CA ALA J 132 24.56 14.19 30.11
C ALA J 132 23.27 14.46 29.37
N SER J 133 23.36 14.37 28.06
CA SER J 133 22.21 14.54 27.20
C SER J 133 21.78 13.18 26.66
N VAL J 134 20.57 12.75 27.00
CA VAL J 134 20.02 11.50 26.49
C VAL J 134 18.95 11.80 25.44
N VAL J 135 19.17 11.41 24.19
CA VAL J 135 18.24 11.73 23.12
C VAL J 135 17.33 10.57 22.72
N CYS J 136 16.10 10.88 22.32
CA CYS J 136 15.17 9.87 21.84
C CYS J 136 14.59 10.35 20.53
N LEU J 137 14.82 9.57 19.47
CA LEU J 137 14.38 9.88 18.12
C LEU J 137 13.11 9.14 17.77
N LEU J 138 12.10 9.86 17.28
CA LEU J 138 10.90 9.26 16.70
C LEU J 138 10.94 9.60 15.22
N ASN J 139 11.13 8.61 14.37
CA ASN J 139 11.49 8.87 12.97
C ASN J 139 10.41 8.51 11.94
N ASN J 140 10.09 9.47 11.05
CA ASN J 140 9.19 9.27 9.92
C ASN J 140 7.81 8.76 10.36
N PHE J 141 7.00 9.64 10.93
CA PHE J 141 5.65 9.24 11.34
C PHE J 141 4.63 10.25 10.84
N TYR J 142 3.38 9.83 10.80
CA TYR J 142 2.24 10.68 10.45
C TYR J 142 1.02 10.11 11.17
N PRO J 143 0.16 10.97 11.74
CA PRO J 143 0.23 12.44 11.75
C PRO J 143 1.18 13.03 12.81
N ARG J 144 1.23 14.33 12.86
CA ARG J 144 2.17 15.04 13.71
C ARG J 144 2.07 14.79 15.21
N GLU J 145 0.86 14.68 15.74
CA GLU J 145 0.65 14.57 17.19
C GLU J 145 1.33 13.30 17.71
N ALA J 146 2.22 13.48 18.67
CA ALA J 146 2.96 12.38 19.24
C ALA J 146 3.37 12.76 20.66
N LYS J 147 3.59 11.74 21.48
CA LYS J 147 3.87 11.97 22.89
C LYS J 147 5.08 11.16 23.37
N VAL J 148 5.99 11.85 24.07
CA VAL J 148 7.21 11.24 24.60
C VAL J 148 7.35 11.45 26.10
N GLN J 149 7.56 10.36 26.82
CA GLN J 149 7.75 10.43 28.27
C GLN J 149 9.04 9.74 28.71
N TRP J 150 9.86 10.46 29.44
CA TRP J 150 11.11 9.93 29.93
C TRP J 150 10.89 9.30 31.28
N LYS J 151 11.64 8.25 31.57
CA LYS J 151 11.58 7.55 32.85
C LYS J 151 13.00 7.11 33.22
N VAL J 152 13.48 7.54 34.37
CA VAL J 152 14.77 7.09 34.87
C VAL J 152 14.59 6.26 36.15
N ASP J 153 14.80 4.94 36.01
CA ASP J 153 14.43 3.97 37.05
C ASP J 153 12.96 4.14 37.43
N ASN J 154 12.11 4.12 36.40
CA ASN J 154 10.66 4.25 36.55
C ASN J 154 10.20 5.51 37.29
N ALA J 155 11.03 6.55 37.28
CA ALA J 155 10.68 7.83 37.88
C ALA J 155 10.43 8.83 36.77
N LEU J 156 9.19 9.26 36.62
CA LEU J 156 8.80 10.14 35.56
C LEU J 156 9.57 11.44 35.61
N GLN J 157 10.10 11.81 34.46
CA GLN J 157 10.89 13.01 34.29
C GLN J 157 9.98 14.12 33.82
N SER J 158 10.19 15.31 34.35
CA SER J 158 9.37 16.49 34.05
C SER J 158 10.18 17.79 34.14
N GLY J 159 10.10 18.62 33.09
CA GLY J 159 10.77 19.91 33.12
C GLY J 159 12.19 19.93 32.58
N ASN J 160 12.80 18.75 32.54
CA ASN J 160 14.18 18.65 32.10
C ASN J 160 14.30 17.99 30.72
N SER J 161 13.30 18.20 29.87
CA SER J 161 13.35 17.68 28.49
C SER J 161 12.71 18.63 27.48
N GLN J 162 13.38 18.79 26.35
CA GLN J 162 12.88 19.58 25.24
C GLN J 162 12.74 18.74 23.96
N GLU J 163 11.75 19.03 23.13
CA GLU J 163 11.65 18.33 21.87
C GLU J 163 11.62 19.26 20.67
N SER J 164 11.85 18.67 19.51
CA SER J 164 11.89 19.38 18.24
C SER J 164 11.31 18.53 17.13
N VAL J 165 10.37 19.06 16.36
CA VAL J 165 9.84 18.30 15.24
C VAL J 165 10.21 18.96 13.89
N THR J 166 10.59 18.14 12.91
CA THR J 166 10.90 18.68 11.60
C THR J 166 9.62 19.04 10.89
N GLU J 167 9.76 19.87 9.86
CA GLU J 167 8.63 20.17 8.99
C GLU J 167 8.26 18.94 8.22
N GLN J 168 7.08 18.94 7.63
CA GLN J 168 6.64 17.79 6.91
C GLN J 168 7.55 17.46 5.74
N ASP J 169 8.01 16.21 5.65
CA ASP J 169 9.02 15.83 4.67
C ASP J 169 8.53 16.07 3.26
N SER J 170 9.44 16.53 2.41
CA SER J 170 9.11 17.01 1.09
C SER J 170 8.81 15.89 0.12
N LYS J 171 9.21 14.70 0.51
CA LYS J 171 9.00 13.50 -0.25
C LYS J 171 7.96 12.54 0.33
N ASP J 172 8.17 12.01 1.53
CA ASP J 172 7.28 11.03 2.17
C ASP J 172 6.16 11.58 3.06
N SER J 173 6.16 12.89 3.30
CA SER J 173 5.14 13.60 4.07
C SER J 173 5.00 13.17 5.53
N THR J 174 6.11 12.73 6.08
CA THR J 174 6.15 12.28 7.46
C THR J 174 6.75 13.38 8.30
N TYR J 175 6.68 13.24 9.60
CA TYR J 175 7.37 14.13 10.53
C TYR J 175 8.43 13.35 11.31
N SER J 176 9.35 14.05 11.97
CA SER J 176 10.27 13.37 12.88
C SER J 176 10.49 14.16 14.15
N LEU J 177 10.78 13.47 15.25
CA LEU J 177 10.88 14.16 16.52
C LEU J 177 12.16 13.81 17.29
N SER J 178 12.71 14.80 17.97
CA SER J 178 13.91 14.62 18.77
C SER J 178 13.65 15.15 20.18
N SER J 179 13.72 14.26 21.16
CA SER J 179 13.52 14.63 22.54
C SER J 179 14.86 14.49 23.21
N THR J 180 15.29 15.54 23.90
CA THR J 180 16.57 15.57 24.59
C THR J 180 16.34 15.68 26.11
N LEU J 181 16.72 14.65 26.86
CA LEU J 181 16.67 14.65 28.33
C LEU J 181 18.02 15.10 28.93
N THR J 182 18.07 16.27 29.56
CA THR J 182 19.34 16.81 30.11
C THR J 182 19.47 16.70 31.65
N LEU J 183 20.48 15.95 32.09
CA LEU J 183 20.83 15.81 33.49
C LEU J 183 22.28 16.25 33.72
N SER J 184 22.67 16.41 34.98
CA SER J 184 24.06 16.70 35.30
C SER J 184 24.82 15.39 35.35
N LYS J 185 26.15 15.46 35.38
CA LYS J 185 26.97 14.24 35.53
C LYS J 185 26.65 13.56 36.86
N ALA J 186 26.39 14.36 37.89
CA ALA J 186 26.03 13.82 39.20
C ALA J 186 24.75 12.99 39.14
N ASP J 187 23.66 13.56 38.61
CA ASP J 187 22.37 12.83 38.55
C ASP J 187 22.32 11.69 37.55
N TYR J 188 23.14 11.76 36.49
CA TYR J 188 23.13 10.74 35.47
C TYR J 188 23.71 9.42 35.95
N GLU J 189 24.79 9.51 36.69
CA GLU J 189 25.50 8.32 37.11
C GLU J 189 25.01 7.75 38.44
N LYS J 190 23.90 8.30 38.93
CA LYS J 190 23.24 7.81 40.12
C LYS J 190 22.08 6.89 39.86
N HIS J 191 21.76 6.69 38.60
CA HIS J 191 20.64 5.85 38.15
C HIS J 191 21.12 4.86 37.13
N LYS J 192 20.31 3.87 36.81
CA LYS J 192 20.66 2.84 35.86
C LYS J 192 19.82 2.82 34.60
N VAL J 193 18.54 2.56 34.76
CA VAL J 193 17.63 2.43 33.62
C VAL J 193 17.10 3.77 33.05
N TYR J 194 17.31 4.02 31.77
CA TYR J 194 16.81 5.22 31.10
C TYR J 194 15.89 4.81 29.96
N ALA J 195 14.61 5.10 30.07
CA ALA J 195 13.65 4.69 29.06
C ALA J 195 12.98 5.86 28.39
N CYS J 196 12.43 5.58 27.22
CA CYS J 196 11.71 6.55 26.40
C CYS J 196 10.42 5.90 25.90
N GLU J 197 9.30 6.28 26.50
CA GLU J 197 8.00 5.78 26.06
C GLU J 197 7.36 6.68 25.00
N VAL J 198 6.95 6.07 23.89
CA VAL J 198 6.37 6.80 22.77
C VAL J 198 4.94 6.39 22.55
N THR J 199 4.03 7.37 22.61
CA THR J 199 2.65 7.08 22.24
C THR J 199 2.31 7.73 20.90
N HIS J 200 1.58 7.02 20.06
CA HIS J 200 1.21 7.49 18.73
C HIS J 200 0.02 6.68 18.18
N GLN J 201 -0.73 7.29 17.27
CA GLN J 201 -1.90 6.67 16.64
C GLN J 201 -1.59 5.36 15.96
N GLY J 202 -0.54 5.37 15.12
CA GLY J 202 -0.09 4.21 14.40
C GLY J 202 0.33 3.05 15.30
N LEU J 203 0.64 3.33 16.57
CA LEU J 203 1.04 2.31 17.53
C LEU J 203 -0.14 1.72 18.31
N SER J 204 -0.15 0.41 18.52
CA SER J 204 -1.21 -0.23 19.32
C SER J 204 -0.97 -0.02 20.83
N SER J 205 0.29 -0.09 21.24
CA SER J 205 0.67 0.17 22.62
C SER J 205 1.87 1.10 22.62
N PRO J 206 2.11 1.82 23.73
CA PRO J 206 3.26 2.73 23.85
C PRO J 206 4.58 2.00 23.84
N VAL J 207 5.38 2.18 22.79
CA VAL J 207 6.66 1.50 22.68
C VAL J 207 7.73 2.17 23.53
N THR J 208 8.58 1.33 24.12
CA THR J 208 9.64 1.78 25.01
C THR J 208 10.98 1.32 24.45
N LYS J 209 11.88 2.29 24.29
CA LYS J 209 13.26 2.05 23.97
C LYS J 209 14.07 2.49 25.16
N SER J 210 15.02 1.68 25.63
CA SER J 210 15.74 2.02 26.84
C SER J 210 17.17 1.50 26.86
N PHE J 211 17.95 1.86 27.89
CA PHE J 211 19.30 1.29 28.03
C PHE J 211 19.74 1.27 29.49
N ASN J 212 20.77 0.48 29.78
CA ASN J 212 21.33 0.43 31.12
C ASN J 212 22.70 1.09 31.10
N ARG J 213 22.93 1.98 32.07
CA ARG J 213 24.14 2.75 32.14
C ARG J 213 25.30 1.83 32.50
N GLY J 214 26.36 1.87 31.69
CA GLY J 214 27.52 1.02 31.86
C GLY J 214 27.35 -0.36 31.22
N GLU J 215 26.34 -0.48 30.36
CA GLU J 215 26.08 -1.74 29.66
C GLU J 215 25.87 -1.48 28.18
N SER K 2 19.41 42.03 -8.58
CA SER K 2 19.44 41.35 -7.29
C SER K 2 19.70 42.29 -6.10
N VAL K 3 19.19 41.91 -4.93
CA VAL K 3 19.43 42.67 -3.73
C VAL K 3 20.06 41.78 -2.67
N GLU K 4 20.64 42.42 -1.65
CA GLU K 4 21.22 41.67 -0.55
C GLU K 4 21.21 42.51 0.71
N GLU K 5 20.93 41.86 1.82
CA GLU K 5 20.83 42.57 3.09
C GLU K 5 22.15 42.46 3.79
N SER K 6 22.41 43.42 4.66
CA SER K 6 23.61 43.44 5.46
C SER K 6 23.24 44.01 6.83
N GLY K 7 24.05 43.68 7.82
CA GLY K 7 23.81 44.17 9.16
C GLY K 7 23.21 43.19 10.16
N GLY K 8 22.90 41.97 9.74
CA GLY K 8 22.34 40.99 10.65
C GLY K 8 23.33 40.52 11.70
N ARG K 9 22.93 40.63 12.98
CA ARG K 9 23.84 40.35 14.09
C ARG K 9 23.14 40.21 15.43
N LEU K 10 23.95 39.94 16.44
CA LEU K 10 23.53 39.95 17.83
C LEU K 10 23.56 41.40 18.36
N VAL K 11 22.39 41.95 18.73
CA VAL K 11 22.33 43.30 19.28
C VAL K 11 21.76 43.22 20.68
N THR K 12 22.19 44.10 21.58
CA THR K 12 21.63 44.10 22.92
C THR K 12 20.36 44.92 22.90
N PRO K 13 19.41 44.61 23.78
CA PRO K 13 18.18 45.40 23.75
C PRO K 13 18.39 46.86 24.12
N GLY K 14 17.92 47.77 23.27
CA GLY K 14 18.05 49.19 23.49
C GLY K 14 19.10 49.89 22.63
N THR K 15 20.08 49.13 22.17
CA THR K 15 21.16 49.66 21.33
C THR K 15 20.73 49.79 19.85
N PRO K 16 21.00 50.95 19.23
CA PRO K 16 20.62 51.21 17.82
C PRO K 16 21.24 50.24 16.79
N LEU K 17 20.41 49.69 15.90
CA LEU K 17 20.87 48.78 14.83
C LEU K 17 20.54 49.32 13.44
N THR K 18 21.48 49.19 12.49
CA THR K 18 21.24 49.63 11.13
C THR K 18 21.50 48.53 10.10
N LEU K 19 20.46 48.13 9.35
CA LEU K 19 20.59 47.11 8.31
C LEU K 19 20.70 47.79 6.95
N THR K 20 21.42 47.17 6.03
CA THR K 20 21.65 47.81 4.73
C THR K 20 21.23 46.96 3.54
N CYS K 21 20.63 47.59 2.54
CA CYS K 21 20.23 46.88 1.34
C CYS K 21 21.01 47.35 0.11
N THR K 22 21.93 46.52 -0.34
CA THR K 22 22.71 46.78 -1.54
C THR K 22 22.02 46.13 -2.75
N VAL K 23 22.04 46.82 -3.89
CA VAL K 23 21.41 46.33 -5.10
C VAL K 23 22.45 46.25 -6.21
N SER K 24 22.13 45.48 -7.25
CA SER K 24 22.98 45.29 -8.42
C SER K 24 22.15 45.00 -9.65
N GLY K 25 22.55 45.52 -10.81
CA GLY K 25 21.85 45.23 -12.07
C GLY K 25 20.69 46.14 -12.42
N PHE K 26 20.44 47.13 -11.58
CA PHE K 26 19.35 48.07 -11.82
C PHE K 26 19.59 49.35 -11.03
N SER K 27 18.97 50.43 -11.47
CA SER K 27 19.10 51.68 -10.75
C SER K 27 18.23 51.63 -9.52
N LEU K 28 18.74 52.17 -8.42
CA LEU K 28 18.01 52.21 -7.17
C LEU K 28 16.86 53.23 -7.29
N SER K 29 17.07 54.22 -8.15
CA SER K 29 16.12 55.29 -8.36
C SER K 29 14.95 54.89 -9.26
N SER K 30 15.10 53.82 -10.02
CA SER K 30 14.06 53.38 -10.96
C SER K 30 12.96 52.55 -10.30
N TYR K 31 13.32 51.76 -9.30
CA TYR K 31 12.38 50.87 -8.63
C TYR K 31 12.13 51.22 -7.16
N PRO K 32 10.95 50.88 -6.65
CA PRO K 32 10.69 51.08 -5.22
C PRO K 32 11.26 49.94 -4.38
N MET K 33 11.76 50.26 -3.18
CA MET K 33 12.43 49.28 -2.33
C MET K 33 11.65 49.07 -1.05
N ASN K 34 11.55 47.82 -0.62
CA ASN K 34 10.78 47.46 0.58
C ASN K 34 11.59 46.68 1.62
N TRP K 35 11.16 46.80 2.86
CA TRP K 35 11.70 46.06 3.99
C TRP K 35 10.61 45.18 4.60
N VAL K 36 10.88 43.88 4.71
CA VAL K 36 9.99 42.91 5.33
C VAL K 36 10.75 42.12 6.42
N ARG K 37 10.08 41.71 7.49
CA ARG K 37 10.77 40.87 8.46
C ARG K 37 9.97 39.63 8.84
N GLN K 38 10.62 38.71 9.52
CA GLN K 38 9.95 37.49 9.94
C GLN K 38 10.59 36.86 11.16
N ALA K 39 9.90 36.99 12.28
CA ALA K 39 10.35 36.38 13.54
C ALA K 39 10.30 34.87 13.40
N PRO K 40 11.18 34.16 14.13
CA PRO K 40 11.30 32.70 14.00
C PRO K 40 9.99 31.96 14.21
N GLY K 41 9.55 31.21 13.21
CA GLY K 41 8.31 30.45 13.29
C GLY K 41 7.09 31.33 13.32
N LYS K 42 7.21 32.54 12.84
CA LYS K 42 6.12 33.48 12.79
C LYS K 42 5.88 33.88 11.36
N GLY K 43 4.98 34.83 11.13
CA GLY K 43 4.65 35.29 9.79
C GLY K 43 5.39 36.51 9.26
N LEU K 44 5.24 36.75 7.96
CA LEU K 44 5.89 37.87 7.28
C LEU K 44 5.18 39.19 7.62
N GLU K 45 5.98 40.24 7.80
CA GLU K 45 5.47 41.57 8.15
C GLU K 45 6.13 42.64 7.32
N TRP K 46 5.35 43.43 6.59
CA TRP K 46 5.90 44.56 5.86
C TRP K 46 6.19 45.68 6.85
N ILE K 47 7.45 46.08 6.91
CA ILE K 47 7.90 47.15 7.80
C ILE K 47 7.70 48.52 7.18
N GLY K 48 8.29 48.73 6.01
CA GLY K 48 8.16 49.98 5.29
C GLY K 48 8.79 49.85 3.92
N GLY K 49 8.92 50.96 3.21
CA GLY K 49 9.49 50.95 1.89
C GLY K 49 9.66 52.35 1.35
N ILE K 50 10.52 52.51 0.34
CA ILE K 50 10.78 53.79 -0.30
C ILE K 50 10.35 53.76 -1.77
N GLY K 51 9.73 54.85 -2.24
CA GLY K 51 9.34 54.98 -3.63
C GLY K 51 10.42 55.47 -4.58
N THR K 52 10.05 55.79 -5.82
CA THR K 52 10.98 56.28 -6.83
C THR K 52 11.38 57.76 -6.62
N SER K 53 10.45 58.57 -6.12
CA SER K 53 10.73 59.97 -5.84
C SER K 53 11.61 60.12 -4.62
N GLY K 54 11.29 59.34 -3.59
CA GLY K 54 12.06 59.39 -2.36
C GLY K 54 11.21 59.26 -1.10
N ASN K 55 9.90 59.45 -1.24
CA ASN K 55 8.99 59.40 -0.10
C ASN K 55 8.99 58.01 0.54
N ILE K 56 8.69 57.95 1.84
CA ILE K 56 8.85 56.72 2.60
C ILE K 56 7.58 56.38 3.38
N TRP K 57 7.19 55.11 3.40
CA TRP K 57 5.99 54.67 4.11
C TRP K 57 6.35 53.62 5.15
N TYR K 58 5.55 53.51 6.20
CA TYR K 58 5.77 52.54 7.26
C TYR K 58 4.47 51.87 7.60
N ALA K 59 4.55 50.69 8.20
CA ALA K 59 3.36 50.03 8.71
C ALA K 59 2.88 50.83 9.92
N SER K 60 1.64 50.61 10.33
CA SER K 60 1.07 51.32 11.47
C SER K 60 1.88 51.11 12.76
N TRP K 61 2.26 49.87 13.04
CA TRP K 61 3.04 49.53 14.24
C TRP K 61 4.48 50.02 14.15
N ALA K 62 4.97 50.17 12.93
CA ALA K 62 6.36 50.51 12.69
C ALA K 62 6.62 52.01 12.63
N LYS K 63 5.62 52.78 12.96
CA LYS K 63 5.79 54.21 12.93
C LYS K 63 6.60 54.66 14.13
N GLY K 64 7.79 55.18 13.86
CA GLY K 64 8.66 55.63 14.92
C GLY K 64 9.76 54.68 15.28
N ARG K 65 9.46 53.38 15.33
CA ARG K 65 10.41 52.32 15.71
C ARG K 65 11.46 52.05 14.62
N PHE K 66 11.10 52.36 13.38
CA PHE K 66 11.95 52.09 12.23
C PHE K 66 12.15 53.37 11.44
N ILE K 67 13.36 53.55 10.91
CA ILE K 67 13.66 54.67 10.04
C ILE K 67 14.31 54.17 8.76
N ILE K 68 13.69 54.44 7.62
CA ILE K 68 14.19 54.01 6.32
C ILE K 68 14.63 55.21 5.48
N SER K 69 15.66 55.02 4.66
CA SER K 69 16.12 56.07 3.76
C SER K 69 17.10 55.51 2.76
N ARG K 70 17.54 56.31 1.80
CA ARG K 70 18.68 55.93 0.99
C ARG K 70 19.96 56.47 1.56
N ALA K 71 20.94 55.60 1.80
CA ALA K 71 22.25 56.00 2.33
C ALA K 71 23.25 56.30 1.22
N SER K 72 23.12 55.58 0.13
CA SER K 72 24.01 55.71 -0.99
C SER K 72 23.30 55.69 -2.31
N SER K 73 24.06 55.52 -3.35
CA SER K 73 23.52 55.55 -4.65
C SER K 73 23.06 54.17 -4.92
N THR K 74 23.62 53.28 -4.12
CA THR K 74 23.33 51.87 -4.26
C THR K 74 22.84 51.20 -2.99
N THR K 75 22.50 51.97 -1.98
CA THR K 75 22.03 51.37 -0.73
C THR K 75 20.78 52.01 -0.15
N VAL K 76 20.06 51.19 0.61
CA VAL K 76 18.89 51.59 1.37
C VAL K 76 18.97 50.98 2.77
N ASP K 77 18.90 51.82 3.80
CA ASP K 77 19.04 51.33 5.17
C ASP K 77 17.73 51.14 5.93
N LEU K 78 17.82 50.51 7.08
CA LEU K 78 16.71 50.31 8.02
C LEU K 78 17.28 50.37 9.43
N LYS K 79 17.09 51.52 10.09
CA LYS K 79 17.62 51.75 11.44
C LYS K 79 16.54 51.44 12.48
N VAL K 80 16.84 50.52 13.40
CA VAL K 80 16.00 50.24 14.55
C VAL K 80 16.52 51.01 15.77
N THR K 81 15.75 51.98 16.22
CA THR K 81 16.22 52.96 17.19
C THR K 81 16.37 52.38 18.60
N SER K 82 15.38 51.62 19.03
CA SER K 82 15.43 50.97 20.34
C SER K 82 14.87 49.54 20.29
N PRO K 83 15.71 48.59 19.84
CA PRO K 83 15.33 47.19 19.64
C PRO K 83 14.95 46.45 20.91
N THR K 84 13.98 45.53 20.82
CA THR K 84 13.60 44.71 21.96
C THR K 84 13.68 43.29 21.46
N THR K 85 13.45 42.33 22.36
CA THR K 85 13.54 40.93 22.00
C THR K 85 12.54 40.47 20.94
N GLU K 86 11.51 41.28 20.74
CA GLU K 86 10.47 41.04 19.76
C GLU K 86 10.90 41.40 18.37
N ASP K 87 11.97 42.13 18.26
CA ASP K 87 12.53 42.53 16.97
C ASP K 87 13.44 41.47 16.38
N THR K 88 13.70 40.42 17.16
CA THR K 88 14.49 39.30 16.69
C THR K 88 13.76 38.63 15.54
N ALA K 89 14.37 38.71 14.37
CA ALA K 89 13.73 38.28 13.14
C ALA K 89 14.74 38.27 11.99
N THR K 90 14.37 37.57 10.92
CA THR K 90 15.12 37.66 9.69
C THR K 90 14.57 38.84 8.89
N TYR K 91 15.44 39.78 8.56
CA TYR K 91 15.05 40.94 7.81
C TYR K 91 15.34 40.76 6.32
N PHE K 92 14.33 41.01 5.50
CA PHE K 92 14.43 40.94 4.05
C PHE K 92 14.38 42.33 3.42
N CYS K 93 15.10 42.50 2.33
CA CYS K 93 14.97 43.65 1.49
C CYS K 93 14.53 43.13 0.13
N ALA K 94 13.78 43.91 -0.63
CA ALA K 94 13.26 43.44 -1.90
C ALA K 94 13.03 44.59 -2.88
N ARG K 95 13.36 44.38 -4.14
CA ARG K 95 12.95 45.32 -5.17
C ARG K 95 11.46 45.12 -5.43
N GLY K 96 10.66 46.15 -5.17
CA GLY K 96 9.22 46.02 -5.32
C GLY K 96 8.68 45.07 -4.27
N LEU K 97 7.55 44.42 -4.57
CA LEU K 97 6.92 43.47 -3.66
C LEU K 97 5.78 42.75 -4.38
N TYR K 98 5.28 43.38 -5.45
CA TYR K 98 4.01 43.00 -6.04
C TYR K 98 4.13 42.70 -7.50
N ASN K 99 4.64 43.64 -8.27
CA ASN K 99 4.74 43.46 -9.72
C ASN K 99 5.79 42.44 -10.11
N ASP K 100 5.84 42.12 -11.41
CA ASP K 100 6.73 41.07 -11.94
C ASP K 100 8.22 41.40 -11.80
N TYR K 101 8.54 42.67 -11.60
CA TYR K 101 9.93 43.09 -11.43
C TYR K 101 10.47 42.82 -10.02
N THR K 102 9.68 42.12 -9.20
CA THR K 102 10.04 41.82 -7.81
C THR K 102 11.17 40.82 -7.63
N VAL K 103 12.18 41.23 -6.86
CA VAL K 103 13.28 40.36 -6.47
C VAL K 103 13.62 40.60 -5.01
N TRP K 104 13.65 39.53 -4.21
CA TRP K 104 13.98 39.59 -2.79
C TRP K 104 15.46 39.29 -2.53
N GLY K 105 15.94 39.67 -1.36
CA GLY K 105 17.29 39.28 -0.95
C GLY K 105 17.20 38.00 -0.15
N PRO K 106 18.36 37.42 0.18
CA PRO K 106 18.39 36.15 0.91
C PRO K 106 17.90 36.28 2.36
N GLY K 107 18.02 37.49 2.92
CA GLY K 107 17.60 37.77 4.28
C GLY K 107 18.78 37.81 5.22
N THR K 108 18.71 38.68 6.22
CA THR K 108 19.77 38.79 7.20
C THR K 108 19.17 38.61 8.61
N LEU K 109 19.80 37.79 9.45
CA LEU K 109 19.26 37.43 10.76
C LEU K 109 19.68 38.37 11.89
N VAL K 110 18.69 39.01 12.51
CA VAL K 110 18.92 39.88 13.67
C VAL K 110 18.51 39.19 14.98
N THR K 111 19.43 39.18 15.94
CA THR K 111 19.16 38.59 17.24
C THR K 111 19.31 39.70 18.26
N VAL K 112 18.21 39.99 18.95
CA VAL K 112 18.23 40.98 20.01
C VAL K 112 18.33 40.20 21.30
N SER K 113 19.49 40.25 21.92
CA SER K 113 19.77 39.56 23.16
C SER K 113 21.02 40.17 23.80
N SER K 114 21.09 40.10 25.12
CA SER K 114 22.26 40.62 25.84
C SER K 114 23.33 39.54 26.03
N ALA K 115 23.02 38.33 25.53
CA ALA K 115 23.91 37.17 25.60
C ALA K 115 25.08 37.28 24.62
N SER K 116 26.14 36.54 24.89
CA SER K 116 27.33 36.57 24.07
C SER K 116 27.36 35.45 23.02
N THR K 117 28.09 35.67 21.93
CA THR K 117 28.27 34.65 20.89
C THR K 117 29.12 33.50 21.43
N LYS K 118 28.71 32.27 21.13
CA LYS K 118 29.33 31.11 21.70
C LYS K 118 29.34 29.96 20.71
N GLY K 119 30.44 29.21 20.67
CA GLY K 119 30.58 28.10 19.75
C GLY K 119 30.00 26.81 20.28
N PRO K 120 29.49 25.96 19.37
CA PRO K 120 28.85 24.71 19.79
C PRO K 120 29.85 23.63 20.15
N SER K 121 29.38 22.65 20.90
CA SER K 121 30.13 21.43 21.13
C SER K 121 29.41 20.36 20.35
N VAL K 122 30.16 19.58 19.57
CA VAL K 122 29.58 18.50 18.78
C VAL K 122 29.86 17.17 19.45
N PHE K 123 28.80 16.41 19.73
CA PHE K 123 28.95 15.08 20.32
C PHE K 123 28.29 14.10 19.38
N PRO K 124 28.72 12.84 19.43
CA PRO K 124 28.09 11.81 18.60
C PRO K 124 26.86 11.16 19.22
N LEU K 125 25.88 10.87 18.37
CA LEU K 125 24.75 10.04 18.75
C LEU K 125 24.98 8.65 18.13
N ALA K 126 25.75 7.83 18.83
CA ALA K 126 26.24 6.55 18.30
C ALA K 126 25.14 5.49 18.15
N PRO K 127 25.16 4.75 17.02
CA PRO K 127 24.17 3.70 16.79
C PRO K 127 24.57 2.40 17.48
N SER K 128 23.87 1.33 17.16
CA SER K 128 24.20 0.01 17.66
C SER K 128 23.66 -1.03 16.72
N SER K 129 24.30 -2.19 16.73
CA SER K 129 23.93 -3.28 15.89
C SER K 129 22.61 -3.89 16.35
N LYS K 130 22.36 -3.79 17.65
CA LYS K 130 21.20 -4.40 18.29
C LYS K 130 20.07 -3.43 18.68
N SER K 131 20.10 -2.20 18.16
CA SER K 131 18.98 -1.27 18.37
C SER K 131 18.45 -0.57 17.12
N THR K 132 18.26 -1.38 16.09
CA THR K 132 17.94 -0.99 14.74
C THR K 132 16.53 -1.42 14.34
N SER K 133 15.68 -0.50 13.92
CA SER K 133 14.32 -0.87 13.57
C SER K 133 14.14 -1.58 12.21
N GLY K 134 14.44 -2.87 12.16
CA GLY K 134 14.26 -3.61 10.93
C GLY K 134 15.33 -3.42 9.87
N GLY K 135 16.59 -3.72 10.23
CA GLY K 135 17.70 -3.63 9.29
C GLY K 135 17.96 -2.20 8.83
N THR K 136 17.84 -1.28 9.77
CA THR K 136 18.02 0.15 9.54
C THR K 136 18.59 0.82 10.78
N ALA K 137 19.85 1.17 10.75
CA ALA K 137 20.49 1.87 11.86
C ALA K 137 20.32 3.39 11.78
N ALA K 138 20.21 4.03 12.93
CA ALA K 138 20.11 5.47 13.01
C ALA K 138 21.31 6.02 13.78
N LEU K 139 21.91 7.08 13.25
CA LEU K 139 23.05 7.71 13.90
C LEU K 139 22.94 9.23 13.78
N GLY K 140 23.76 9.97 14.52
CA GLY K 140 23.69 11.41 14.46
C GLY K 140 24.72 12.19 15.24
N CYS K 141 24.55 13.51 15.25
CA CYS K 141 25.35 14.42 16.03
C CYS K 141 24.48 15.31 16.89
N LEU K 142 24.95 15.62 18.09
CA LEU K 142 24.26 16.54 18.98
C LEU K 142 25.09 17.84 19.02
N VAL K 143 24.59 18.88 18.37
CA VAL K 143 25.22 20.19 18.38
C VAL K 143 24.65 21.00 19.56
N LYS K 144 25.44 21.16 20.63
CA LYS K 144 24.95 21.71 21.90
C LYS K 144 25.63 23.02 22.32
N ASP K 145 24.83 23.89 22.94
CA ASP K 145 25.24 25.15 23.58
C ASP K 145 25.98 26.15 22.70
N TYR K 146 25.23 26.76 21.79
CA TYR K 146 25.74 27.78 20.89
C TYR K 146 24.81 28.98 20.84
N PHE K 147 25.35 30.11 20.42
CA PHE K 147 24.58 31.33 20.30
C PHE K 147 25.35 32.28 19.37
N PRO K 148 24.66 32.96 18.44
CA PRO K 148 23.26 32.80 18.14
C PRO K 148 23.08 31.76 17.04
N GLU K 149 21.91 31.78 16.42
CA GLU K 149 21.63 30.99 15.24
C GLU K 149 22.40 31.63 14.10
N PRO K 150 22.67 30.87 13.01
CA PRO K 150 22.34 29.47 12.83
C PRO K 150 23.56 28.58 12.81
N VAL K 151 23.31 27.27 12.71
CA VAL K 151 24.35 26.30 12.45
C VAL K 151 23.86 25.48 11.28
N THR K 152 24.79 25.06 10.43
CA THR K 152 24.47 24.20 9.31
C THR K 152 25.06 22.83 9.55
N VAL K 153 24.32 21.79 9.18
CA VAL K 153 24.79 20.41 9.32
C VAL K 153 24.54 19.58 8.07
N SER K 154 25.62 19.11 7.47
CA SER K 154 25.51 18.16 6.35
C SER K 154 26.15 16.84 6.75
N TRP K 155 25.99 15.82 5.91
CA TRP K 155 26.60 14.54 6.15
C TRP K 155 27.42 14.16 4.94
N ASN K 156 28.66 13.70 5.17
CA ASN K 156 29.64 13.32 4.14
C ASN K 156 29.85 14.37 3.08
N SER K 157 29.97 15.61 3.54
CA SER K 157 30.19 16.77 2.68
C SER K 157 29.10 16.87 1.61
N GLY K 158 27.86 16.63 2.02
CA GLY K 158 26.68 16.78 1.18
C GLY K 158 26.37 15.59 0.32
N ALA K 159 27.18 14.54 0.42
CA ALA K 159 27.00 13.35 -0.40
C ALA K 159 26.00 12.40 0.22
N LEU K 160 25.65 12.64 1.48
CA LEU K 160 24.60 11.86 2.14
C LEU K 160 23.41 12.79 2.49
N THR K 161 22.30 12.58 1.79
CA THR K 161 21.11 13.40 1.99
C THR K 161 19.85 12.58 2.29
N SER K 162 19.75 11.37 1.74
CA SER K 162 18.54 10.56 1.91
C SER K 162 18.40 10.04 3.34
N GLY K 163 17.26 10.31 3.96
CA GLY K 163 17.05 9.88 5.34
C GLY K 163 17.68 10.77 6.38
N VAL K 164 18.25 11.90 5.97
CA VAL K 164 18.82 12.85 6.90
C VAL K 164 17.77 13.83 7.45
N HIS K 165 17.76 14.01 8.78
CA HIS K 165 16.83 14.92 9.43
C HIS K 165 17.57 15.86 10.37
N THR K 166 17.69 17.13 9.99
CA THR K 166 18.24 18.16 10.88
C THR K 166 17.09 18.86 11.62
N PHE K 167 17.04 18.67 12.93
CA PHE K 167 15.97 19.21 13.73
C PHE K 167 16.13 20.70 14.00
N PRO K 168 15.00 21.41 14.07
CA PRO K 168 15.05 22.80 14.49
C PRO K 168 15.68 22.93 15.86
N ALA K 169 16.40 24.02 16.10
CA ALA K 169 17.08 24.21 17.36
C ALA K 169 16.10 24.57 18.44
N VAL K 170 16.42 24.19 19.67
CA VAL K 170 15.61 24.56 20.82
C VAL K 170 16.41 25.55 21.66
N LEU K 171 15.74 26.60 22.13
CA LEU K 171 16.36 27.58 23.02
C LEU K 171 16.29 27.07 24.46
N GLN K 172 17.45 26.76 25.01
CA GLN K 172 17.54 26.24 26.36
C GLN K 172 17.32 27.32 27.39
N SER K 173 17.14 26.91 28.65
CA SER K 173 16.94 27.85 29.74
C SER K 173 18.20 28.69 29.96
N SER K 174 19.32 28.18 29.46
CA SER K 174 20.60 28.86 29.55
C SER K 174 20.75 30.03 28.58
N GLY K 175 19.86 30.14 27.59
CA GLY K 175 19.93 31.20 26.60
C GLY K 175 20.75 30.72 25.42
N LEU K 176 21.28 29.50 25.54
CA LEU K 176 22.05 28.88 24.46
C LEU K 176 21.14 27.94 23.65
N TYR K 177 21.44 27.78 22.37
CA TYR K 177 20.70 26.84 21.51
C TYR K 177 21.32 25.44 21.51
N SER K 178 20.56 24.48 21.02
CA SER K 178 20.97 23.09 20.97
C SER K 178 20.15 22.37 19.91
N LEU K 179 20.81 21.70 18.98
CA LEU K 179 20.07 20.92 18.01
C LEU K 179 20.75 19.57 17.73
N SER K 180 19.99 18.70 17.05
CA SER K 180 20.43 17.38 16.61
C SER K 180 20.23 17.21 15.10
N SER K 181 21.05 16.36 14.51
CA SER K 181 20.93 15.96 13.12
C SER K 181 21.03 14.45 13.08
N VAL K 182 20.05 13.77 12.50
CA VAL K 182 20.14 12.31 12.45
C VAL K 182 20.08 11.80 11.01
N VAL K 183 20.52 10.57 10.81
CA VAL K 183 20.50 9.94 9.50
C VAL K 183 20.25 8.44 9.71
N THR K 184 19.31 7.88 8.95
CA THR K 184 19.06 6.44 8.94
C THR K 184 19.82 5.83 7.76
N VAL K 185 20.69 4.86 8.06
CA VAL K 185 21.57 4.24 7.07
C VAL K 185 21.54 2.71 7.19
N PRO K 186 22.02 1.97 6.15
CA PRO K 186 22.03 0.50 6.25
C PRO K 186 22.86 -0.01 7.42
N SER K 187 22.31 -1.00 8.11
CA SER K 187 22.93 -1.61 9.30
C SER K 187 24.15 -2.47 8.97
N SER K 188 24.18 -2.99 7.75
CA SER K 188 25.24 -3.86 7.29
C SER K 188 26.47 -3.07 6.87
N SER K 189 26.28 -1.75 6.75
CA SER K 189 27.35 -0.85 6.33
C SER K 189 27.92 -0.08 7.50
N LEU K 190 27.52 -0.43 8.71
CA LEU K 190 28.02 0.29 9.88
C LEU K 190 29.52 0.06 10.06
N GLY K 191 30.02 -1.06 9.54
CA GLY K 191 31.43 -1.39 9.64
C GLY K 191 32.25 -1.05 8.42
N THR K 192 31.58 -0.89 7.27
CA THR K 192 32.28 -0.67 5.99
C THR K 192 32.22 0.77 5.45
N GLN K 193 31.21 1.53 5.85
CA GLN K 193 31.06 2.89 5.39
C GLN K 193 31.28 3.91 6.47
N THR K 194 31.85 5.04 6.13
CA THR K 194 32.12 6.07 7.14
C THR K 194 31.02 7.14 7.11
N TYR K 195 30.65 7.66 8.28
CA TYR K 195 29.63 8.69 8.38
C TYR K 195 30.13 9.87 9.23
N ILE K 196 30.26 11.01 8.60
CA ILE K 196 30.75 12.23 9.25
C ILE K 196 29.74 13.35 9.20
N CYS K 197 29.45 14.02 10.31
CA CYS K 197 28.56 15.18 10.24
C CYS K 197 29.37 16.46 10.24
N ASN K 198 29.00 17.40 9.37
CA ASN K 198 29.78 18.61 9.15
C ASN K 198 29.08 19.77 9.79
N VAL K 199 29.54 20.18 10.97
CA VAL K 199 28.93 21.27 11.69
C VAL K 199 29.63 22.59 11.41
N ASN K 200 28.87 23.61 11.06
CA ASN K 200 29.44 24.93 10.83
C ASN K 200 28.59 25.98 11.52
N HIS K 201 29.19 26.67 12.47
CA HIS K 201 28.57 27.79 13.14
C HIS K 201 29.38 29.07 12.83
N LYS K 202 28.94 29.80 11.82
CA LYS K 202 29.69 30.95 11.32
C LYS K 202 29.80 32.10 12.33
N PRO K 203 28.76 32.35 13.17
CA PRO K 203 28.95 33.40 14.18
C PRO K 203 30.21 33.24 15.05
N SER K 204 30.61 32.01 15.32
CA SER K 204 31.79 31.75 16.12
C SER K 204 33.03 31.26 15.35
N ASN K 205 32.89 31.06 14.04
CA ASN K 205 33.96 30.49 13.22
C ASN K 205 34.31 29.08 13.74
N THR K 206 33.27 28.28 13.98
CA THR K 206 33.41 26.89 14.43
C THR K 206 33.03 25.92 13.31
N LYS K 207 34.03 25.29 12.71
CA LYS K 207 33.81 24.24 11.71
C LYS K 207 34.31 22.92 12.27
N VAL K 208 33.43 21.93 12.37
CA VAL K 208 33.79 20.66 12.97
C VAL K 208 33.26 19.54 12.11
N ASP K 209 34.11 18.56 11.86
CA ASP K 209 33.69 17.31 11.26
C ASP K 209 33.75 16.21 12.32
N LYS K 210 32.61 15.57 12.60
CA LYS K 210 32.56 14.55 13.64
C LYS K 210 32.18 13.19 13.07
N LYS K 211 33.06 12.22 13.25
CA LYS K 211 32.74 10.86 12.80
C LYS K 211 31.87 10.20 13.84
N VAL K 212 30.78 9.58 13.37
CA VAL K 212 29.87 8.87 14.26
C VAL K 212 29.95 7.40 13.93
N GLU K 213 30.31 6.57 14.93
CA GLU K 213 30.51 5.13 14.74
C GLU K 213 29.96 4.36 15.95
N PRO K 214 29.56 3.08 15.75
CA PRO K 214 28.97 2.32 16.86
C PRO K 214 29.98 1.79 17.84
N ALA L 9 2.22 61.96 -2.91
CA ALA L 9 1.80 60.93 -1.97
C ALA L 9 0.29 60.66 -2.07
N PRO L 10 -0.12 59.38 -2.09
CA PRO L 10 0.76 58.20 -2.07
C PRO L 10 1.23 57.73 -3.45
N GLU L 11 2.07 56.70 -3.49
CA GLU L 11 2.58 56.15 -4.75
C GLU L 11 2.89 54.65 -4.71
N LEU L 12 3.15 54.04 -5.88
CA LEU L 12 3.38 52.59 -5.99
C LEU L 12 4.71 52.16 -5.38
N LEU L 13 4.65 51.18 -4.49
CA LEU L 13 5.79 50.74 -3.72
C LEU L 13 6.11 49.29 -4.05
N GLY L 14 5.11 48.57 -4.51
CA GLY L 14 5.27 47.17 -4.89
C GLY L 14 5.77 47.00 -6.31
#